data_8JKH
#
_entry.id   8JKH
#
_cell.length_a   1.00
_cell.length_b   1.00
_cell.length_c   1.00
_cell.angle_alpha   90.00
_cell.angle_beta   90.00
_cell.angle_gamma   90.00
#
_symmetry.space_group_name_H-M   'P 1'
#
loop_
_entity.id
_entity.type
_entity.pdbx_description
1 polymer NS1
2 polymer 'the heavy chain of antibody 4B8'
3 polymer 'the light chain of antibody 4B8'
#
loop_
_entity_poly.entity_id
_entity_poly.type
_entity_poly.pdbx_seq_one_letter_code
_entity_poly.pdbx_strand_id
1 'polypeptide(L)'
;HHHHHHGCSVDFSKKETRCGTGVFVYNDVEAWRDRYKYHPDSPRRLAAAVKQAWEDGICGISSVSRMENIMWRSVEGELN
AILEENGVQLTVVVGSVKNPMWRGPQRLPVPVNELPHGWKAWGKSYFVRAAKTNNSFVVDGDTLKECPLKHRAWNSFLVE
DHGFGVFHTSVWLKVREDYSLECDPAVIGTAVKGKEAVHSDLGYWIESEKNDTWRLKRAHLIEMKTCEWPKSHTLWTDGI
EESDLIIPKSLAGPLSHHNTREGYRTQMKGPWHSEELEIRFEECPGTKVHVEETCGTRGPSLRSTTASGRVIEEWCCREC
TMPPLSFRAKDGCWYGMEIRPRKEPESNLVRSMVTAGS
;
A,a,B,b
2 'polypeptide(L)'
;EVQLVESGGGLIQPGGSLRLSCAASGFTISSKYMSWVRQAPGKGLEWVSIIYSSGSTYYADSVKGRFTISRDISKNTLYL
QMNSLRAEDTAVYYCASLGSGSAFGYWGQGTLVTVSS
;
h,H,m,M
3 'polypeptide(L)'
;DIVMTQSPSSVSASVGDRVTITCRASQGISTWLAWYQQKPGKAPRLLIYAASSLQSGVPSRFSGSGSGTDFTLTISSLQP
EDFATYYCQQANSFPFTFGPGTKVEIK
;
l,L,n,N
#
# COMPACT_ATOMS: atom_id res chain seq x y z
N HIS A 5 -7.88 15.44 2.67
CA HIS A 5 -7.31 14.40 3.49
C HIS A 5 -5.94 14.82 4.03
N HIS A 6 -5.34 13.94 4.82
CA HIS A 6 -4.02 14.13 5.40
C HIS A 6 -3.15 12.94 5.00
N GLY A 7 -1.91 13.21 4.62
CA GLY A 7 -1.06 12.12 4.19
C GLY A 7 0.41 12.45 4.29
N CYS A 8 1.23 11.41 4.12
CA CYS A 8 2.68 11.52 4.16
C CYS A 8 3.27 10.80 2.95
N SER A 9 4.36 11.34 2.44
CA SER A 9 5.09 10.77 1.31
C SER A 9 6.50 10.43 1.74
N VAL A 10 7.14 9.48 1.04
CA VAL A 10 8.46 8.95 1.49
C VAL A 10 9.54 8.94 0.41
N ASP A 11 10.79 9.23 0.79
CA ASP A 11 11.99 9.19 -0.11
C ASP A 11 12.88 8.04 0.34
N PHE A 12 13.25 7.12 -0.56
CA PHE A 12 13.98 5.93 -0.06
C PHE A 12 15.49 6.14 -0.19
N SER A 13 15.95 6.88 -1.19
CA SER A 13 17.38 7.25 -1.25
C SER A 13 17.80 7.76 0.13
N LYS A 14 17.24 8.89 0.60
CA LYS A 14 17.52 9.41 1.96
C LYS A 14 16.32 9.11 2.84
N LYS A 15 16.39 8.10 3.71
CA LYS A 15 15.18 7.67 4.48
C LYS A 15 14.60 8.76 5.38
N GLU A 16 13.50 9.40 4.96
CA GLU A 16 12.76 10.39 5.81
C GLU A 16 11.34 10.54 5.22
N THR A 17 10.71 11.72 5.32
CA THR A 17 9.30 11.82 4.90
C THR A 17 8.83 13.26 4.62
N ARG A 18 7.63 13.44 4.04
CA ARG A 18 7.00 14.77 3.89
C ARG A 18 5.50 14.58 4.15
N CYS A 19 4.89 15.35 5.05
CA CYS A 19 3.49 15.23 5.42
C CYS A 19 2.76 16.54 5.20
N GLY A 20 1.45 16.45 5.01
CA GLY A 20 0.64 17.62 4.80
C GLY A 20 -0.78 17.23 4.46
N THR A 21 -1.55 18.22 4.00
CA THR A 21 -2.92 18.03 3.56
C THR A 21 -3.05 18.46 2.11
N GLY A 22 -3.92 17.79 1.38
CA GLY A 22 -4.14 18.14 -0.01
C GLY A 22 -5.00 17.16 -0.79
N VAL A 23 -4.67 16.97 -2.06
CA VAL A 23 -5.38 16.04 -2.93
C VAL A 23 -4.40 14.97 -3.37
N PHE A 24 -4.80 13.71 -3.23
CA PHE A 24 -3.93 12.57 -3.52
C PHE A 24 -4.63 11.67 -4.53
N VAL A 25 -3.96 11.40 -5.65
CA VAL A 25 -4.50 10.59 -6.73
C VAL A 25 -3.67 9.31 -6.80
N TYR A 26 -4.30 8.18 -6.51
CA TYR A 26 -3.61 6.90 -6.41
C TYR A 26 -3.79 6.07 -7.67
N ASN A 27 -2.81 5.21 -7.92
CA ASN A 27 -2.87 4.24 -9.01
C ASN A 27 -3.68 3.04 -8.53
N ASP A 28 -4.99 3.09 -8.79
CA ASP A 28 -5.92 2.06 -8.35
C ASP A 28 -6.23 1.05 -9.44
N VAL A 29 -5.56 1.13 -10.58
CA VAL A 29 -5.75 0.19 -11.69
C VAL A 29 -5.18 -1.15 -11.26
N GLU A 30 -5.54 -2.22 -11.97
CA GLU A 30 -5.11 -3.60 -11.70
C GLU A 30 -5.19 -3.95 -10.21
N ALA A 31 -6.37 -3.72 -9.64
CA ALA A 31 -6.71 -4.16 -8.30
C ALA A 31 -8.11 -4.76 -8.33
N TRP A 32 -8.32 -5.83 -7.55
CA TRP A 32 -9.55 -6.58 -7.63
C TRP A 32 -10.71 -5.79 -7.03
N ARG A 33 -11.71 -5.50 -7.86
CA ARG A 33 -12.86 -4.69 -7.45
C ARG A 33 -13.94 -5.49 -6.74
N ASP A 34 -13.79 -6.81 -6.63
CA ASP A 34 -14.85 -7.67 -6.12
C ASP A 34 -14.83 -7.83 -4.61
N ARG A 35 -13.95 -7.12 -3.90
CA ARG A 35 -13.85 -7.19 -2.45
C ARG A 35 -14.53 -6.00 -1.78
N TYR A 36 -15.65 -5.55 -2.30
CA TYR A 36 -16.42 -4.48 -1.69
C TYR A 36 -17.86 -4.93 -1.55
N LYS A 37 -18.61 -4.21 -0.72
CA LYS A 37 -20.04 -4.43 -0.57
C LYS A 37 -20.78 -3.41 -1.42
N TYR A 38 -21.57 -3.88 -2.36
CA TYR A 38 -22.28 -3.02 -3.30
C TYR A 38 -23.72 -2.85 -2.86
N HIS A 39 -24.18 -1.61 -2.83
CA HIS A 39 -25.54 -1.28 -2.42
C HIS A 39 -26.19 -0.45 -3.52
N PRO A 40 -26.65 -1.09 -4.60
CA PRO A 40 -27.56 -0.39 -5.51
C PRO A 40 -28.78 0.10 -4.75
N ASP A 41 -29.51 1.05 -5.33
CA ASP A 41 -30.45 1.89 -4.59
C ASP A 41 -31.24 1.12 -3.53
N SER A 42 -31.97 0.08 -3.91
CA SER A 42 -32.70 -0.72 -2.92
C SER A 42 -33.21 -2.01 -3.56
N PRO A 43 -33.29 -3.11 -2.81
CA PRO A 43 -33.77 -4.36 -3.41
C PRO A 43 -35.19 -4.25 -3.93
N ARG A 44 -36.11 -3.69 -3.15
CA ARG A 44 -37.48 -3.50 -3.60
C ARG A 44 -37.53 -2.48 -4.72
N ARG A 45 -36.80 -1.37 -4.58
CA ARG A 45 -36.76 -0.33 -5.59
C ARG A 45 -36.18 -0.86 -6.90
N LEU A 46 -35.03 -1.54 -6.82
CA LEU A 46 -34.40 -2.07 -8.03
C LEU A 46 -35.22 -3.18 -8.66
N ALA A 47 -35.89 -4.00 -7.86
CA ALA A 47 -36.78 -5.01 -8.42
C ALA A 47 -37.93 -4.37 -9.19
N ALA A 48 -38.53 -3.31 -8.64
CA ALA A 48 -39.57 -2.60 -9.36
C ALA A 48 -39.02 -1.96 -10.64
N ALA A 49 -37.81 -1.42 -10.58
CA ALA A 49 -37.21 -0.82 -11.77
C ALA A 49 -36.98 -1.85 -12.86
N VAL A 50 -36.48 -3.03 -12.51
CA VAL A 50 -36.25 -4.08 -13.49
C VAL A 50 -37.57 -4.57 -14.06
N LYS A 51 -38.59 -4.70 -13.20
CA LYS A 51 -39.91 -5.12 -13.69
C LYS A 51 -40.46 -4.12 -14.69
N GLN A 52 -40.40 -2.83 -14.37
CA GLN A 52 -40.91 -1.81 -15.29
C GLN A 52 -40.11 -1.77 -16.57
N ALA A 53 -38.79 -1.96 -16.49
CA ALA A 53 -37.97 -1.99 -17.69
C ALA A 53 -38.35 -3.16 -18.58
N TRP A 54 -38.61 -4.33 -17.99
CA TRP A 54 -39.04 -5.48 -18.79
C TRP A 54 -40.41 -5.23 -19.42
N GLU A 55 -41.32 -4.58 -18.69
CA GLU A 55 -42.63 -4.30 -19.26
C GLU A 55 -42.55 -3.27 -20.39
N ASP A 56 -41.59 -2.34 -20.32
CA ASP A 56 -41.48 -1.30 -21.34
C ASP A 56 -40.91 -1.83 -22.65
N GLY A 57 -39.98 -2.78 -22.60
CA GLY A 57 -39.38 -3.33 -23.78
C GLY A 57 -37.88 -3.48 -23.74
N ILE A 58 -37.22 -3.07 -22.65
CA ILE A 58 -35.79 -3.27 -22.49
C ILE A 58 -35.53 -4.74 -22.19
N CYS A 59 -34.63 -5.35 -22.94
CA CYS A 59 -34.31 -6.76 -22.79
C CYS A 59 -33.22 -7.04 -21.77
N GLY A 60 -32.21 -6.20 -21.68
CA GLY A 60 -31.09 -6.46 -20.80
C GLY A 60 -30.22 -5.23 -20.62
N ILE A 61 -29.01 -5.48 -20.11
CA ILE A 61 -28.10 -4.42 -19.71
C ILE A 61 -26.80 -4.58 -20.46
N SER A 62 -26.26 -3.46 -20.94
CA SER A 62 -24.90 -3.37 -21.45
C SER A 62 -24.06 -2.61 -20.43
N SER A 63 -22.99 -3.23 -19.94
CA SER A 63 -22.24 -2.67 -18.83
C SER A 63 -21.27 -1.60 -19.32
N VAL A 64 -21.21 -0.50 -18.57
N VAL A 64 -21.21 -0.48 -18.59
CA VAL A 64 -20.27 0.57 -18.90
CA VAL A 64 -20.25 0.56 -18.95
C VAL A 64 -18.84 0.12 -18.67
C VAL A 64 -18.83 0.09 -18.68
N SER A 65 -18.58 -0.54 -17.54
CA SER A 65 -17.24 -0.94 -17.15
C SER A 65 -17.33 -2.29 -16.44
N ARG A 66 -16.21 -2.71 -15.85
CA ARG A 66 -16.17 -3.98 -15.13
C ARG A 66 -16.82 -3.86 -13.75
N MET A 67 -16.80 -2.66 -13.16
CA MET A 67 -17.35 -2.50 -11.82
C MET A 67 -18.84 -2.77 -11.80
N GLU A 68 -19.57 -2.35 -12.83
CA GLU A 68 -21.00 -2.68 -12.88
C GLU A 68 -21.24 -4.16 -13.09
N ASN A 69 -20.39 -4.82 -13.87
CA ASN A 69 -20.53 -6.27 -14.03
C ASN A 69 -20.37 -6.97 -12.69
N ILE A 70 -19.36 -6.56 -11.91
CA ILE A 70 -19.17 -7.15 -10.59
C ILE A 70 -20.34 -6.83 -9.67
N MET A 71 -20.86 -5.61 -9.76
CA MET A 71 -22.03 -5.23 -8.97
C MET A 71 -23.23 -6.14 -9.26
N TRP A 72 -23.53 -6.33 -10.54
CA TRP A 72 -24.66 -7.18 -10.93
C TRP A 72 -24.43 -8.62 -10.48
N ARG A 73 -23.18 -9.09 -10.58
CA ARG A 73 -22.86 -10.44 -10.10
C ARG A 73 -23.13 -10.55 -8.60
N SER A 74 -22.75 -9.54 -7.82
CA SER A 74 -22.97 -9.58 -6.39
C SER A 74 -24.46 -9.52 -6.03
N VAL A 75 -25.27 -8.89 -6.88
CA VAL A 75 -26.65 -8.60 -6.53
C VAL A 75 -27.67 -9.60 -7.07
N GLU A 76 -27.32 -10.34 -8.14
CA GLU A 76 -28.32 -11.11 -8.89
C GLU A 76 -29.10 -12.09 -8.01
N GLY A 77 -28.44 -12.74 -7.05
CA GLY A 77 -29.12 -13.73 -6.24
C GLY A 77 -30.26 -13.17 -5.42
N GLU A 78 -29.96 -12.14 -4.62
CA GLU A 78 -31.01 -11.49 -3.86
C GLU A 78 -32.05 -10.84 -4.76
N LEU A 79 -31.64 -10.32 -5.92
CA LEU A 79 -32.60 -9.72 -6.82
C LEU A 79 -33.63 -10.74 -7.31
N ASN A 80 -33.14 -11.93 -7.69
CA ASN A 80 -34.05 -12.99 -8.11
C ASN A 80 -34.92 -13.46 -6.96
N ALA A 81 -34.36 -13.54 -5.75
CA ALA A 81 -35.17 -13.91 -4.58
C ALA A 81 -36.30 -12.92 -4.35
N ILE A 82 -36.01 -11.63 -4.41
CA ILE A 82 -37.03 -10.60 -4.20
C ILE A 82 -38.09 -10.67 -5.30
N LEU A 83 -37.66 -10.89 -6.55
CA LEU A 83 -38.61 -11.01 -7.64
C LEU A 83 -39.52 -12.21 -7.44
N GLU A 84 -38.97 -13.34 -6.99
CA GLU A 84 -39.78 -14.53 -6.76
C GLU A 84 -40.74 -14.34 -5.61
N GLU A 85 -40.33 -13.61 -4.57
CA GLU A 85 -41.19 -13.37 -3.43
C GLU A 85 -42.40 -12.52 -3.78
N ASN A 86 -42.41 -11.92 -4.96
CA ASN A 86 -43.51 -11.09 -5.44
C ASN A 86 -44.31 -11.74 -6.55
N GLY A 87 -43.97 -12.95 -6.94
CA GLY A 87 -44.67 -13.60 -8.04
C GLY A 87 -44.49 -12.94 -9.39
N VAL A 88 -43.26 -12.56 -9.72
CA VAL A 88 -42.91 -12.02 -11.02
C VAL A 88 -42.08 -13.07 -11.76
N GLN A 89 -42.50 -13.37 -13.00
CA GLN A 89 -41.82 -14.41 -13.79
C GLN A 89 -40.68 -13.76 -14.57
N LEU A 90 -39.56 -13.56 -13.88
CA LEU A 90 -38.42 -12.89 -14.48
C LEU A 90 -37.17 -13.28 -13.71
N THR A 91 -36.11 -13.61 -14.44
CA THR A 91 -34.83 -13.98 -13.84
C THR A 91 -33.72 -13.16 -14.48
N VAL A 92 -32.73 -12.80 -13.67
CA VAL A 92 -31.61 -11.96 -14.09
C VAL A 92 -30.38 -12.85 -14.28
N VAL A 93 -29.84 -12.86 -15.48
CA VAL A 93 -28.71 -13.71 -15.86
C VAL A 93 -27.53 -12.81 -16.22
N VAL A 94 -26.38 -13.04 -15.59
CA VAL A 94 -25.21 -12.19 -15.75
C VAL A 94 -24.14 -12.95 -16.53
N GLY A 95 -23.62 -12.32 -17.57
CA GLY A 95 -22.61 -12.93 -18.41
C GLY A 95 -21.20 -12.40 -18.19
N SER A 96 -20.40 -12.38 -19.26
CA SER A 96 -19.01 -11.91 -19.20
C SER A 96 -18.84 -10.67 -20.06
N VAL A 97 -17.68 -10.04 -19.89
CA VAL A 97 -17.35 -8.77 -20.54
C VAL A 97 -16.33 -9.03 -21.64
N LYS A 98 -16.61 -8.49 -22.83
CA LYS A 98 -15.64 -8.47 -23.92
C LYS A 98 -15.54 -7.05 -24.44
N ASN A 99 -14.35 -6.67 -24.90
CA ASN A 99 -14.04 -5.32 -25.34
C ASN A 99 -14.19 -5.17 -26.84
N PRO A 100 -14.53 -3.97 -27.35
CA PRO A 100 -14.91 -2.79 -26.57
C PRO A 100 -16.33 -2.89 -26.04
N MET A 101 -16.63 -2.11 -25.00
CA MET A 101 -17.94 -2.16 -24.36
C MET A 101 -18.83 -1.11 -25.00
N TRP A 102 -19.61 -1.52 -26.00
CA TRP A 102 -20.40 -0.60 -26.81
C TRP A 102 -21.60 -0.08 -26.04
N ARG A 103 -22.25 0.94 -26.61
CA ARG A 103 -23.31 1.69 -25.95
C ARG A 103 -24.69 1.21 -26.39
N GLY A 104 -25.65 1.37 -25.49
CA GLY A 104 -27.03 1.09 -25.77
C GLY A 104 -27.87 2.34 -25.71
N PRO A 105 -28.99 2.36 -26.43
CA PRO A 105 -29.82 3.57 -26.48
C PRO A 105 -30.79 3.71 -25.31
N GLN A 106 -31.09 2.64 -24.60
CA GLN A 106 -32.12 2.65 -23.58
C GLN A 106 -31.54 3.05 -22.22
N ARG A 107 -32.44 3.41 -21.31
CA ARG A 107 -32.07 3.75 -19.95
C ARG A 107 -33.04 3.06 -19.00
N LEU A 108 -32.58 2.84 -17.78
CA LEU A 108 -33.36 2.08 -16.81
C LEU A 108 -34.26 3.03 -16.02
N PRO A 109 -35.57 2.78 -15.98
CA PRO A 109 -36.49 3.75 -15.39
C PRO A 109 -36.36 3.82 -13.87
N VAL A 110 -36.96 4.88 -13.32
CA VAL A 110 -37.03 5.08 -11.89
C VAL A 110 -38.47 4.89 -11.45
N PRO A 111 -38.80 3.78 -10.80
CA PRO A 111 -40.19 3.49 -10.47
C PRO A 111 -40.74 4.45 -9.43
N VAL A 112 -42.02 4.75 -9.56
CA VAL A 112 -42.69 5.59 -8.57
C VAL A 112 -42.86 4.85 -7.26
N ASN A 113 -43.31 3.59 -7.33
CA ASN A 113 -43.57 2.77 -6.15
C ASN A 113 -42.80 1.47 -6.25
N GLU A 114 -42.10 1.12 -5.18
CA GLU A 114 -41.36 -0.14 -5.13
C GLU A 114 -42.30 -1.29 -4.83
N LEU A 115 -41.78 -2.52 -4.95
CA LEU A 115 -42.57 -3.71 -4.69
C LEU A 115 -42.82 -3.86 -3.19
N PRO A 116 -44.05 -4.27 -2.78
CA PRO A 116 -44.40 -4.32 -1.37
C PRO A 116 -44.11 -5.64 -0.65
N HIS A 117 -42.93 -6.21 -0.91
CA HIS A 117 -42.52 -7.44 -0.23
C HIS A 117 -41.01 -7.59 -0.34
N GLY A 118 -40.41 -8.19 0.69
CA GLY A 118 -38.99 -8.44 0.75
C GLY A 118 -38.34 -7.62 1.84
N TRP A 119 -37.03 -7.81 1.98
CA TRP A 119 -36.26 -7.16 3.02
C TRP A 119 -35.78 -5.79 2.54
N LYS A 120 -35.23 -5.01 3.46
CA LYS A 120 -34.91 -3.60 3.23
C LYS A 120 -33.41 -3.34 3.24
N ALA A 121 -32.61 -4.34 2.88
CA ALA A 121 -31.16 -4.17 2.83
C ALA A 121 -30.57 -5.21 1.90
N TRP A 122 -29.29 -5.05 1.64
CA TRP A 122 -28.57 -6.00 0.78
C TRP A 122 -27.66 -6.72 1.75
N GLY A 123 -27.40 -8.00 1.52
CA GLY A 123 -26.61 -8.71 2.54
C GLY A 123 -27.49 -9.43 3.53
N LYS A 124 -28.76 -9.64 3.20
CA LYS A 124 -29.62 -10.46 4.07
C LYS A 124 -29.07 -11.87 3.95
N SER A 125 -28.50 -12.39 5.02
CA SER A 125 -27.83 -13.71 4.94
C SER A 125 -28.89 -14.80 5.01
N TYR A 126 -28.74 -15.82 4.17
CA TYR A 126 -29.75 -16.90 4.08
C TYR A 126 -31.01 -16.45 3.34
N PHE A 127 -31.20 -16.98 2.15
CA PHE A 127 -32.46 -16.76 1.40
C PHE A 127 -32.51 -18.01 0.54
N VAL A 128 -33.68 -18.38 0.04
CA VAL A 128 -33.76 -19.66 -0.70
C VAL A 128 -33.32 -19.43 -2.15
N ARG A 129 -32.22 -20.07 -2.62
CA ARG A 129 -31.94 -19.88 -4.06
C ARG A 129 -33.24 -20.07 -4.82
N ALA A 130 -33.49 -19.15 -5.74
CA ALA A 130 -34.76 -19.03 -6.44
C ALA A 130 -34.85 -20.06 -7.58
N ALA A 131 -35.98 -20.05 -8.26
CA ALA A 131 -36.25 -21.00 -9.34
C ALA A 131 -36.10 -20.32 -10.70
N LYS A 132 -35.61 -21.07 -11.68
CA LYS A 132 -35.44 -20.54 -13.02
C LYS A 132 -36.78 -20.23 -13.66
N THR A 133 -36.77 -19.31 -14.61
CA THR A 133 -37.97 -18.83 -15.28
C THR A 133 -37.73 -18.75 -16.78
N ASN A 134 -38.81 -18.81 -17.55
CA ASN A 134 -38.71 -18.74 -19.00
C ASN A 134 -38.42 -17.35 -19.53
N ASN A 135 -38.55 -16.31 -18.71
CA ASN A 135 -38.26 -14.94 -19.11
C ASN A 135 -36.97 -14.47 -18.47
N SER A 136 -36.03 -13.99 -19.28
CA SER A 136 -34.67 -13.72 -18.84
C SER A 136 -34.28 -12.28 -19.12
N PHE A 137 -33.73 -11.61 -18.10
CA PHE A 137 -33.17 -10.27 -18.20
C PHE A 137 -31.65 -10.41 -18.20
N VAL A 138 -31.03 -10.25 -19.36
CA VAL A 138 -29.63 -10.62 -19.55
C VAL A 138 -28.73 -9.42 -19.35
N VAL A 139 -27.87 -9.49 -18.34
CA VAL A 139 -26.75 -8.57 -18.22
C VAL A 139 -25.64 -9.06 -19.15
N ASP A 140 -24.81 -8.13 -19.61
CA ASP A 140 -24.05 -8.33 -20.84
C ASP A 140 -23.20 -9.60 -20.80
N GLY A 141 -23.30 -10.37 -21.86
CA GLY A 141 -22.51 -11.58 -22.00
C GLY A 141 -22.37 -11.94 -23.46
N ASP A 142 -22.33 -13.25 -23.72
CA ASP A 142 -22.28 -13.76 -25.09
C ASP A 142 -23.70 -14.06 -25.58
N THR A 143 -24.56 -13.05 -25.47
CA THR A 143 -25.99 -13.24 -25.71
C THR A 143 -26.55 -12.18 -26.66
N LEU A 144 -25.76 -11.70 -27.61
CA LEU A 144 -26.29 -10.72 -28.55
C LEU A 144 -27.04 -11.40 -29.68
N LYS A 145 -27.88 -12.35 -29.34
CA LYS A 145 -28.70 -13.07 -30.31
C LYS A 145 -30.15 -13.17 -29.88
N GLU A 146 -30.40 -13.36 -28.58
CA GLU A 146 -31.76 -13.34 -28.06
C GLU A 146 -32.31 -11.92 -28.00
N CYS A 147 -31.46 -10.93 -27.76
CA CYS A 147 -31.91 -9.55 -27.85
C CYS A 147 -30.76 -8.65 -28.30
N PRO A 148 -30.98 -7.77 -29.26
CA PRO A 148 -29.88 -6.99 -29.83
C PRO A 148 -29.41 -5.90 -28.88
N LEU A 149 -28.39 -5.17 -29.32
CA LEU A 149 -27.85 -4.09 -28.50
C LEU A 149 -28.80 -2.90 -28.44
N LYS A 150 -29.67 -2.73 -29.45
CA LYS A 150 -30.53 -1.57 -29.49
C LYS A 150 -31.66 -1.63 -28.47
N HIS A 151 -31.87 -2.77 -27.82
CA HIS A 151 -32.87 -2.90 -26.77
C HIS A 151 -32.24 -3.00 -25.38
N ARG A 152 -30.95 -2.74 -25.26
CA ARG A 152 -30.24 -2.84 -24.00
C ARG A 152 -30.05 -1.47 -23.39
N ALA A 153 -30.10 -1.41 -22.07
CA ALA A 153 -29.86 -0.17 -21.33
C ALA A 153 -28.39 -0.02 -21.02
N TRP A 154 -27.94 1.23 -20.93
CA TRP A 154 -26.52 1.52 -20.78
C TRP A 154 -26.36 2.81 -19.99
N ASN A 155 -25.41 2.82 -19.06
CA ASN A 155 -25.02 4.02 -18.32
C ASN A 155 -26.20 4.59 -17.54
N SER A 156 -26.75 3.77 -16.65
CA SER A 156 -27.97 4.12 -15.93
C SER A 156 -27.78 4.19 -14.42
N PHE A 157 -26.55 4.19 -13.93
CA PHE A 157 -26.28 4.20 -12.50
C PHE A 157 -25.36 5.37 -12.16
N LEU A 158 -25.55 5.92 -10.96
CA LEU A 158 -24.73 6.99 -10.44
C LEU A 158 -24.16 6.58 -9.08
N VAL A 159 -22.86 6.72 -8.91
CA VAL A 159 -22.22 6.42 -7.64
C VAL A 159 -22.44 7.59 -6.68
N GLU A 160 -22.97 7.29 -5.49
CA GLU A 160 -23.24 8.29 -4.47
C GLU A 160 -22.15 8.39 -3.41
N ASP A 161 -21.58 7.26 -3.00
CA ASP A 161 -20.45 7.26 -2.09
C ASP A 161 -19.70 5.95 -2.27
N HIS A 162 -18.40 5.97 -1.99
CA HIS A 162 -17.55 4.81 -2.23
C HIS A 162 -16.33 4.91 -1.32
N GLY A 163 -15.64 3.79 -1.20
CA GLY A 163 -14.45 3.71 -0.38
C GLY A 163 -13.32 2.94 -1.04
N PHE A 164 -13.23 3.06 -2.36
CA PHE A 164 -12.22 2.32 -3.12
C PHE A 164 -10.82 2.61 -2.59
N GLY A 165 -10.06 1.55 -2.32
CA GLY A 165 -8.80 1.66 -1.63
C GLY A 165 -8.79 0.89 -0.33
N VAL A 166 -9.96 0.78 0.30
CA VAL A 166 -10.15 -0.01 1.51
C VAL A 166 -11.04 -1.19 1.16
N PHE A 167 -10.53 -2.40 1.37
CA PHE A 167 -11.10 -3.60 0.76
C PHE A 167 -12.30 -4.18 1.51
N HIS A 168 -12.98 -3.43 2.37
CA HIS A 168 -14.25 -3.93 2.90
C HIS A 168 -15.27 -2.83 3.08
N THR A 169 -15.12 -1.73 2.34
CA THR A 169 -16.05 -0.62 2.46
C THR A 169 -17.27 -0.86 1.58
N SER A 170 -18.24 0.05 1.68
CA SER A 170 -19.51 -0.07 0.99
C SER A 170 -19.60 0.95 -0.13
N VAL A 171 -20.23 0.55 -1.23
CA VAL A 171 -20.41 1.40 -2.41
C VAL A 171 -21.91 1.60 -2.59
N TRP A 172 -22.33 2.87 -2.65
CA TRP A 172 -23.73 3.22 -2.75
C TRP A 172 -24.02 3.77 -4.15
N LEU A 173 -24.99 3.18 -4.82
CA LEU A 173 -25.34 3.55 -6.19
C LEU A 173 -26.82 3.91 -6.25
N LYS A 174 -27.23 4.44 -7.40
CA LYS A 174 -28.58 4.97 -7.55
C LYS A 174 -28.90 5.06 -9.04
N VAL A 175 -30.16 4.77 -9.37
CA VAL A 175 -30.64 4.81 -10.74
C VAL A 175 -31.04 6.25 -11.07
N ARG A 176 -30.39 6.82 -12.07
CA ARG A 176 -30.54 8.23 -12.40
C ARG A 176 -31.80 8.46 -13.23
N GLU A 177 -32.15 9.75 -13.35
CA GLU A 177 -33.38 10.17 -14.01
C GLU A 177 -33.14 10.74 -15.40
N ASP A 178 -31.88 11.01 -15.75
CA ASP A 178 -31.55 11.77 -16.94
C ASP A 178 -30.79 10.90 -17.93
N TYR A 179 -30.83 11.34 -19.19
CA TYR A 179 -30.02 10.73 -20.24
C TYR A 179 -28.68 11.44 -20.32
N SER A 180 -27.60 10.67 -20.21
CA SER A 180 -26.25 11.23 -20.18
C SER A 180 -25.34 10.42 -21.09
N LEU A 181 -24.24 11.04 -21.48
CA LEU A 181 -23.24 10.40 -22.33
C LEU A 181 -21.85 10.34 -21.70
N GLU A 182 -21.64 10.97 -20.55
CA GLU A 182 -20.32 11.09 -19.94
C GLU A 182 -20.09 9.99 -18.90
N CYS A 183 -18.81 9.72 -18.65
CA CYS A 183 -18.44 8.76 -17.62
C CYS A 183 -18.72 9.34 -16.24
N ASP A 184 -18.91 8.47 -15.27
CA ASP A 184 -19.23 8.90 -13.91
C ASP A 184 -18.01 9.58 -13.30
N PRO A 185 -18.10 10.84 -12.89
CA PRO A 185 -16.94 11.57 -12.39
C PRO A 185 -16.64 11.39 -10.90
N ALA A 186 -17.25 10.42 -10.23
CA ALA A 186 -16.96 10.17 -8.83
C ALA A 186 -15.67 9.40 -8.62
N VAL A 187 -15.13 8.79 -9.67
CA VAL A 187 -13.97 7.92 -9.56
C VAL A 187 -12.81 8.39 -10.44
N ILE A 188 -12.85 9.63 -10.90
CA ILE A 188 -11.84 10.17 -11.82
C ILE A 188 -10.86 11.02 -11.03
N GLY A 189 -9.57 10.83 -11.28
CA GLY A 189 -8.55 11.65 -10.68
C GLY A 189 -7.51 12.12 -11.68
N THR A 190 -7.37 13.43 -11.83
CA THR A 190 -6.43 14.05 -12.75
C THR A 190 -5.50 14.97 -11.98
N ALA A 191 -4.21 14.93 -12.29
CA ALA A 191 -3.24 15.75 -11.56
C ALA A 191 -2.04 16.06 -12.44
N VAL A 192 -1.52 17.27 -12.29
CA VAL A 192 -0.28 17.69 -12.94
C VAL A 192 0.63 18.28 -11.86
N LYS A 193 1.92 18.03 -11.99
CA LYS A 193 2.89 18.52 -11.01
C LYS A 193 4.24 18.67 -11.72
N GLY A 194 4.57 19.89 -12.11
CA GLY A 194 5.82 20.15 -12.78
C GLY A 194 5.81 19.75 -14.25
N LYS A 195 6.49 18.65 -14.59
CA LYS A 195 6.61 18.21 -15.97
C LYS A 195 5.93 16.87 -16.22
N GLU A 196 5.06 16.43 -15.31
CA GLU A 196 4.35 15.17 -15.44
C GLU A 196 2.89 15.35 -15.10
N ALA A 197 2.01 14.69 -15.86
CA ALA A 197 0.58 14.74 -15.63
C ALA A 197 0.00 13.34 -15.71
N VAL A 198 -1.17 13.17 -15.10
CA VAL A 198 -1.90 11.90 -15.13
C VAL A 198 -3.38 12.18 -15.33
N HIS A 199 -4.01 11.42 -16.21
CA HIS A 199 -5.46 11.31 -16.30
C HIS A 199 -5.81 9.87 -15.93
N SER A 200 -6.63 9.69 -14.88
CA SER A 200 -6.88 8.36 -14.38
C SER A 200 -8.33 8.19 -13.95
N ASP A 201 -8.77 6.93 -13.94
CA ASP A 201 -10.00 6.50 -13.30
C ASP A 201 -9.79 5.07 -12.81
N LEU A 202 -10.86 4.35 -12.54
CA LEU A 202 -10.72 2.99 -12.02
C LEU A 202 -10.15 2.02 -13.04
N GLY A 203 -10.06 2.38 -14.31
CA GLY A 203 -9.57 1.46 -15.32
C GLY A 203 -8.51 2.01 -16.25
N TYR A 204 -8.30 3.31 -16.22
CA TYR A 204 -7.33 3.98 -17.09
C TYR A 204 -6.22 4.59 -16.26
N TRP A 205 -5.01 4.63 -16.82
CA TRP A 205 -3.90 5.36 -16.21
C TRP A 205 -3.03 5.89 -17.34
N ILE A 206 -3.20 7.18 -17.66
CA ILE A 206 -2.58 7.80 -18.82
C ILE A 206 -1.59 8.84 -18.34
N GLU A 207 -0.35 8.75 -18.82
CA GLU A 207 0.75 9.59 -18.36
C GLU A 207 1.22 10.53 -19.47
N SER A 208 1.72 11.70 -19.06
CA SER A 208 2.18 12.72 -19.98
C SER A 208 3.50 13.29 -19.51
N GLU A 209 4.18 14.00 -20.39
CA GLU A 209 5.48 14.56 -20.06
C GLU A 209 5.71 15.83 -20.87
N LYS A 210 6.67 16.62 -20.43
CA LYS A 210 7.05 17.87 -21.09
C LYS A 210 8.46 17.70 -21.67
N ASN A 211 8.52 17.27 -22.92
CA ASN A 211 9.70 17.41 -23.76
C ASN A 211 9.62 18.82 -24.36
N ASP A 212 10.27 19.05 -25.49
CA ASP A 212 10.08 20.30 -26.23
C ASP A 212 8.61 20.74 -26.25
N THR A 213 7.68 19.79 -26.35
CA THR A 213 6.26 20.05 -26.20
C THR A 213 5.64 19.00 -25.29
N TRP A 214 4.47 19.31 -24.75
CA TRP A 214 3.70 18.33 -23.98
C TRP A 214 3.23 17.22 -24.90
N ARG A 215 3.30 15.99 -24.41
CA ARG A 215 2.98 14.84 -25.26
C ARG A 215 2.59 13.65 -24.39
N LEU A 216 2.09 12.61 -25.04
CA LEU A 216 1.80 11.36 -24.36
C LEU A 216 3.09 10.63 -24.03
N LYS A 217 3.10 9.94 -22.88
CA LYS A 217 4.25 9.18 -22.44
C LYS A 217 3.99 7.68 -22.45
N ARG A 218 2.94 7.23 -21.76
CA ARG A 218 2.53 5.84 -21.79
C ARG A 218 1.13 5.74 -21.20
N ALA A 219 0.40 4.73 -21.62
CA ALA A 219 -0.95 4.49 -21.11
C ALA A 219 -1.09 3.01 -20.76
N HIS A 220 -1.90 2.75 -19.74
CA HIS A 220 -2.19 1.39 -19.30
C HIS A 220 -3.70 1.27 -19.11
N LEU A 221 -4.34 0.51 -19.98
CA LEU A 221 -5.79 0.34 -19.96
C LEU A 221 -6.13 -1.12 -19.71
N ILE A 222 -6.99 -1.37 -18.72
CA ILE A 222 -7.49 -2.72 -18.45
C ILE A 222 -8.89 -2.93 -18.97
N GLU A 223 -9.45 -1.95 -19.69
CA GLU A 223 -10.77 -2.05 -20.29
C GLU A 223 -10.85 -1.01 -21.39
N MET A 224 -11.84 -1.17 -22.27
CA MET A 224 -12.09 -0.23 -23.36
C MET A 224 -13.55 0.21 -23.23
N LYS A 225 -13.77 1.27 -22.46
CA LYS A 225 -15.10 1.81 -22.26
C LYS A 225 -15.38 2.89 -23.30
N THR A 226 -16.67 3.05 -23.61
CA THR A 226 -17.08 3.92 -24.70
C THR A 226 -17.92 5.11 -24.23
N CYS A 227 -17.78 5.51 -22.95
CA CYS A 227 -18.38 6.74 -22.52
C CYS A 227 -17.49 7.92 -22.93
N GLU A 228 -17.83 9.10 -22.45
CA GLU A 228 -17.10 10.32 -22.78
C GLU A 228 -16.41 10.85 -21.53
N TRP A 229 -15.14 11.17 -21.64
CA TRP A 229 -14.41 11.73 -20.52
C TRP A 229 -14.90 13.14 -20.26
N PRO A 230 -15.39 13.45 -19.06
CA PRO A 230 -15.93 14.80 -18.81
C PRO A 230 -14.86 15.87 -18.90
N LYS A 231 -15.25 17.03 -19.41
CA LYS A 231 -14.32 18.13 -19.63
C LYS A 231 -13.92 18.84 -18.35
N SER A 232 -14.71 18.71 -17.29
CA SER A 232 -14.34 19.30 -16.01
C SER A 232 -13.15 18.61 -15.37
N HIS A 233 -12.81 17.41 -15.84
CA HIS A 233 -11.71 16.62 -15.30
C HIS A 233 -10.59 16.47 -16.32
N THR A 234 -10.38 17.48 -17.15
CA THR A 234 -9.37 17.45 -18.20
C THR A 234 -8.52 18.71 -18.15
N LEU A 235 -7.21 18.54 -18.34
CA LEU A 235 -6.28 19.66 -18.40
C LEU A 235 -6.12 20.12 -19.85
N TRP A 236 -6.11 21.44 -20.06
CA TRP A 236 -5.82 22.05 -21.36
C TRP A 236 -6.79 21.55 -22.43
N THR A 237 -8.05 21.92 -22.26
CA THR A 237 -9.13 21.43 -23.10
C THR A 237 -9.29 22.21 -24.40
N ASP A 238 -8.79 23.44 -24.48
CA ASP A 238 -9.11 24.32 -25.60
C ASP A 238 -8.07 24.23 -26.70
N GLY A 239 -8.51 24.54 -27.92
CA GLY A 239 -7.60 24.65 -29.05
C GLY A 239 -7.05 23.35 -29.55
N ILE A 240 -7.71 22.23 -29.27
CA ILE A 240 -7.21 20.90 -29.63
C ILE A 240 -8.18 20.28 -30.62
N GLU A 241 -7.65 19.76 -31.72
CA GLU A 241 -8.45 19.08 -32.72
C GLU A 241 -8.78 17.67 -32.28
N GLU A 242 -10.00 17.24 -32.57
CA GLU A 242 -10.42 15.88 -32.25
C GLU A 242 -9.72 14.84 -33.10
N SER A 243 -9.06 15.25 -34.20
CA SER A 243 -8.43 14.32 -35.12
C SER A 243 -6.99 14.00 -34.74
N ASP A 244 -6.50 14.52 -33.62
CA ASP A 244 -5.12 14.36 -33.22
C ASP A 244 -4.94 13.55 -31.95
N LEU A 245 -6.02 13.06 -31.36
CA LEU A 245 -5.95 12.33 -30.10
C LEU A 245 -5.50 10.89 -30.33
N ILE A 246 -4.46 10.47 -29.62
CA ILE A 246 -3.97 9.10 -29.77
C ILE A 246 -5.05 8.10 -29.38
N ILE A 247 -5.65 8.29 -28.21
CA ILE A 247 -6.77 7.47 -27.75
C ILE A 247 -8.06 8.15 -28.21
N PRO A 248 -8.88 7.50 -29.03
CA PRO A 248 -10.01 8.19 -29.64
C PRO A 248 -11.01 8.69 -28.61
N LYS A 249 -11.71 9.76 -28.98
CA LYS A 249 -12.76 10.31 -28.13
C LYS A 249 -13.90 9.32 -27.91
N SER A 250 -14.11 8.40 -28.86
CA SER A 250 -15.15 7.39 -28.73
C SER A 250 -14.82 6.31 -27.72
N LEU A 251 -13.57 6.26 -27.24
CA LEU A 251 -13.13 5.26 -26.28
C LEU A 251 -12.81 5.87 -24.92
N ALA A 252 -13.48 6.98 -24.59
CA ALA A 252 -13.27 7.69 -23.33
C ALA A 252 -11.84 8.19 -23.18
N GLY A 253 -11.27 8.69 -24.27
CA GLY A 253 -9.99 9.36 -24.21
C GLY A 253 -10.17 10.84 -23.97
N PRO A 254 -9.39 11.40 -23.04
CA PRO A 254 -9.53 12.83 -22.72
C PRO A 254 -9.17 13.72 -23.91
N LEU A 255 -9.92 14.81 -24.04
CA LEU A 255 -9.74 15.76 -25.14
C LEU A 255 -8.79 16.85 -24.69
N SER A 256 -7.49 16.58 -24.82
CA SER A 256 -6.48 17.49 -24.29
C SER A 256 -5.21 17.39 -25.14
N HIS A 257 -4.37 18.41 -25.02
CA HIS A 257 -3.05 18.39 -25.62
C HIS A 257 -2.12 17.38 -24.97
N HIS A 258 -2.46 16.87 -23.79
CA HIS A 258 -1.72 15.80 -23.16
C HIS A 258 -1.97 14.45 -23.82
N ASN A 259 -2.96 14.35 -24.70
CA ASN A 259 -3.30 13.13 -25.40
C ASN A 259 -2.79 13.15 -26.84
N THR A 260 -1.63 13.73 -27.07
CA THR A 260 -1.11 13.96 -28.41
C THR A 260 0.35 13.53 -28.49
N ARG A 261 0.77 13.16 -29.69
CA ARG A 261 2.16 12.86 -30.01
C ARG A 261 2.43 13.36 -31.42
N GLU A 262 3.62 13.91 -31.63
CA GLU A 262 3.94 14.57 -32.89
C GLU A 262 4.19 13.55 -33.99
N GLY A 263 3.41 13.65 -35.07
CA GLY A 263 3.55 12.74 -36.19
C GLY A 263 2.49 11.66 -36.29
N TYR A 264 1.65 11.51 -35.26
CA TYR A 264 0.61 10.50 -35.25
C TYR A 264 -0.76 11.16 -35.21
N ARG A 265 -1.76 10.43 -35.67
CA ARG A 265 -3.15 10.86 -35.65
C ARG A 265 -3.95 9.86 -34.82
N THR A 266 -5.28 10.01 -34.85
CA THR A 266 -6.14 9.20 -34.00
C THR A 266 -6.10 7.74 -34.43
N GLN A 267 -6.06 6.84 -33.46
CA GLN A 267 -5.87 5.41 -33.69
C GLN A 267 -7.23 4.71 -33.70
N MET A 268 -8.00 4.97 -34.75
CA MET A 268 -9.36 4.45 -34.82
C MET A 268 -9.36 2.93 -34.93
N LYS A 269 -8.36 2.35 -35.58
CA LYS A 269 -8.35 0.93 -35.88
C LYS A 269 -7.24 0.19 -35.18
N GLY A 270 -7.02 0.48 -33.90
CA GLY A 270 -6.07 -0.25 -33.09
C GLY A 270 -6.68 -1.54 -32.56
N PRO A 271 -5.88 -2.32 -31.85
CA PRO A 271 -6.36 -3.61 -31.34
C PRO A 271 -7.20 -3.48 -30.08
N TRP A 272 -8.36 -2.84 -30.22
CA TRP A 272 -9.21 -2.60 -29.06
C TRP A 272 -9.95 -3.84 -28.59
N HIS A 273 -9.88 -4.94 -29.34
CA HIS A 273 -10.48 -6.21 -28.92
C HIS A 273 -9.74 -6.85 -27.76
N SER A 274 -8.55 -6.38 -27.42
CA SER A 274 -7.77 -6.98 -26.35
C SER A 274 -8.47 -6.81 -25.01
N GLU A 275 -8.22 -7.78 -24.12
CA GLU A 275 -8.75 -7.67 -22.76
C GLU A 275 -7.98 -6.63 -21.95
N GLU A 276 -6.72 -6.41 -22.29
CA GLU A 276 -5.88 -5.45 -21.59
C GLU A 276 -4.64 -5.14 -22.42
N LEU A 277 -4.38 -3.88 -22.70
CA LEU A 277 -3.19 -3.49 -23.44
C LEU A 277 -2.49 -2.35 -22.72
N GLU A 278 -1.33 -1.98 -23.25
CA GLU A 278 -0.45 -1.01 -22.61
C GLU A 278 0.33 -0.29 -23.71
N ILE A 279 0.08 1.01 -23.84
CA ILE A 279 0.59 1.80 -24.96
C ILE A 279 1.93 2.39 -24.55
N ARG A 280 2.94 2.18 -25.39
CA ARG A 280 4.27 2.67 -25.07
C ARG A 280 5.02 2.94 -26.36
N PHE A 281 6.00 3.83 -26.28
CA PHE A 281 6.74 4.30 -27.46
C PHE A 281 8.14 3.70 -27.44
N GLU A 282 8.28 2.52 -28.05
CA GLU A 282 9.57 1.94 -28.40
C GLU A 282 9.34 0.79 -29.35
N GLU A 283 10.40 0.35 -30.00
CA GLU A 283 10.31 -0.75 -30.94
C GLU A 283 10.05 -2.06 -30.21
N CYS A 284 9.58 -3.03 -30.96
CA CYS A 284 9.30 -4.37 -30.44
C CYS A 284 10.49 -5.27 -30.67
N PRO A 285 10.65 -6.32 -29.85
CA PRO A 285 11.87 -7.12 -29.90
C PRO A 285 12.14 -7.68 -31.29
N GLY A 286 13.36 -7.45 -31.78
CA GLY A 286 13.77 -7.91 -33.09
C GLY A 286 13.07 -7.25 -34.25
N THR A 287 12.75 -5.96 -34.14
CA THR A 287 12.18 -5.19 -35.23
C THR A 287 12.88 -3.84 -35.32
N LYS A 288 12.87 -3.26 -36.52
CA LYS A 288 13.46 -1.96 -36.75
C LYS A 288 12.55 -1.14 -37.65
N VAL A 289 12.42 0.15 -37.34
CA VAL A 289 11.55 1.06 -38.07
C VAL A 289 12.39 2.19 -38.65
N HIS A 290 12.19 2.46 -39.93
CA HIS A 290 12.92 3.52 -40.64
C HIS A 290 11.91 4.46 -41.30
N VAL A 291 12.20 5.76 -41.26
CA VAL A 291 11.34 6.77 -41.85
C VAL A 291 11.66 6.83 -43.34
N GLU A 292 10.69 6.47 -44.18
CA GLU A 292 10.87 6.43 -45.62
C GLU A 292 9.67 7.05 -46.32
N GLU A 293 9.93 7.90 -47.30
CA GLU A 293 8.86 8.54 -48.05
C GLU A 293 8.16 7.57 -48.99
N THR A 294 8.76 6.41 -49.26
CA THR A 294 8.17 5.42 -50.17
C THR A 294 7.32 4.38 -49.46
N CYS A 295 7.20 4.46 -48.13
CA CYS A 295 6.38 3.51 -47.39
C CYS A 295 4.90 3.75 -47.66
N GLY A 296 4.10 2.72 -47.43
CA GLY A 296 2.68 2.79 -47.72
C GLY A 296 1.93 3.68 -46.74
N THR A 297 0.69 3.99 -47.12
CA THR A 297 -0.15 4.86 -46.30
C THR A 297 -0.66 4.10 -45.08
N ARG A 298 -1.23 4.86 -44.14
CA ARG A 298 -1.70 4.27 -42.89
C ARG A 298 -2.96 3.44 -43.11
N GLY A 299 -3.08 2.36 -42.35
CA GLY A 299 -4.24 1.50 -42.38
C GLY A 299 -4.43 0.84 -41.04
N PRO A 300 -5.13 -0.29 -40.99
CA PRO A 300 -5.34 -0.98 -39.72
C PRO A 300 -4.04 -1.43 -39.08
N SER A 301 -4.10 -1.64 -37.77
CA SER A 301 -2.93 -2.00 -36.99
C SER A 301 -2.53 -3.46 -37.24
N LEU A 302 -1.22 -3.71 -37.19
CA LEU A 302 -0.66 -5.02 -37.51
C LEU A 302 0.18 -5.55 -36.35
N ARG A 303 0.21 -6.87 -36.22
CA ARG A 303 0.97 -7.54 -35.17
C ARG A 303 2.38 -7.85 -35.66
N SER A 304 3.37 -7.67 -34.79
CA SER A 304 4.76 -7.84 -35.16
C SER A 304 5.05 -9.28 -35.57
N THR A 305 4.52 -10.24 -34.82
CA THR A 305 4.74 -11.65 -35.12
C THR A 305 3.62 -12.19 -35.99
N THR A 306 3.99 -13.14 -36.85
CA THR A 306 3.04 -13.79 -37.73
C THR A 306 2.21 -14.78 -36.92
N ALA A 307 1.09 -15.24 -37.50
CA ALA A 307 0.25 -16.23 -36.84
C ALA A 307 1.00 -17.53 -36.55
N SER A 308 2.11 -17.77 -37.24
CA SER A 308 2.95 -18.93 -36.99
C SER A 308 4.08 -18.66 -36.00
N GLY A 309 4.15 -17.45 -35.45
CA GLY A 309 5.20 -17.09 -34.53
C GLY A 309 6.44 -16.48 -35.17
N ARG A 310 6.46 -16.32 -36.48
CA ARG A 310 7.61 -15.73 -37.15
C ARG A 310 7.58 -14.21 -37.00
N VAL A 311 8.70 -13.65 -36.55
CA VAL A 311 8.80 -12.21 -36.36
C VAL A 311 9.14 -11.54 -37.68
N ILE A 312 8.39 -10.50 -38.02
CA ILE A 312 8.73 -9.62 -39.14
C ILE A 312 9.75 -8.62 -38.65
N GLU A 313 10.73 -8.30 -39.49
CA GLU A 313 11.89 -7.54 -39.03
C GLU A 313 11.88 -6.08 -39.44
N GLU A 314 11.61 -5.77 -40.70
CA GLU A 314 11.80 -4.43 -41.23
C GLU A 314 10.44 -3.77 -41.47
N TRP A 315 10.23 -2.62 -40.85
CA TRP A 315 9.02 -1.82 -41.00
C TRP A 315 9.40 -0.42 -41.45
N CYS A 316 8.39 0.39 -41.76
CA CYS A 316 8.62 1.75 -42.22
C CYS A 316 7.41 2.62 -41.92
N CYS A 317 7.62 3.93 -41.99
CA CYS A 317 6.54 4.91 -41.92
C CYS A 317 6.89 6.08 -42.83
N ARG A 318 5.88 6.87 -43.16
CA ARG A 318 6.09 7.99 -44.07
C ARG A 318 6.64 9.22 -43.34
N GLU A 319 5.94 9.67 -42.28
CA GLU A 319 6.41 10.83 -41.53
C GLU A 319 6.25 10.67 -40.02
N CYS A 320 6.33 9.45 -39.49
CA CYS A 320 6.17 9.29 -38.06
C CYS A 320 7.42 9.79 -37.33
N THR A 321 7.46 9.60 -36.02
CA THR A 321 8.56 10.06 -35.19
C THR A 321 9.06 8.90 -34.33
N MET A 322 10.37 8.82 -34.16
CA MET A 322 10.97 7.78 -33.32
C MET A 322 11.01 8.22 -31.86
N PRO A 323 10.75 7.32 -30.89
CA PRO A 323 10.42 5.89 -31.03
C PRO A 323 9.02 5.64 -31.56
N PRO A 324 8.78 4.48 -32.15
CA PRO A 324 7.48 4.20 -32.77
C PRO A 324 6.42 3.88 -31.71
N LEU A 325 5.17 3.88 -32.15
CA LEU A 325 4.03 3.61 -31.30
C LEU A 325 3.67 2.13 -31.36
N SER A 326 3.66 1.47 -30.20
CA SER A 326 3.35 0.06 -30.13
C SER A 326 2.38 -0.21 -28.99
N PHE A 327 1.57 -1.25 -29.17
CA PHE A 327 0.64 -1.74 -28.16
C PHE A 327 1.13 -3.09 -27.66
N ARG A 328 1.25 -3.24 -26.34
CA ARG A 328 1.75 -4.47 -25.75
C ARG A 328 0.60 -5.19 -25.06
N ALA A 329 0.00 -6.15 -25.75
CA ALA A 329 -1.07 -6.97 -25.22
C ALA A 329 -0.52 -8.34 -24.83
N LYS A 330 -1.44 -9.22 -24.43
CA LYS A 330 -1.06 -10.57 -24.04
C LYS A 330 -0.50 -11.36 -25.23
N ASP A 331 -1.07 -11.16 -26.41
CA ASP A 331 -0.54 -11.81 -27.61
C ASP A 331 0.89 -11.35 -27.88
N GLY A 332 1.11 -10.06 -27.93
CA GLY A 332 2.43 -9.52 -28.19
C GLY A 332 2.33 -8.16 -28.84
N CYS A 333 3.45 -7.72 -29.41
CA CYS A 333 3.55 -6.41 -30.04
C CYS A 333 2.54 -6.23 -31.16
N TRP A 334 1.84 -5.10 -31.14
CA TRP A 334 1.19 -4.53 -32.30
C TRP A 334 1.84 -3.19 -32.60
N TYR A 335 1.68 -2.73 -33.83
CA TYR A 335 2.23 -1.45 -34.24
C TYR A 335 1.10 -0.48 -34.56
N GLY A 336 1.42 0.82 -34.50
CA GLY A 336 0.45 1.84 -34.80
C GLY A 336 0.00 1.81 -36.24
N MET A 337 -1.07 2.57 -36.51
CA MET A 337 -1.66 2.59 -37.84
C MET A 337 -0.72 3.16 -38.90
N GLU A 338 0.30 3.93 -38.48
CA GLU A 338 1.20 4.61 -39.40
C GLU A 338 2.38 3.75 -39.85
N ILE A 339 2.56 2.56 -39.28
CA ILE A 339 3.77 1.77 -39.49
C ILE A 339 3.39 0.49 -40.21
N ARG A 340 3.98 0.28 -41.39
CA ARG A 340 3.67 -0.85 -42.27
C ARG A 340 4.93 -1.64 -42.59
N PRO A 341 4.81 -2.94 -42.90
CA PRO A 341 6.01 -3.75 -43.17
C PRO A 341 6.63 -3.38 -44.51
N ARG A 342 7.96 -3.37 -44.53
CA ARG A 342 8.67 -2.83 -45.69
C ARG A 342 8.67 -3.80 -46.87
N LYS A 343 8.79 -5.10 -46.61
CA LYS A 343 8.93 -6.09 -47.67
C LYS A 343 7.75 -7.03 -47.78
N GLU A 344 7.41 -7.73 -46.69
CA GLU A 344 6.40 -8.77 -46.77
C GLU A 344 5.01 -8.16 -47.00
N PRO A 345 4.21 -8.75 -47.88
CA PRO A 345 2.86 -8.23 -48.10
C PRO A 345 1.99 -8.38 -46.85
N GLU A 346 1.04 -7.45 -46.71
CA GLU A 346 0.20 -7.39 -45.52
C GLU A 346 -0.82 -8.52 -45.44
N SER A 347 -1.01 -9.28 -46.52
CA SER A 347 -1.92 -10.42 -46.48
C SER A 347 -1.36 -11.59 -45.69
N ASN A 348 -0.08 -11.56 -45.33
CA ASN A 348 0.53 -12.59 -44.50
C ASN A 348 0.56 -12.23 -43.02
N LEU A 349 -0.06 -11.11 -42.63
CA LEU A 349 -0.01 -10.61 -41.28
C LEU A 349 -1.41 -10.43 -40.72
N VAL A 350 -1.56 -10.65 -39.41
CA VAL A 350 -2.85 -10.49 -38.76
C VAL A 350 -3.09 -9.02 -38.45
N ARG A 351 -4.36 -8.60 -38.51
CA ARG A 351 -4.73 -7.20 -38.37
C ARG A 351 -5.91 -7.08 -37.42
N SER A 352 -6.07 -5.90 -36.84
CA SER A 352 -7.23 -5.62 -36.00
C SER A 352 -8.49 -5.50 -36.85
N MET A 353 -9.58 -6.06 -36.32
CA MET A 353 -10.84 -6.12 -37.06
C MET A 353 -11.91 -5.21 -36.47
N VAL A 354 -11.53 -4.24 -35.64
CA VAL A 354 -12.47 -3.36 -34.95
C VAL A 354 -12.09 -1.92 -35.24
N THR A 355 -13.09 -1.04 -35.16
CA THR A 355 -12.89 0.39 -35.28
C THR A 355 -13.74 1.11 -34.23
N ALA A 356 -13.18 2.16 -33.64
CA ALA A 356 -13.85 2.92 -32.60
C ALA A 356 -14.99 3.76 -33.17
N HIS B 5 6.29 9.45 -4.51
CA HIS B 5 5.36 8.61 -5.24
C HIS B 5 4.73 7.56 -4.35
N HIS B 6 5.44 7.11 -3.33
CA HIS B 6 4.94 6.11 -2.39
C HIS B 6 4.61 6.80 -1.08
N GLY B 7 3.43 6.53 -0.54
CA GLY B 7 2.98 7.21 0.67
C GLY B 7 1.63 6.70 1.10
N CYS B 8 1.15 7.27 2.21
CA CYS B 8 -0.11 6.86 2.82
C CYS B 8 -0.92 8.09 3.21
N SER B 9 -2.23 7.92 3.29
CA SER B 9 -3.14 9.03 3.57
C SER B 9 -4.35 8.52 4.36
N VAL B 10 -5.02 9.45 5.02
CA VAL B 10 -6.17 9.13 5.88
C VAL B 10 -7.31 10.10 5.58
N ASP B 11 -8.54 9.60 5.65
CA ASP B 11 -9.75 10.40 5.51
C ASP B 11 -10.44 10.42 6.87
N PHE B 12 -10.24 11.50 7.63
CA PHE B 12 -10.72 11.54 9.01
C PHE B 12 -12.23 11.55 9.12
N SER B 13 -12.95 11.92 8.06
CA SER B 13 -14.40 11.89 8.11
C SER B 13 -14.92 10.46 8.21
N LYS B 14 -14.45 9.58 7.32
CA LYS B 14 -14.76 8.17 7.41
C LYS B 14 -13.81 7.40 8.31
N LYS B 15 -12.67 8.00 8.65
CA LYS B 15 -11.61 7.36 9.44
C LYS B 15 -11.15 6.07 8.77
N GLU B 16 -10.56 6.24 7.58
CA GLU B 16 -10.01 5.15 6.80
C GLU B 16 -8.60 5.52 6.34
N THR B 17 -7.75 4.51 6.20
CA THR B 17 -6.35 4.72 5.83
C THR B 17 -5.98 3.81 4.68
N ARG B 18 -5.10 4.29 3.81
CA ARG B 18 -4.65 3.53 2.65
C ARG B 18 -3.25 3.98 2.27
N CYS B 19 -2.63 3.21 1.38
CA CYS B 19 -1.28 3.45 0.92
C CYS B 19 -1.17 3.06 -0.55
N GLY B 20 -0.11 3.50 -1.20
CA GLY B 20 0.12 3.11 -2.58
C GLY B 20 1.03 4.10 -3.29
N THR B 21 0.91 4.11 -4.62
CA THR B 21 1.65 5.02 -5.48
C THR B 21 0.69 5.98 -6.18
N GLY B 22 1.17 7.20 -6.40
CA GLY B 22 0.36 8.18 -7.11
C GLY B 22 0.99 9.55 -7.10
N VAL B 23 0.18 10.55 -7.45
CA VAL B 23 0.60 11.94 -7.51
C VAL B 23 -0.09 12.69 -6.38
N PHE B 24 0.71 13.38 -5.57
CA PHE B 24 0.21 14.03 -4.36
C PHE B 24 0.48 15.53 -4.43
N VAL B 25 -0.56 16.33 -4.19
CA VAL B 25 -0.47 17.78 -4.22
C VAL B 25 -0.69 18.30 -2.81
N TYR B 26 0.32 18.99 -2.27
CA TYR B 26 0.31 19.41 -0.88
C TYR B 26 0.02 20.90 -0.76
N ASN B 27 -0.59 21.28 0.36
CA ASN B 27 -0.84 22.68 0.68
C ASN B 27 0.43 23.28 1.29
N ASP B 28 1.02 24.24 0.60
CA ASP B 28 2.20 24.94 1.08
C ASP B 28 1.92 26.42 1.34
N VAL B 29 0.67 26.77 1.57
CA VAL B 29 0.27 28.17 1.69
C VAL B 29 -0.49 28.40 2.99
N ASP B 34 11.41 30.15 3.31
CA ASP B 34 11.30 29.50 4.62
C ASP B 34 12.26 28.31 4.73
N ARG B 35 11.90 27.23 4.06
CA ARG B 35 12.69 26.01 4.11
C ARG B 35 13.70 25.91 2.97
N TYR B 36 13.79 26.91 2.10
CA TYR B 36 14.62 26.84 0.92
C TYR B 36 15.79 27.81 1.02
N LYS B 37 16.94 27.37 0.52
CA LYS B 37 18.16 28.19 0.40
C LYS B 37 18.47 28.25 -1.09
N TYR B 38 18.34 29.44 -1.68
CA TYR B 38 18.25 29.53 -3.12
C TYR B 38 19.62 29.70 -3.75
N HIS B 39 19.75 29.16 -4.96
CA HIS B 39 21.00 29.14 -5.70
C HIS B 39 20.76 29.60 -7.13
N PRO B 40 21.01 30.87 -7.44
CA PRO B 40 20.94 31.30 -8.84
C PRO B 40 22.01 30.65 -9.70
N ASP B 41 22.13 31.08 -10.96
CA ASP B 41 23.03 30.43 -11.90
C ASP B 41 24.44 30.30 -11.33
N SER B 42 24.97 31.38 -10.79
CA SER B 42 26.27 31.42 -10.13
C SER B 42 26.44 32.75 -9.42
N PRO B 43 27.39 32.85 -8.50
CA PRO B 43 27.83 34.17 -8.01
C PRO B 43 28.74 34.91 -8.97
N ARG B 44 29.15 34.29 -10.06
CA ARG B 44 30.04 34.90 -11.03
C ARG B 44 29.38 35.16 -12.38
N ARG B 45 28.22 34.55 -12.66
CA ARG B 45 27.43 34.86 -13.84
C ARG B 45 26.33 35.87 -13.56
N LEU B 46 25.72 35.82 -12.39
CA LEU B 46 24.73 36.83 -12.04
C LEU B 46 25.36 38.21 -11.95
N ALA B 47 26.58 38.30 -11.45
CA ALA B 47 27.27 39.59 -11.38
C ALA B 47 27.54 40.15 -12.77
N ALA B 48 27.99 39.30 -13.69
CA ALA B 48 28.21 39.76 -15.07
C ALA B 48 26.90 40.16 -15.74
N ALA B 49 25.82 39.42 -15.46
CA ALA B 49 24.52 39.80 -16.01
C ALA B 49 24.07 41.16 -15.49
N VAL B 50 24.21 41.40 -14.19
CA VAL B 50 23.83 42.68 -13.61
C VAL B 50 24.70 43.81 -14.17
N LYS B 51 26.00 43.54 -14.34
CA LYS B 51 26.89 44.55 -14.91
C LYS B 51 26.48 44.92 -16.33
N GLN B 52 26.20 43.92 -17.17
CA GLN B 52 25.78 44.19 -18.54
C GLN B 52 24.44 44.91 -18.57
N ALA B 53 23.53 44.52 -17.67
CA ALA B 53 22.23 45.18 -17.64
C ALA B 53 22.36 46.65 -17.26
N TRP B 54 23.20 46.95 -16.28
CA TRP B 54 23.42 48.35 -15.91
C TRP B 54 24.05 49.13 -17.06
N GLU B 55 25.03 48.53 -17.76
CA GLU B 55 25.62 49.25 -18.88
C GLU B 55 24.71 49.26 -20.11
N ASP B 56 23.59 48.55 -20.08
CA ASP B 56 22.63 48.55 -21.18
C ASP B 56 21.49 49.54 -20.99
N GLY B 57 21.23 50.00 -19.78
CA GLY B 57 20.16 50.93 -19.50
C GLY B 57 19.08 50.44 -18.56
N ILE B 58 19.22 49.26 -17.97
CA ILE B 58 18.24 48.71 -17.03
C ILE B 58 18.69 49.12 -15.62
N CYS B 59 17.86 49.90 -14.93
CA CYS B 59 18.25 50.47 -13.65
C CYS B 59 17.83 49.62 -12.45
N GLY B 60 17.02 48.58 -12.64
CA GLY B 60 16.56 47.86 -11.47
C GLY B 60 15.78 46.61 -11.83
N ILE B 61 15.24 45.98 -10.79
CA ILE B 61 14.56 44.70 -10.89
C ILE B 61 13.22 44.81 -10.18
N SER B 62 12.16 44.34 -10.84
N SER B 62 12.16 44.34 -10.84
CA SER B 62 10.85 44.22 -10.24
CA SER B 62 10.84 44.22 -10.23
C SER B 62 10.55 42.75 -10.02
C SER B 62 10.55 42.75 -10.02
N SER B 63 10.22 42.39 -8.78
CA SER B 63 10.04 40.98 -8.44
C SER B 63 8.75 40.43 -9.02
N VAL B 64 8.77 39.12 -9.30
CA VAL B 64 7.59 38.42 -9.80
C VAL B 64 6.77 37.86 -8.67
N SER B 65 7.42 37.22 -7.70
CA SER B 65 6.75 36.65 -6.54
C SER B 65 7.59 36.94 -5.31
N ARG B 66 7.19 36.36 -4.18
CA ARG B 66 7.99 36.50 -2.96
C ARG B 66 9.22 35.61 -2.99
N MET B 67 9.17 34.53 -3.76
CA MET B 67 10.33 33.68 -3.97
C MET B 67 11.53 34.47 -4.46
N GLU B 68 11.34 35.25 -5.52
CA GLU B 68 12.45 36.04 -6.08
C GLU B 68 12.92 37.11 -5.11
N ASN B 69 12.00 37.73 -4.38
CA ASN B 69 12.36 38.77 -3.43
C ASN B 69 13.25 38.20 -2.32
N ILE B 70 12.86 37.04 -1.78
CA ILE B 70 13.67 36.39 -0.76
C ILE B 70 15.04 36.00 -1.32
N MET B 71 15.07 35.48 -2.55
CA MET B 71 16.35 35.15 -3.18
C MET B 71 17.27 36.36 -3.24
N TRP B 72 16.78 37.48 -3.77
CA TRP B 72 17.62 38.66 -3.92
C TRP B 72 18.07 39.17 -2.56
N ARG B 73 17.17 39.17 -1.58
CA ARG B 73 17.53 39.63 -0.24
C ARG B 73 18.60 38.76 0.38
N SER B 74 18.59 37.46 0.06
CA SER B 74 19.59 36.56 0.61
C SER B 74 20.93 36.68 -0.10
N VAL B 75 20.94 36.97 -1.40
CA VAL B 75 22.17 36.92 -2.18
C VAL B 75 22.81 38.30 -2.36
N GLU B 76 22.16 39.38 -1.90
CA GLU B 76 22.66 40.72 -2.16
C GLU B 76 24.05 40.95 -1.59
N GLY B 77 24.30 40.49 -0.36
CA GLY B 77 25.58 40.74 0.27
C GLY B 77 26.74 40.13 -0.49
N GLU B 78 26.62 38.84 -0.83
CA GLU B 78 27.66 38.18 -1.61
C GLU B 78 27.81 38.82 -2.98
N LEU B 79 26.68 39.14 -3.63
CA LEU B 79 26.76 39.73 -4.96
C LEU B 79 27.52 41.05 -4.92
N ASN B 80 27.25 41.88 -3.91
CA ASN B 80 28.01 43.11 -3.75
C ASN B 80 29.47 42.82 -3.47
N ALA B 81 29.76 41.78 -2.69
CA ALA B 81 31.15 41.44 -2.39
C ALA B 81 31.94 41.13 -3.66
N ILE B 82 31.44 40.23 -4.51
CA ILE B 82 32.12 39.95 -5.78
C ILE B 82 32.15 41.18 -6.67
N LEU B 83 31.02 41.87 -6.82
CA LEU B 83 30.96 42.98 -7.76
C LEU B 83 31.84 44.13 -7.33
N GLU B 84 32.23 44.17 -6.05
CA GLU B 84 33.10 45.22 -5.57
C GLU B 84 34.56 44.78 -5.61
N GLU B 85 34.85 43.52 -5.27
CA GLU B 85 36.23 43.06 -5.33
C GLU B 85 36.70 42.92 -6.77
N ASN B 86 35.78 42.88 -7.73
CA ASN B 86 36.18 42.76 -9.12
C ASN B 86 36.34 44.11 -9.82
N GLY B 87 36.17 45.22 -9.11
CA GLY B 87 36.43 46.52 -9.68
C GLY B 87 35.29 47.14 -10.45
N VAL B 88 34.06 46.96 -10.01
CA VAL B 88 32.89 47.56 -10.64
C VAL B 88 32.19 48.45 -9.61
N GLN B 89 31.97 49.71 -9.96
CA GLN B 89 31.29 50.66 -9.09
C GLN B 89 29.79 50.45 -9.23
N LEU B 90 29.26 49.54 -8.41
CA LEU B 90 27.84 49.21 -8.43
C LEU B 90 27.44 48.47 -7.17
N THR B 91 26.34 48.89 -6.53
CA THR B 91 25.84 48.23 -5.34
C THR B 91 24.37 47.89 -5.52
N VAL B 92 23.99 46.72 -5.04
CA VAL B 92 22.62 46.22 -5.16
C VAL B 92 21.93 46.42 -3.83
N VAL B 93 20.88 47.24 -3.82
CA VAL B 93 20.08 47.50 -2.63
C VAL B 93 18.68 46.97 -2.90
N VAL B 94 18.17 46.15 -1.97
CA VAL B 94 16.90 45.48 -2.12
C VAL B 94 15.94 45.99 -1.05
N GLY B 95 14.75 46.37 -1.47
CA GLY B 95 13.73 46.86 -0.56
C GLY B 95 12.66 45.82 -0.28
N SER B 96 11.56 46.29 0.27
CA SER B 96 10.41 45.43 0.53
C SER B 96 9.55 45.32 -0.73
N VAL B 97 8.45 44.58 -0.64
CA VAL B 97 7.59 44.33 -1.78
C VAL B 97 6.19 44.83 -1.45
N LYS B 98 5.62 45.60 -2.37
CA LYS B 98 4.28 46.15 -2.23
C LYS B 98 3.38 45.51 -3.28
N ASN B 99 2.11 45.27 -2.93
CA ASN B 99 1.18 44.59 -3.80
C ASN B 99 0.25 45.57 -4.50
N PRO B 100 -0.18 45.27 -5.74
CA PRO B 100 0.22 44.12 -6.54
C PRO B 100 1.59 44.30 -7.16
N MET B 101 2.16 43.21 -7.66
CA MET B 101 3.49 43.21 -8.27
C MET B 101 3.34 43.37 -9.78
N TRP B 102 3.58 44.59 -10.28
CA TRP B 102 3.34 44.92 -11.66
C TRP B 102 4.49 44.45 -12.55
N ARG B 103 4.20 44.34 -13.85
CA ARG B 103 5.15 43.87 -14.84
C ARG B 103 6.17 44.94 -15.19
N GLY B 104 7.28 44.49 -15.75
CA GLY B 104 8.28 45.36 -16.32
C GLY B 104 8.58 44.96 -17.75
N PRO B 105 9.00 45.91 -18.58
CA PRO B 105 9.21 45.62 -20.00
C PRO B 105 10.59 45.11 -20.39
N GLN B 106 11.57 45.14 -19.49
CA GLN B 106 12.94 44.76 -19.83
C GLN B 106 13.25 43.35 -19.35
N ARG B 107 14.36 42.80 -19.85
CA ARG B 107 14.83 41.49 -19.45
C ARG B 107 16.34 41.53 -19.24
N LEU B 108 16.81 40.70 -18.30
CA LEU B 108 18.24 40.62 -18.04
C LEU B 108 18.96 39.92 -19.19
N PRO B 109 20.11 40.43 -19.61
CA PRO B 109 20.88 39.76 -20.67
C PRO B 109 21.78 38.65 -20.13
N VAL B 110 21.93 37.62 -20.94
CA VAL B 110 22.76 36.46 -20.59
C VAL B 110 24.20 36.77 -21.02
N PRO B 111 25.16 36.76 -20.10
CA PRO B 111 26.53 37.10 -20.48
C PRO B 111 27.18 36.00 -21.31
N VAL B 112 28.12 36.40 -22.16
CA VAL B 112 28.91 35.42 -22.92
C VAL B 112 29.86 34.68 -21.98
N ASN B 113 30.53 35.42 -21.10
CA ASN B 113 31.51 34.84 -20.19
C ASN B 113 31.27 35.36 -18.78
N GLU B 114 31.84 34.66 -17.81
CA GLU B 114 31.74 35.05 -16.41
C GLU B 114 32.73 36.18 -16.12
N LEU B 115 32.59 36.77 -14.93
CA LEU B 115 33.58 37.72 -14.47
C LEU B 115 34.86 36.98 -14.10
N PRO B 116 36.04 37.46 -14.53
CA PRO B 116 37.27 36.68 -14.35
C PRO B 116 37.63 36.40 -12.91
N HIS B 117 37.37 37.31 -11.98
CA HIS B 117 37.84 37.18 -10.61
C HIS B 117 36.66 36.96 -9.67
N GLY B 118 36.75 35.89 -8.87
CA GLY B 118 35.71 35.60 -7.91
C GLY B 118 35.65 34.13 -7.56
N TRP B 119 34.77 33.78 -6.62
CA TRP B 119 34.61 32.40 -6.20
C TRP B 119 33.16 31.97 -6.39
N VAL B 128 33.76 39.20 4.11
CA VAL B 128 34.34 40.52 3.84
C VAL B 128 33.32 41.40 3.11
N ARG B 129 33.00 42.55 3.72
CA ARG B 129 31.95 43.40 3.20
C ARG B 129 32.52 44.45 2.25
N ALA B 130 31.61 45.17 1.60
CA ALA B 130 31.94 46.27 0.71
C ALA B 130 31.35 47.57 1.26
N ALA B 131 31.55 48.65 0.51
CA ALA B 131 31.13 49.99 0.92
C ALA B 131 30.09 50.53 -0.05
N LYS B 132 29.24 51.43 0.47
CA LYS B 132 28.17 52.00 -0.32
C LYS B 132 28.74 52.80 -1.48
N THR B 133 28.06 52.77 -2.62
CA THR B 133 28.49 53.45 -3.82
C THR B 133 27.42 54.46 -4.25
N ASN B 134 27.74 55.32 -5.22
CA ASN B 134 26.78 56.27 -5.75
C ASN B 134 25.88 55.66 -6.83
N ASN B 135 26.24 54.51 -7.38
CA ASN B 135 25.41 53.85 -8.38
C ASN B 135 24.54 52.81 -7.67
N SER B 136 23.23 52.85 -7.94
CA SER B 136 22.29 51.97 -7.28
C SER B 136 21.55 51.13 -8.32
N PHE B 137 21.54 49.81 -8.10
CA PHE B 137 20.76 48.87 -8.89
C PHE B 137 19.66 48.36 -7.96
N VAL B 138 18.55 49.07 -7.92
CA VAL B 138 17.53 48.82 -6.91
C VAL B 138 16.67 47.63 -7.31
N VAL B 139 16.61 46.63 -6.42
CA VAL B 139 15.64 45.56 -6.53
C VAL B 139 14.36 46.05 -5.86
N ASP B 140 13.26 45.33 -6.07
CA ASP B 140 11.91 45.77 -5.70
C ASP B 140 11.90 46.48 -4.35
N GLY B 141 11.36 47.69 -4.35
CA GLY B 141 11.31 48.47 -3.13
C GLY B 141 10.61 49.78 -3.37
N ASP B 142 10.77 50.71 -2.42
CA ASP B 142 10.16 52.03 -2.51
C ASP B 142 11.15 53.03 -3.13
N THR B 143 11.54 52.76 -4.36
CA THR B 143 12.51 53.57 -5.08
C THR B 143 12.05 53.85 -6.50
N LEU B 144 10.76 54.18 -6.68
CA LEU B 144 10.20 54.38 -8.00
C LEU B 144 10.61 55.70 -8.64
N LYS B 145 11.53 56.44 -8.04
CA LYS B 145 11.89 57.76 -8.55
C LYS B 145 13.26 57.80 -9.19
N GLU B 146 14.24 57.10 -8.61
CA GLU B 146 15.53 56.95 -9.27
C GLU B 146 15.59 55.75 -10.20
N CYS B 147 14.49 55.01 -10.31
CA CYS B 147 14.36 53.91 -11.28
C CYS B 147 12.88 53.67 -11.55
N PRO B 148 12.31 54.31 -12.56
CA PRO B 148 10.90 54.09 -12.87
C PRO B 148 10.65 52.69 -13.43
N LEU B 149 9.38 52.28 -13.35
CA LEU B 149 9.01 50.93 -13.76
C LEU B 149 9.26 50.69 -15.24
N LYS B 150 9.29 51.74 -16.05
CA LYS B 150 9.52 51.57 -17.48
C LYS B 150 10.92 51.03 -17.78
N HIS B 151 11.86 51.15 -16.83
CA HIS B 151 13.23 50.71 -17.04
C HIS B 151 13.62 49.53 -16.16
N ARG B 152 12.65 48.72 -15.75
CA ARG B 152 12.88 47.63 -14.82
C ARG B 152 12.66 46.29 -15.51
N ALA B 153 13.44 45.29 -15.11
CA ALA B 153 13.31 43.94 -15.61
C ALA B 153 12.29 43.16 -14.80
N TRP B 154 11.80 42.07 -15.38
CA TRP B 154 10.72 41.30 -14.78
C TRP B 154 10.67 39.94 -15.44
N ASN B 155 10.44 38.89 -14.64
CA ASN B 155 10.28 37.51 -15.12
C ASN B 155 11.49 37.08 -15.95
N SER B 156 12.64 37.02 -15.29
CA SER B 156 13.90 36.76 -15.96
C SER B 156 14.63 35.53 -15.45
N PHE B 157 13.97 34.64 -14.71
CA PHE B 157 14.59 33.44 -14.19
C PHE B 157 13.73 32.21 -14.52
N LEU B 158 14.36 31.04 -14.55
CA LEU B 158 13.64 29.76 -14.63
C LEU B 158 14.23 28.82 -13.58
N VAL B 159 13.40 28.10 -12.84
CA VAL B 159 13.88 27.03 -11.94
C VAL B 159 14.48 25.97 -12.85
N GLU B 160 15.65 25.43 -12.54
CA GLU B 160 16.38 24.50 -13.45
C GLU B 160 15.72 23.13 -13.61
N ASP B 161 16.18 22.33 -14.57
CA ASP B 161 15.61 20.98 -14.85
C ASP B 161 15.06 20.28 -13.61
N HIS B 162 15.94 19.76 -12.75
CA HIS B 162 15.47 19.12 -11.51
C HIS B 162 15.70 20.05 -10.33
N GLY B 163 15.40 21.34 -10.46
CA GLY B 163 15.70 22.31 -9.39
C GLY B 163 14.67 22.29 -8.29
N PHE B 164 13.56 21.58 -8.47
CA PHE B 164 12.46 21.58 -7.46
C PHE B 164 11.92 20.17 -7.28
N GLY B 165 11.43 19.85 -6.07
CA GLY B 165 10.84 18.54 -5.75
C GLY B 165 10.21 18.57 -4.38
N VAL B 166 9.58 17.44 -4.00
CA VAL B 166 8.86 17.38 -2.69
C VAL B 166 9.92 17.41 -1.61
N PHE B 167 11.12 16.89 -1.91
CA PHE B 167 12.11 16.61 -0.86
C PHE B 167 13.40 17.40 -1.11
N HIS B 168 13.33 18.69 -1.41
CA HIS B 168 14.47 19.37 -2.08
C HIS B 168 15.20 20.27 -1.10
N THR B 169 14.46 21.21 -0.49
CA THR B 169 14.98 22.30 0.41
C THR B 169 16.26 22.98 -0.12
N SER B 170 16.20 23.59 -1.31
CA SER B 170 17.29 24.31 -2.02
C SER B 170 16.97 24.41 -3.51
N VAL B 171 16.50 25.57 -3.98
CA VAL B 171 15.95 25.71 -5.36
C VAL B 171 16.94 26.45 -6.24
N TRP B 172 17.27 25.83 -7.36
CA TRP B 172 18.34 26.21 -8.29
C TRP B 172 17.77 26.84 -9.56
N LEU B 173 17.75 28.16 -9.64
CA LEU B 173 17.25 29.00 -10.75
C LEU B 173 18.39 29.39 -11.69
N LYS B 174 18.08 29.77 -12.93
CA LYS B 174 19.00 30.15 -13.99
C LYS B 174 18.42 31.35 -14.73
N VAL B 175 19.30 32.21 -15.24
CA VAL B 175 18.84 33.39 -15.97
C VAL B 175 18.23 32.95 -17.29
N ARG B 176 17.02 33.44 -17.56
CA ARG B 176 16.28 33.11 -18.76
C ARG B 176 16.93 33.76 -19.98
N GLU B 177 16.71 33.15 -21.15
CA GLU B 177 17.29 33.64 -22.39
C GLU B 177 16.26 34.14 -23.39
N ASP B 178 14.98 34.02 -23.03
CA ASP B 178 13.85 34.37 -23.92
C ASP B 178 12.88 35.33 -23.25
N TYR B 179 11.86 35.78 -23.98
CA TYR B 179 10.84 36.70 -23.44
C TYR B 179 9.51 35.96 -23.24
N SER B 180 9.07 35.83 -21.98
CA SER B 180 7.79 35.16 -21.65
C SER B 180 6.91 36.04 -20.77
N LEU B 181 5.62 35.72 -20.69
CA LEU B 181 4.67 36.49 -19.87
C LEU B 181 4.01 35.53 -18.88
N GLU B 182 4.39 34.26 -18.89
CA GLU B 182 3.72 33.21 -18.07
C GLU B 182 4.47 32.89 -16.79
N CYS B 183 3.78 32.36 -15.77
CA CYS B 183 4.43 32.01 -14.53
C CYS B 183 5.22 30.71 -14.72
N ASP B 184 6.17 30.48 -13.83
CA ASP B 184 7.03 29.30 -13.92
C ASP B 184 6.20 28.05 -13.67
N PRO B 185 6.18 27.09 -14.60
CA PRO B 185 5.37 25.87 -14.39
C PRO B 185 6.00 24.84 -13.48
N ALA B 186 7.26 25.02 -13.08
CA ALA B 186 7.94 24.02 -12.27
C ALA B 186 7.42 23.95 -10.84
N VAL B 187 6.66 24.94 -10.39
CA VAL B 187 6.19 25.00 -9.00
C VAL B 187 4.67 24.93 -8.92
N ILE B 188 4.00 24.61 -10.01
CA ILE B 188 2.54 24.59 -10.06
C ILE B 188 2.07 23.15 -9.96
N GLY B 189 1.03 22.91 -9.15
CA GLY B 189 0.37 21.64 -9.11
C GLY B 189 -1.13 21.76 -8.97
N THR B 190 -1.90 21.15 -9.87
CA THR B 190 -3.34 21.14 -9.79
C THR B 190 -3.83 19.70 -9.80
N ALA B 191 -4.96 19.44 -9.15
CA ALA B 191 -5.52 18.10 -9.12
C ALA B 191 -7.02 18.18 -8.88
N VAL B 192 -7.72 17.15 -9.33
CA VAL B 192 -9.15 17.01 -9.09
C VAL B 192 -9.42 15.55 -8.73
N LYS B 193 -10.29 15.33 -7.75
CA LYS B 193 -10.58 13.98 -7.27
C LYS B 193 -12.04 13.95 -6.85
N GLY B 194 -12.91 13.49 -7.74
CA GLY B 194 -14.32 13.39 -7.42
C GLY B 194 -15.07 14.70 -7.55
N LYS B 195 -15.38 15.32 -6.41
CA LYS B 195 -16.14 16.57 -6.38
C LYS B 195 -15.32 17.72 -5.79
N GLU B 196 -14.00 17.56 -5.69
CA GLU B 196 -13.13 18.61 -5.16
C GLU B 196 -11.97 18.81 -6.12
N ALA B 197 -11.50 20.05 -6.21
CA ALA B 197 -10.42 20.42 -7.11
C ALA B 197 -9.54 21.47 -6.45
N VAL B 198 -8.36 21.69 -7.02
CA VAL B 198 -7.44 22.70 -6.52
C VAL B 198 -6.51 23.13 -7.66
N HIS B 199 -6.32 24.44 -7.79
CA HIS B 199 -5.22 25.04 -8.54
C HIS B 199 -4.31 25.74 -7.56
N SER B 200 -3.03 25.39 -7.57
CA SER B 200 -2.13 25.91 -6.54
C SER B 200 -0.73 26.11 -7.08
N ASP B 201 0.01 26.96 -6.39
CA ASP B 201 1.45 27.13 -6.58
C ASP B 201 2.03 27.57 -5.24
N LEU B 202 3.24 28.13 -5.25
CA LEU B 202 3.88 28.52 -4.00
C LEU B 202 3.20 29.70 -3.32
N GLY B 203 2.29 30.40 -4.00
CA GLY B 203 1.65 31.55 -3.41
C GLY B 203 0.14 31.52 -3.38
N TYR B 204 -0.48 30.66 -4.19
CA TYR B 204 -1.93 30.58 -4.30
C TYR B 204 -2.42 29.24 -3.75
N TRP B 205 -3.70 29.21 -3.40
CA TRP B 205 -4.40 27.97 -3.07
C TRP B 205 -5.86 28.19 -3.39
N ILE B 206 -6.31 27.74 -4.55
CA ILE B 206 -7.62 28.05 -5.09
C ILE B 206 -8.44 26.77 -5.15
N GLU B 207 -9.58 26.76 -4.48
CA GLU B 207 -10.37 25.55 -4.31
C GLU B 207 -11.70 25.67 -5.04
N SER B 208 -12.23 24.52 -5.46
CA SER B 208 -13.48 24.46 -6.19
C SER B 208 -14.28 23.26 -5.70
N GLU B 209 -15.57 23.26 -6.06
CA GLU B 209 -16.47 22.20 -5.62
C GLU B 209 -17.60 22.03 -6.63
N LYS B 210 -18.27 20.90 -6.55
CA LYS B 210 -19.38 20.57 -7.44
C LYS B 210 -20.66 20.50 -6.60
N ASN B 211 -21.47 21.56 -6.67
CA ASN B 211 -22.78 21.55 -6.01
C ASN B 211 -23.89 21.17 -6.99
N ASP B 212 -24.10 22.01 -8.00
CA ASP B 212 -25.01 21.69 -9.09
C ASP B 212 -24.23 21.90 -10.37
N THR B 213 -23.31 22.87 -10.34
CA THR B 213 -22.29 23.05 -11.35
C THR B 213 -21.00 23.41 -10.63
N TRP B 214 -19.89 23.31 -11.33
CA TRP B 214 -18.60 23.65 -10.73
C TRP B 214 -18.53 25.14 -10.44
N ARG B 215 -17.94 25.49 -9.30
CA ARG B 215 -17.88 26.88 -8.88
C ARG B 215 -16.71 27.05 -7.92
N LEU B 216 -16.29 28.30 -7.75
CA LEU B 216 -15.27 28.63 -6.78
C LEU B 216 -15.81 28.43 -5.36
N LYS B 217 -14.97 27.88 -4.50
CA LYS B 217 -15.36 27.59 -3.11
C LYS B 217 -14.67 28.51 -2.12
N ARG B 218 -13.34 28.55 -2.14
CA ARG B 218 -12.58 29.56 -1.40
C ARG B 218 -11.19 29.63 -1.99
N ALA B 219 -10.51 30.73 -1.71
CA ALA B 219 -9.16 30.96 -2.21
C ALA B 219 -8.32 31.65 -1.15
N HIS B 220 -7.09 31.20 -0.99
CA HIS B 220 -6.16 31.78 -0.03
C HIS B 220 -4.94 32.26 -0.78
N LEU B 221 -4.66 33.56 -0.70
CA LEU B 221 -3.56 34.18 -1.43
C LEU B 221 -2.64 34.88 -0.44
N ILE B 222 -1.33 34.67 -0.59
CA ILE B 222 -0.34 35.40 0.19
C ILE B 222 0.48 36.34 -0.67
N GLU B 223 0.08 36.56 -1.91
CA GLU B 223 0.73 37.50 -2.81
C GLU B 223 -0.16 37.65 -4.04
N MET B 224 -0.14 38.83 -4.63
CA MET B 224 -0.88 39.11 -5.86
C MET B 224 0.10 39.35 -6.99
N LYS B 225 0.14 38.42 -7.93
CA LYS B 225 1.08 38.42 -9.04
C LYS B 225 0.41 39.01 -10.28
N THR B 226 1.20 39.18 -11.34
CA THR B 226 0.69 39.66 -12.62
C THR B 226 1.18 38.83 -13.79
N CYS B 227 1.84 37.70 -13.56
CA CYS B 227 2.13 36.78 -14.64
C CYS B 227 0.84 36.10 -15.06
N GLU B 228 0.95 35.18 -16.01
CA GLU B 228 -0.21 34.48 -16.55
C GLU B 228 -0.13 33.01 -16.20
N TRP B 229 -1.24 32.46 -15.71
CA TRP B 229 -1.30 31.03 -15.41
C TRP B 229 -1.29 30.23 -16.71
N PRO B 230 -0.39 29.26 -16.85
CA PRO B 230 -0.33 28.48 -18.10
C PRO B 230 -1.57 27.63 -18.32
N LYS B 231 -1.94 27.47 -19.59
CA LYS B 231 -3.09 26.66 -19.94
C LYS B 231 -2.83 25.17 -19.81
N SER B 232 -1.56 24.74 -19.87
CA SER B 232 -1.23 23.34 -19.71
C SER B 232 -1.49 22.84 -18.28
N HIS B 233 -1.60 23.76 -17.33
CA HIS B 233 -1.81 23.42 -15.92
C HIS B 233 -3.17 23.88 -15.43
N THR B 234 -4.17 23.91 -16.30
CA THR B 234 -5.50 24.43 -15.99
C THR B 234 -6.55 23.41 -16.43
N LEU B 235 -7.56 23.21 -15.59
CA LEU B 235 -8.67 22.32 -15.92
C LEU B 235 -9.79 23.10 -16.59
N TRP B 236 -10.32 22.56 -17.70
CA TRP B 236 -11.51 23.08 -18.37
C TRP B 236 -11.29 24.52 -18.84
N THR B 237 -10.40 24.66 -19.81
CA THR B 237 -9.99 25.96 -20.32
C THR B 237 -10.87 26.49 -21.45
N ASP B 238 -11.77 25.70 -22.00
CA ASP B 238 -12.51 26.12 -23.18
C ASP B 238 -13.92 26.58 -22.81
N GLY B 239 -14.48 27.44 -23.66
CA GLY B 239 -15.82 27.95 -23.47
C GLY B 239 -15.98 28.86 -22.27
N ILE B 240 -14.98 29.68 -21.98
CA ILE B 240 -15.00 30.56 -20.82
C ILE B 240 -14.56 31.94 -21.25
N GLU B 241 -15.24 32.96 -20.73
CA GLU B 241 -14.92 34.35 -21.04
C GLU B 241 -14.18 34.99 -19.88
N GLU B 242 -13.29 35.94 -20.20
CA GLU B 242 -12.49 36.62 -19.20
C GLU B 242 -13.31 37.51 -18.29
N SER B 243 -14.56 37.80 -18.65
CA SER B 243 -15.44 38.65 -17.87
C SER B 243 -16.13 37.89 -16.74
N ASP B 244 -15.95 36.57 -16.67
CA ASP B 244 -16.57 35.75 -15.65
C ASP B 244 -15.60 35.27 -14.59
N LEU B 245 -14.30 35.40 -14.81
CA LEU B 245 -13.32 34.90 -13.87
C LEU B 245 -13.25 35.81 -12.65
N ILE B 246 -13.48 35.25 -11.47
CA ILE B 246 -13.53 36.06 -10.25
C ILE B 246 -12.16 36.66 -9.96
N ILE B 247 -11.12 35.84 -9.95
CA ILE B 247 -9.75 36.34 -9.85
C ILE B 247 -9.31 36.69 -11.27
N PRO B 248 -9.10 37.95 -11.59
CA PRO B 248 -8.88 38.33 -12.99
C PRO B 248 -7.62 37.72 -13.56
N LYS B 249 -7.66 37.47 -14.87
CA LYS B 249 -6.53 36.92 -15.59
C LYS B 249 -5.30 37.83 -15.48
N SER B 250 -5.50 39.13 -15.28
CA SER B 250 -4.40 40.06 -15.07
C SER B 250 -3.67 39.82 -13.76
N LEU B 251 -4.25 39.03 -12.85
CA LEU B 251 -3.66 38.75 -11.55
C LEU B 251 -3.29 37.28 -11.40
N ALA B 252 -2.93 36.63 -12.52
CA ALA B 252 -2.52 35.23 -12.53
C ALA B 252 -3.63 34.29 -12.06
N GLY B 253 -4.87 34.62 -12.41
CA GLY B 253 -5.97 33.73 -12.20
C GLY B 253 -6.13 32.77 -13.36
N PRO B 254 -6.54 31.53 -13.08
CA PRO B 254 -6.66 30.53 -14.14
C PRO B 254 -7.87 30.75 -15.03
N LEU B 255 -7.66 30.61 -16.34
CA LEU B 255 -8.75 30.65 -17.32
C LEU B 255 -9.52 29.34 -17.27
N SER B 256 -10.30 29.18 -16.21
CA SER B 256 -10.95 27.93 -15.89
C SER B 256 -12.40 28.15 -15.51
N HIS B 257 -13.22 27.13 -15.74
CA HIS B 257 -14.59 27.15 -15.25
C HIS B 257 -14.67 26.94 -13.74
N HIS B 258 -13.60 26.50 -13.12
CA HIS B 258 -13.50 26.38 -11.67
C HIS B 258 -13.23 27.72 -11.00
N ASN B 259 -13.06 28.79 -11.77
CA ASN B 259 -12.77 30.12 -11.27
C ASN B 259 -13.98 31.03 -11.41
N THR B 260 -15.18 30.47 -11.35
CA THR B 260 -16.41 31.23 -11.56
C THR B 260 -17.37 30.98 -10.42
N ARG B 261 -18.27 31.95 -10.21
CA ARG B 261 -19.38 31.82 -9.29
C ARG B 261 -20.58 32.54 -9.89
N GLU B 262 -21.74 31.88 -9.85
CA GLU B 262 -22.93 32.42 -10.50
C GLU B 262 -23.34 33.75 -9.87
N GLY B 263 -23.67 34.72 -10.72
CA GLY B 263 -24.11 36.02 -10.28
C GLY B 263 -23.02 37.04 -10.07
N TYR B 264 -21.76 36.67 -10.23
CA TYR B 264 -20.64 37.57 -10.02
C TYR B 264 -19.76 37.64 -11.26
N ARG B 265 -19.07 38.76 -11.41
CA ARG B 265 -18.15 38.98 -12.52
C ARG B 265 -16.75 39.20 -11.97
N THR B 266 -15.84 39.59 -12.86
CA THR B 266 -14.44 39.74 -12.49
C THR B 266 -14.27 40.89 -11.51
N GLN B 267 -13.45 40.66 -10.48
CA GLN B 267 -13.27 41.63 -9.39
C GLN B 267 -12.03 42.47 -9.71
N MET B 268 -12.19 43.39 -10.65
CA MET B 268 -11.07 44.24 -11.03
C MET B 268 -10.70 45.22 -9.93
N LYS B 269 -11.66 45.61 -9.10
CA LYS B 269 -11.41 46.62 -8.08
C LYS B 269 -11.52 46.07 -6.68
N GLY B 270 -10.98 44.87 -6.45
CA GLY B 270 -10.89 44.34 -5.11
C GLY B 270 -9.74 44.95 -4.35
N PRO B 271 -9.60 44.53 -3.09
CA PRO B 271 -8.52 45.09 -2.24
C PRO B 271 -7.18 44.43 -2.50
N TRP B 272 -6.66 44.62 -3.72
CA TRP B 272 -5.40 43.99 -4.10
C TRP B 272 -4.19 44.72 -3.54
N HIS B 273 -4.37 45.87 -2.89
CA HIS B 273 -3.28 46.53 -2.18
C HIS B 273 -2.87 45.78 -0.93
N SER B 274 -3.65 44.79 -0.50
CA SER B 274 -3.41 44.08 0.75
C SER B 274 -2.14 43.26 0.67
N GLU B 275 -1.82 42.58 1.77
CA GLU B 275 -0.61 41.78 1.86
C GLU B 275 -0.88 40.28 1.94
N GLU B 276 -2.08 39.88 2.34
CA GLU B 276 -2.46 38.46 2.36
C GLU B 276 -3.98 38.41 2.42
N LEU B 277 -4.60 37.87 1.38
CA LEU B 277 -6.03 37.90 1.22
C LEU B 277 -6.62 36.52 1.43
N GLU B 278 -7.94 36.47 1.58
CA GLU B 278 -8.63 35.21 1.79
C GLU B 278 -10.08 35.39 1.33
N ILE B 279 -10.43 34.76 0.21
CA ILE B 279 -11.76 34.88 -0.36
C ILE B 279 -12.65 33.77 0.18
N ARG B 280 -13.82 34.13 0.69
CA ARG B 280 -14.81 33.13 1.08
C ARG B 280 -16.18 33.74 0.91
N PHE B 281 -17.17 32.85 0.76
CA PHE B 281 -18.55 33.26 0.47
C PHE B 281 -19.39 33.15 1.74
N GLU B 282 -19.30 34.20 2.56
CA GLU B 282 -19.89 34.26 3.88
C GLU B 282 -19.93 35.72 4.31
N GLU B 283 -21.01 36.10 5.00
CA GLU B 283 -21.19 37.49 5.39
C GLU B 283 -20.20 37.89 6.47
N CYS B 284 -19.77 39.15 6.41
CA CYS B 284 -18.94 39.70 7.47
C CYS B 284 -19.74 39.73 8.77
N PRO B 285 -19.07 39.61 9.92
CA PRO B 285 -19.80 39.53 11.20
C PRO B 285 -20.64 40.79 11.44
N GLY B 286 -21.86 40.56 11.91
CA GLY B 286 -22.78 41.65 12.19
C GLY B 286 -23.25 42.42 10.97
N THR B 287 -23.51 41.72 9.86
CA THR B 287 -23.98 42.35 8.64
C THR B 287 -25.06 41.49 8.02
N LYS B 288 -25.89 42.12 7.18
CA LYS B 288 -26.96 41.43 6.47
C LYS B 288 -27.00 41.93 5.04
N VAL B 289 -27.08 41.00 4.08
CA VAL B 289 -27.13 41.34 2.66
C VAL B 289 -28.44 40.81 2.09
N HIS B 290 -29.20 41.69 1.44
CA HIS B 290 -30.47 41.34 0.84
C HIS B 290 -30.43 41.64 -0.65
N VAL B 291 -30.97 40.72 -1.45
CA VAL B 291 -31.04 40.89 -2.90
C VAL B 291 -32.17 41.86 -3.20
N GLU B 292 -31.82 43.06 -3.66
CA GLU B 292 -32.77 44.14 -3.88
C GLU B 292 -32.69 44.62 -5.31
N GLU B 293 -33.85 44.85 -5.92
CA GLU B 293 -33.93 45.33 -7.28
C GLU B 293 -33.68 46.83 -7.39
N THR B 294 -33.51 47.52 -6.26
CA THR B 294 -33.34 48.97 -6.21
C THR B 294 -32.04 49.31 -5.49
N CYS B 295 -30.95 48.64 -5.86
CA CYS B 295 -29.65 48.86 -5.25
C CYS B 295 -28.69 49.44 -6.28
N GLY B 296 -27.71 50.19 -5.79
CA GLY B 296 -26.78 50.87 -6.66
C GLY B 296 -25.89 49.90 -7.43
N THR B 297 -25.31 50.41 -8.51
CA THR B 297 -24.51 49.60 -9.40
C THR B 297 -23.16 49.28 -8.76
N ARG B 298 -22.30 48.63 -9.53
CA ARG B 298 -21.03 48.13 -9.02
C ARG B 298 -19.90 49.12 -9.29
N GLY B 299 -18.83 48.98 -8.51
CA GLY B 299 -17.69 49.86 -8.58
C GLY B 299 -16.63 49.40 -7.59
N PRO B 300 -15.88 50.34 -7.02
CA PRO B 300 -14.83 49.94 -6.07
C PRO B 300 -15.39 49.23 -4.85
N SER B 301 -14.62 48.29 -4.33
CA SER B 301 -15.02 47.50 -3.18
C SER B 301 -15.00 48.35 -1.91
N LEU B 302 -15.91 48.06 -0.98
CA LEU B 302 -16.04 48.81 0.25
C LEU B 302 -15.76 47.92 1.46
N ARG B 303 -15.28 48.54 2.53
CA ARG B 303 -15.00 47.85 3.78
C ARG B 303 -16.14 48.05 4.78
N SER B 304 -16.45 46.97 5.51
CA SER B 304 -17.59 46.99 6.43
C SER B 304 -17.40 47.98 7.56
N THR B 305 -16.19 48.10 8.10
CA THR B 305 -15.91 49.01 9.21
C THR B 305 -15.38 50.34 8.67
N THR B 306 -15.98 51.43 9.13
CA THR B 306 -15.52 52.75 8.75
C THR B 306 -14.16 53.03 9.42
N ALA B 307 -13.47 54.07 8.94
CA ALA B 307 -12.17 54.40 9.50
C ALA B 307 -12.24 54.76 10.98
N SER B 308 -13.42 55.09 11.50
CA SER B 308 -13.62 55.40 12.90
C SER B 308 -14.02 54.18 13.73
N GLY B 309 -14.09 52.99 13.11
CA GLY B 309 -14.44 51.78 13.81
C GLY B 309 -15.90 51.38 13.75
N ARG B 310 -16.78 52.26 13.29
CA ARG B 310 -18.19 51.91 13.18
C ARG B 310 -18.40 50.86 12.09
N VAL B 311 -19.27 49.88 12.38
CA VAL B 311 -19.57 48.81 11.44
C VAL B 311 -20.87 49.13 10.73
N ILE B 312 -20.83 49.10 9.40
CA ILE B 312 -22.04 49.26 8.60
C ILE B 312 -22.79 47.93 8.63
N GLU B 313 -24.12 47.99 8.58
CA GLU B 313 -24.90 46.78 8.85
C GLU B 313 -25.79 46.34 7.70
N GLU B 314 -26.39 47.27 6.95
CA GLU B 314 -27.36 46.93 5.92
C GLU B 314 -26.74 47.10 4.54
N TRP B 315 -26.81 46.05 3.74
CA TRP B 315 -26.24 46.04 2.39
C TRP B 315 -27.24 45.44 1.42
N CYS B 316 -27.07 45.77 0.13
CA CYS B 316 -27.94 45.27 -0.91
C CYS B 316 -27.10 44.89 -2.13
N CYS B 317 -27.69 44.06 -2.99
CA CYS B 317 -27.11 43.74 -4.29
C CYS B 317 -28.24 43.57 -5.30
N ARG B 318 -27.92 43.82 -6.56
CA ARG B 318 -28.96 43.87 -7.60
C ARG B 318 -29.47 42.48 -7.93
N GLU B 319 -28.61 41.61 -8.44
CA GLU B 319 -29.01 40.23 -8.72
C GLU B 319 -27.92 39.22 -8.36
N CYS B 320 -27.12 39.53 -7.35
CA CYS B 320 -26.11 38.59 -6.88
C CYS B 320 -26.78 37.39 -6.20
N THR B 321 -25.97 36.41 -5.82
CA THR B 321 -26.44 35.16 -5.25
C THR B 321 -25.88 34.99 -3.84
N MET B 322 -26.76 34.68 -2.89
CA MET B 322 -26.36 34.39 -1.52
C MET B 322 -25.72 33.02 -1.43
N PRO B 323 -24.71 32.85 -0.55
CA PRO B 323 -24.08 33.87 0.30
C PRO B 323 -23.16 34.81 -0.49
N PRO B 324 -22.88 35.99 0.06
CA PRO B 324 -22.14 37.00 -0.70
C PRO B 324 -20.65 36.76 -0.71
N LEU B 325 -19.99 37.40 -1.67
CA LEU B 325 -18.54 37.34 -1.80
C LEU B 325 -17.90 38.31 -0.82
N SER B 326 -16.85 37.85 -0.14
CA SER B 326 -16.14 38.71 0.80
C SER B 326 -14.64 38.43 0.72
N PHE B 327 -13.85 39.45 1.06
CA PHE B 327 -12.41 39.34 1.15
C PHE B 327 -12.01 39.55 2.60
N ARG B 328 -11.26 38.59 3.16
CA ARG B 328 -10.86 38.64 4.57
C ARG B 328 -9.44 39.16 4.67
N ALA B 329 -9.31 40.48 4.59
CA ALA B 329 -7.99 41.08 4.75
C ALA B 329 -7.54 40.99 6.20
N LYS B 330 -6.26 41.29 6.41
CA LYS B 330 -5.72 41.27 7.78
C LYS B 330 -6.27 42.41 8.60
N ASP B 331 -6.74 43.48 7.94
CA ASP B 331 -7.19 44.68 8.63
C ASP B 331 -8.69 44.94 8.45
N GLY B 332 -9.46 43.96 7.98
CA GLY B 332 -10.88 44.20 7.78
C GLY B 332 -11.57 43.04 7.12
N CYS B 333 -12.79 43.30 6.66
CA CYS B 333 -13.63 42.32 5.98
C CYS B 333 -14.37 43.05 4.87
N TRP B 334 -13.80 43.04 3.67
CA TRP B 334 -14.38 43.77 2.55
C TRP B 334 -15.49 42.95 1.89
N TYR B 335 -16.25 43.60 1.02
CA TYR B 335 -17.31 42.95 0.25
C TYR B 335 -16.95 42.93 -1.23
N GLY B 336 -17.72 42.16 -1.98
CA GLY B 336 -17.55 42.10 -3.41
C GLY B 336 -17.95 43.39 -4.07
N MET B 337 -17.77 43.44 -5.37
CA MET B 337 -18.00 44.68 -6.12
C MET B 337 -19.48 44.93 -6.36
N GLU B 338 -20.33 43.92 -6.21
CA GLU B 338 -21.76 44.07 -6.47
C GLU B 338 -22.57 44.46 -5.24
N ILE B 339 -21.98 44.45 -4.05
CA ILE B 339 -22.72 44.59 -2.80
C ILE B 339 -22.58 46.03 -2.31
N ARG B 340 -23.72 46.68 -2.07
CA ARG B 340 -23.79 48.10 -1.74
C ARG B 340 -24.69 48.33 -0.55
N PRO B 341 -24.46 49.40 0.21
CA PRO B 341 -25.34 49.71 1.34
C PRO B 341 -26.68 50.25 0.88
N ARG B 342 -27.65 50.23 1.81
CA ARG B 342 -28.96 50.78 1.50
C ARG B 342 -29.11 52.21 2.02
N LYS B 343 -28.82 52.43 3.30
CA LYS B 343 -29.04 53.71 3.95
C LYS B 343 -27.79 54.58 3.98
N GLU B 344 -26.69 54.07 4.52
CA GLU B 344 -25.49 54.87 4.66
C GLU B 344 -24.93 55.22 3.28
N PRO B 345 -24.60 56.49 3.02
CA PRO B 345 -23.89 56.82 1.78
C PRO B 345 -22.47 56.27 1.80
N GLU B 346 -21.96 55.98 0.60
CA GLU B 346 -20.66 55.38 0.44
C GLU B 346 -19.54 56.41 0.29
N SER B 347 -19.86 57.70 0.39
CA SER B 347 -18.83 58.72 0.30
C SER B 347 -17.94 58.75 1.54
N ASN B 348 -18.40 58.16 2.64
CA ASN B 348 -17.67 58.18 3.90
C ASN B 348 -16.99 56.86 4.23
N LEU B 349 -17.30 55.80 3.50
CA LEU B 349 -16.68 54.51 3.75
C LEU B 349 -15.28 54.47 3.15
N VAL B 350 -14.57 53.37 3.41
CA VAL B 350 -13.22 53.15 2.90
C VAL B 350 -13.30 52.31 1.65
N ARG B 351 -12.60 52.73 0.60
CA ARG B 351 -12.62 52.07 -0.70
C ARG B 351 -11.22 51.68 -1.10
N SER B 352 -11.14 50.75 -2.06
CA SER B 352 -9.86 50.32 -2.60
C SER B 352 -9.44 51.24 -3.74
N MET B 353 -8.17 51.68 -3.70
CA MET B 353 -7.66 52.63 -4.67
C MET B 353 -6.81 51.99 -5.77
N VAL B 354 -6.80 50.67 -5.87
CA VAL B 354 -6.05 49.97 -6.91
C VAL B 354 -7.04 49.22 -7.81
N THR B 355 -6.62 48.99 -9.04
CA THR B 355 -7.40 48.23 -10.01
C THR B 355 -6.49 47.26 -10.72
N ALA B 356 -7.06 46.15 -11.17
CA ALA B 356 -6.29 45.12 -11.84
C ALA B 356 -5.99 45.51 -13.28
N VAL C 2 18.83 36.92 -37.85
CA VAL C 2 17.68 36.02 -37.98
C VAL C 2 16.93 36.32 -39.28
N GLN C 3 16.30 35.29 -39.85
CA GLN C 3 15.57 35.42 -41.09
C GLN C 3 14.19 34.81 -40.95
N LEU C 4 13.19 35.48 -41.52
CA LEU C 4 11.84 34.97 -41.62
C LEU C 4 11.36 35.12 -43.05
N VAL C 5 10.89 34.02 -43.65
CA VAL C 5 10.46 34.03 -45.04
C VAL C 5 9.15 33.25 -45.13
N GLU C 6 8.05 33.95 -45.37
CA GLU C 6 6.74 33.33 -45.52
C GLU C 6 6.36 33.19 -46.99
N SER C 7 5.71 32.07 -47.31
CA SER C 7 5.72 31.52 -48.66
C SER C 7 4.37 31.47 -49.34
N GLY C 8 3.37 30.82 -48.74
CA GLY C 8 2.26 30.30 -49.51
C GLY C 8 1.05 31.18 -49.73
N GLY C 9 1.25 32.41 -50.21
CA GLY C 9 0.13 33.31 -50.40
C GLY C 9 -0.18 33.60 -51.86
N GLY C 10 -1.39 33.25 -52.29
CA GLY C 10 -1.80 33.49 -53.66
C GLY C 10 -3.23 33.99 -53.78
N LEU C 11 -3.87 33.71 -54.92
CA LEU C 11 -5.24 34.12 -55.17
C LEU C 11 -6.17 32.94 -54.94
N ILE C 12 -7.35 33.23 -54.40
CA ILE C 12 -8.28 32.19 -53.98
C ILE C 12 -9.70 32.73 -54.11
N GLN C 13 -10.64 31.84 -54.40
CA GLN C 13 -12.04 32.23 -54.53
C GLN C 13 -12.66 32.44 -53.15
N PRO C 14 -13.57 33.39 -53.01
CA PRO C 14 -14.24 33.59 -51.72
C PRO C 14 -14.99 32.33 -51.29
N GLY C 15 -14.94 32.04 -49.99
CA GLY C 15 -15.47 30.82 -49.45
C GLY C 15 -14.51 29.66 -49.46
N GLY C 16 -13.32 29.82 -50.03
CA GLY C 16 -12.34 28.76 -50.09
C GLY C 16 -11.43 28.75 -48.88
N SER C 17 -10.32 28.02 -49.02
CA SER C 17 -9.36 27.85 -47.94
C SER C 17 -7.94 28.03 -48.49
N LEU C 18 -7.03 28.38 -47.59
CA LEU C 18 -5.63 28.60 -47.94
C LEU C 18 -4.79 28.28 -46.71
N ARG C 19 -3.48 28.12 -46.95
CA ARG C 19 -2.55 27.82 -45.88
C ARG C 19 -1.23 28.54 -46.14
N LEU C 20 -0.82 29.38 -45.20
CA LEU C 20 0.45 30.08 -45.26
C LEU C 20 1.49 29.38 -44.39
N SER C 21 2.75 29.63 -44.71
CA SER C 21 3.87 29.06 -43.96
C SER C 21 4.89 30.16 -43.70
N CYS C 22 5.67 29.98 -42.64
CA CYS C 22 6.71 30.93 -42.27
C CYS C 22 7.91 30.15 -41.78
N ALA C 23 9.01 30.19 -42.53
CA ALA C 23 10.22 29.47 -42.20
C ALA C 23 11.19 30.39 -41.45
N ALA C 24 11.74 29.88 -40.35
CA ALA C 24 12.60 30.65 -39.48
C ALA C 24 14.06 30.21 -39.63
N SER C 25 14.95 31.18 -39.71
CA SER C 25 16.38 30.95 -39.82
C SER C 25 17.10 31.75 -38.73
N GLY C 26 18.09 31.13 -38.11
CA GLY C 26 18.87 31.77 -37.07
C GLY C 26 18.34 31.59 -35.67
N PHE C 27 17.16 31.01 -35.50
CA PHE C 27 16.62 30.70 -34.19
C PHE C 27 15.60 29.59 -34.34
N THR C 28 15.24 28.98 -33.21
CA THR C 28 14.23 27.95 -33.18
C THR C 28 12.89 28.56 -32.74
N ILE C 29 11.81 28.13 -33.39
CA ILE C 29 10.51 28.74 -33.15
C ILE C 29 9.92 28.37 -31.81
N SER C 30 10.38 27.29 -31.19
CA SER C 30 9.82 26.87 -29.92
C SER C 30 10.25 27.74 -28.75
N SER C 31 10.96 28.84 -29.00
CA SER C 31 11.47 29.70 -27.95
C SER C 31 10.98 31.14 -28.04
N LYS C 32 10.11 31.45 -29.01
CA LYS C 32 9.69 32.82 -29.24
C LYS C 32 8.19 32.86 -29.46
N TYR C 33 7.62 34.05 -29.26
CA TYR C 33 6.19 34.27 -29.43
C TYR C 33 5.92 34.68 -30.87
N MET C 34 5.42 33.76 -31.67
CA MET C 34 5.11 33.99 -33.07
C MET C 34 3.70 34.55 -33.24
N SER C 35 3.54 35.45 -34.20
CA SER C 35 2.29 36.16 -34.42
C SER C 35 2.11 36.40 -35.91
N TRP C 36 0.87 36.67 -36.30
CA TRP C 36 0.53 36.99 -37.69
C TRP C 36 -0.17 38.33 -37.74
N VAL C 37 0.31 39.21 -38.61
CA VAL C 37 -0.24 40.55 -38.80
C VAL C 37 -0.53 40.76 -40.28
N ARG C 38 -1.61 41.45 -40.59
CA ARG C 38 -1.99 41.71 -41.97
C ARG C 38 -2.22 43.19 -42.19
N GLN C 39 -1.97 43.64 -43.43
CA GLN C 39 -2.13 45.04 -43.82
C GLN C 39 -2.98 45.09 -45.08
N ALA C 40 -4.21 45.58 -44.95
CA ALA C 40 -5.09 45.69 -46.11
C ALA C 40 -4.54 46.73 -47.07
N PRO C 41 -4.74 46.56 -48.38
CA PRO C 41 -4.23 47.54 -49.35
C PRO C 41 -4.86 48.90 -49.14
N GLY C 42 -4.01 49.89 -48.84
CA GLY C 42 -4.47 51.23 -48.57
C GLY C 42 -4.84 51.52 -47.12
N LYS C 43 -4.78 50.53 -46.25
CA LYS C 43 -5.20 50.67 -44.87
C LYS C 43 -4.02 50.45 -43.92
N GLY C 44 -4.30 50.41 -42.63
CA GLY C 44 -3.29 50.19 -41.61
C GLY C 44 -3.14 48.73 -41.26
N LEU C 45 -2.42 48.49 -40.17
CA LEU C 45 -2.10 47.14 -39.73
C LEU C 45 -3.17 46.59 -38.79
N GLU C 46 -3.19 45.26 -38.65
CA GLU C 46 -4.14 44.62 -37.76
C GLU C 46 -3.58 43.27 -37.32
N TRP C 47 -3.62 43.01 -36.01
CA TRP C 47 -3.11 41.78 -35.43
C TRP C 47 -4.15 40.68 -35.54
N VAL C 48 -3.69 39.48 -35.92
CA VAL C 48 -4.59 38.35 -36.20
C VAL C 48 -4.53 37.30 -35.09
N SER C 49 -3.36 36.72 -34.85
CA SER C 49 -3.26 35.65 -33.86
C SER C 49 -1.83 35.54 -33.37
N ILE C 50 -1.67 34.88 -32.23
CA ILE C 50 -0.37 34.66 -31.61
C ILE C 50 -0.32 33.24 -31.06
N ILE C 51 0.90 32.69 -30.98
CA ILE C 51 1.14 31.43 -30.31
C ILE C 51 2.26 31.62 -29.30
N TYR C 52 2.04 31.17 -28.07
CA TYR C 52 3.04 31.30 -27.03
C TYR C 52 4.16 30.30 -27.23
N SER C 53 5.26 30.51 -26.52
CA SER C 53 6.33 29.53 -26.55
C SER C 53 5.90 28.19 -25.96
N SER C 54 4.99 28.23 -24.99
CA SER C 54 4.48 27.02 -24.36
C SER C 54 3.39 26.32 -25.18
N GLY C 55 2.80 27.00 -26.16
CA GLY C 55 1.83 26.38 -27.04
C GLY C 55 0.44 26.98 -26.98
N SER C 56 0.19 27.99 -26.15
CA SER C 56 -1.13 28.59 -26.04
C SER C 56 -1.37 29.58 -27.18
N THR C 57 -2.60 29.60 -27.69
CA THR C 57 -2.96 30.40 -28.86
C THR C 57 -4.11 31.34 -28.53
N TYR C 58 -4.06 32.54 -29.10
CA TYR C 58 -5.11 33.53 -28.95
C TYR C 58 -5.41 34.15 -30.32
N TYR C 59 -6.63 34.65 -30.46
CA TYR C 59 -7.11 35.13 -31.75
C TYR C 59 -7.88 36.43 -31.58
N ALA C 60 -8.07 37.13 -32.69
CA ALA C 60 -8.93 38.31 -32.72
C ALA C 60 -10.37 37.91 -33.00
N ASP C 61 -11.30 38.79 -32.61
CA ASP C 61 -12.71 38.49 -32.82
C ASP C 61 -13.05 38.38 -34.30
N SER C 62 -12.29 39.06 -35.16
CA SER C 62 -12.56 39.01 -36.59
C SER C 62 -12.40 37.59 -37.13
N VAL C 63 -11.40 36.87 -36.66
CA VAL C 63 -10.99 35.59 -37.22
C VAL C 63 -11.12 34.46 -36.19
N LYS C 64 -12.00 34.65 -35.21
CA LYS C 64 -11.96 33.82 -34.00
C LYS C 64 -12.15 32.34 -34.31
N GLY C 65 -13.18 32.01 -35.08
CA GLY C 65 -13.48 30.62 -35.33
C GLY C 65 -12.99 30.05 -36.63
N ARG C 66 -12.45 30.88 -37.52
CA ARG C 66 -12.10 30.45 -38.87
C ARG C 66 -10.61 30.16 -39.05
N PHE C 67 -9.73 31.01 -38.53
CA PHE C 67 -8.30 30.78 -38.67
C PHE C 67 -7.79 29.94 -37.50
N THR C 68 -6.66 29.26 -37.74
CA THR C 68 -5.97 28.53 -36.69
C THR C 68 -4.47 28.59 -36.93
N ILE C 69 -3.71 28.69 -35.84
CA ILE C 69 -2.26 28.85 -35.91
C ILE C 69 -1.61 27.61 -35.32
N SER C 70 -0.46 27.24 -35.89
CA SER C 70 0.24 26.03 -35.50
C SER C 70 1.70 26.16 -35.89
N ARG C 71 2.50 25.20 -35.47
CA ARG C 71 3.92 25.19 -35.80
C ARG C 71 4.44 23.76 -35.83
N ASP C 72 5.57 23.59 -36.52
CA ASP C 72 6.26 22.31 -36.58
C ASP C 72 7.72 22.54 -36.18
N ILE C 73 8.20 21.79 -35.19
CA ILE C 73 9.56 21.96 -34.72
C ILE C 73 10.55 21.16 -35.56
N SER C 74 10.11 20.09 -36.22
CA SER C 74 11.00 19.34 -37.10
C SER C 74 11.49 20.21 -38.24
N LYS C 75 10.56 20.86 -38.94
CA LYS C 75 10.92 21.74 -40.05
C LYS C 75 11.21 23.17 -39.62
N ASN C 76 10.95 23.51 -38.36
CA ASN C 76 11.14 24.86 -37.83
C ASN C 76 10.31 25.87 -38.64
N THR C 77 9.00 25.62 -38.67
CA THR C 77 8.09 26.34 -39.55
C THR C 77 6.83 26.71 -38.78
N LEU C 78 6.30 27.90 -39.09
CA LEU C 78 5.04 28.39 -38.53
C LEU C 78 3.96 28.39 -39.61
N TYR C 79 2.78 27.89 -39.27
CA TYR C 79 1.68 27.77 -40.22
C TYR C 79 0.52 28.68 -39.82
N LEU C 80 -0.39 28.87 -40.79
CA LEU C 80 -1.64 29.57 -40.53
C LEU C 80 -2.68 29.01 -41.49
N GLN C 81 -3.68 28.31 -40.97
CA GLN C 81 -4.73 27.74 -41.79
C GLN C 81 -5.90 28.72 -41.86
N MET C 82 -6.28 29.09 -43.08
CA MET C 82 -7.30 30.10 -43.34
C MET C 82 -8.50 29.38 -43.94
N ASN C 83 -9.64 29.45 -43.27
CA ASN C 83 -10.83 28.71 -43.67
C ASN C 83 -12.00 29.65 -43.91
N SER C 84 -12.83 29.30 -44.88
CA SER C 84 -14.06 30.01 -45.22
C SER C 84 -13.79 31.50 -45.43
N LEU C 85 -12.92 31.76 -46.40
CA LEU C 85 -12.47 33.12 -46.65
C LEU C 85 -13.60 33.99 -47.18
N ARG C 86 -13.58 35.25 -46.77
CA ARG C 86 -14.56 36.24 -47.20
C ARG C 86 -13.82 37.38 -47.91
N ALA C 87 -14.59 38.34 -48.42
CA ALA C 87 -14.01 39.36 -49.29
C ALA C 87 -12.98 40.21 -48.57
N GLU C 88 -13.24 40.59 -47.33
CA GLU C 88 -12.39 41.52 -46.60
C GLU C 88 -11.21 40.85 -45.91
N ASP C 89 -10.82 39.66 -46.35
CA ASP C 89 -9.64 38.98 -45.83
C ASP C 89 -8.40 39.24 -46.67
N THR C 90 -8.52 40.00 -47.74
CA THR C 90 -7.38 40.24 -48.64
C THR C 90 -6.44 41.29 -48.05
N ALA C 91 -5.15 40.96 -48.02
CA ALA C 91 -4.13 41.81 -47.43
C ALA C 91 -2.76 41.20 -47.63
N VAL C 92 -1.72 41.91 -47.21
CA VAL C 92 -0.37 41.34 -47.14
C VAL C 92 -0.16 40.81 -45.73
N TYR C 93 0.24 39.56 -45.61
CA TYR C 93 0.33 38.88 -44.32
C TYR C 93 1.78 38.76 -43.89
N TYR C 94 2.08 39.25 -42.69
CA TYR C 94 3.42 39.27 -42.15
C TYR C 94 3.57 38.26 -41.01
N CYS C 95 4.82 38.02 -40.63
CA CYS C 95 5.19 37.00 -39.66
C CYS C 95 6.18 37.64 -38.70
N ALA C 96 5.75 37.91 -37.47
CA ALA C 96 6.51 38.73 -36.53
C ALA C 96 6.71 38.00 -35.21
N SER C 97 7.75 38.40 -34.49
CA SER C 97 8.08 37.83 -33.19
C SER C 97 8.07 38.89 -32.11
N LEU C 98 7.67 38.49 -30.91
CA LEU C 98 7.54 39.40 -29.77
C LEU C 98 8.86 39.39 -29.00
N GLY C 99 9.54 40.54 -28.98
CA GLY C 99 10.88 40.57 -28.41
C GLY C 99 11.03 41.15 -27.02
N SER C 100 10.49 42.34 -26.79
CA SER C 100 10.68 43.08 -25.56
C SER C 100 9.74 44.27 -25.57
N GLY C 101 9.49 44.83 -24.40
CA GLY C 101 8.25 45.56 -24.25
C GLY C 101 7.16 44.54 -24.49
N SER C 102 6.29 44.78 -25.45
CA SER C 102 5.57 43.70 -26.11
C SER C 102 5.45 44.01 -27.60
N ALA C 103 6.54 44.47 -28.19
CA ALA C 103 6.57 44.92 -29.58
C ALA C 103 7.24 43.88 -30.46
N PHE C 104 6.97 43.98 -31.76
CA PHE C 104 7.47 43.03 -32.75
C PHE C 104 8.80 43.53 -33.30
N GLY C 105 9.86 42.78 -33.04
CA GLY C 105 11.19 43.20 -33.43
C GLY C 105 11.62 42.70 -34.80
N TYR C 106 11.27 41.46 -35.13
CA TYR C 106 11.62 40.86 -36.40
C TYR C 106 10.35 40.55 -37.20
N TRP C 107 10.36 40.96 -38.46
CA TRP C 107 9.23 40.76 -39.36
C TRP C 107 9.67 39.93 -40.55
N GLY C 108 8.71 39.50 -41.36
CA GLY C 108 8.96 38.88 -42.63
C GLY C 108 8.92 39.88 -43.77
N GLN C 109 8.68 39.37 -44.97
CA GLN C 109 8.56 40.23 -46.14
C GLN C 109 7.13 40.43 -46.61
N GLY C 110 6.18 39.66 -46.09
CA GLY C 110 4.81 39.74 -46.52
C GLY C 110 4.51 38.75 -47.64
N THR C 111 3.23 38.39 -47.76
CA THR C 111 2.78 37.55 -48.86
C THR C 111 1.34 37.93 -49.16
N LEU C 112 1.07 38.28 -50.41
CA LEU C 112 -0.22 38.82 -50.78
C LEU C 112 -1.25 37.70 -50.92
N VAL C 113 -2.42 37.91 -50.32
CA VAL C 113 -3.56 37.00 -50.44
C VAL C 113 -4.71 37.78 -51.03
N THR C 114 -5.21 37.34 -52.18
CA THR C 114 -6.30 38.02 -52.88
C THR C 114 -7.52 37.11 -52.85
N VAL C 115 -8.64 37.65 -52.38
CA VAL C 115 -9.89 36.92 -52.29
C VAL C 115 -10.90 37.64 -53.18
N SER C 116 -11.13 37.12 -54.37
CA SER C 116 -12.06 37.75 -55.31
C SER C 116 -12.56 36.69 -56.28
N SER C 117 -13.68 37.01 -56.93
CA SER C 117 -14.26 36.13 -57.93
C SER C 117 -14.53 36.88 -59.23
N ASP D 1 -10.91 46.55 -26.59
CA ASP D 1 -11.04 47.31 -27.83
C ASP D 1 -10.44 48.69 -27.68
N ILE D 2 -9.20 48.77 -27.21
CA ILE D 2 -8.55 50.06 -27.02
C ILE D 2 -8.33 50.71 -28.38
N VAL D 3 -9.11 51.76 -28.65
CA VAL D 3 -9.02 52.49 -29.91
C VAL D 3 -7.89 53.50 -29.81
N MET D 4 -6.94 53.43 -30.75
CA MET D 4 -5.77 54.28 -30.74
C MET D 4 -5.93 55.32 -31.84
N THR D 5 -5.88 56.60 -31.47
CA THR D 5 -6.10 57.69 -32.41
C THR D 5 -4.83 58.52 -32.54
N GLN D 6 -4.45 58.81 -33.78
CA GLN D 6 -3.22 59.51 -34.08
C GLN D 6 -3.52 60.87 -34.70
N SER D 7 -2.59 61.81 -34.51
CA SER D 7 -2.73 63.17 -35.03
C SER D 7 -1.36 63.80 -35.09
N PRO D 8 -1.06 64.62 -36.11
CA PRO D 8 -1.91 64.96 -37.26
C PRO D 8 -1.88 63.89 -38.34
N SER D 9 -2.79 64.00 -39.32
CA SER D 9 -2.86 62.99 -40.37
C SER D 9 -1.71 63.10 -41.37
N SER D 10 -1.06 64.25 -41.46
CA SER D 10 0.03 64.42 -42.41
C SER D 10 0.81 65.68 -42.06
N VAL D 11 2.13 65.63 -42.21
CA VAL D 11 3.00 66.78 -42.05
C VAL D 11 3.95 66.84 -43.23
N SER D 12 4.23 68.04 -43.71
CA SER D 12 5.21 68.26 -44.77
C SER D 12 6.29 69.20 -44.22
N ALA D 13 7.47 68.63 -43.95
CA ALA D 13 8.58 69.40 -43.41
C ALA D 13 9.83 69.13 -44.22
N SER D 14 10.72 70.11 -44.25
CA SER D 14 11.96 70.03 -45.00
C SER D 14 13.07 69.43 -44.13
N VAL D 15 14.21 69.18 -44.76
CA VAL D 15 15.35 68.61 -44.05
C VAL D 15 15.82 69.58 -42.97
N GLY D 16 16.17 69.04 -41.80
CA GLY D 16 16.67 69.83 -40.71
C GLY D 16 15.62 70.32 -39.73
N ASP D 17 14.34 70.13 -40.02
CA ASP D 17 13.28 70.56 -39.13
C ASP D 17 12.92 69.45 -38.15
N ARG D 18 12.65 69.85 -36.91
CA ARG D 18 12.09 68.94 -35.92
C ARG D 18 10.66 68.58 -36.27
N VAL D 19 10.30 67.32 -36.08
CA VAL D 19 8.96 66.82 -36.36
C VAL D 19 8.39 66.22 -35.08
N THR D 20 7.13 66.52 -34.80
CA THR D 20 6.44 66.01 -33.63
C THR D 20 5.15 65.33 -34.05
N ILE D 21 4.92 64.13 -33.53
CA ILE D 21 3.73 63.34 -33.83
C ILE D 21 3.11 62.90 -32.51
N THR D 22 1.79 62.98 -32.41
CA THR D 22 1.08 62.61 -31.20
C THR D 22 0.20 61.40 -31.44
N CYS D 23 0.04 60.58 -30.40
CA CYS D 23 -0.84 59.42 -30.40
C CYS D 23 -1.69 59.46 -29.14
N ARG D 24 -2.90 58.92 -29.22
CA ARG D 24 -3.82 58.94 -28.09
C ARG D 24 -4.57 57.62 -27.99
N ALA D 25 -4.76 57.13 -26.78
CA ALA D 25 -5.50 55.92 -26.50
C ALA D 25 -6.89 56.25 -25.99
N SER D 26 -7.79 55.27 -26.10
CA SER D 26 -9.13 55.42 -25.52
C SER D 26 -9.16 55.00 -24.05
N GLN D 27 -8.06 54.50 -23.47
CA GLN D 27 -8.04 54.14 -22.03
C GLN D 27 -6.63 54.37 -21.49
N GLY D 28 -6.22 53.58 -20.50
CA GLY D 28 -5.07 53.87 -19.64
C GLY D 28 -3.73 53.37 -20.16
N ILE D 29 -3.60 52.13 -20.58
CA ILE D 29 -2.44 51.62 -21.37
C ILE D 29 -1.10 52.13 -20.84
N SER D 30 -0.91 52.22 -19.53
CA SER D 30 0.32 52.82 -18.96
C SER D 30 1.51 52.48 -19.83
N THR D 31 2.29 53.45 -20.27
CA THR D 31 3.73 53.29 -20.61
C THR D 31 4.01 52.15 -21.60
N TRP D 32 3.01 51.42 -22.10
CA TRP D 32 3.16 50.26 -23.02
C TRP D 32 2.73 50.63 -24.43
N LEU D 33 3.51 51.43 -25.15
CA LEU D 33 3.32 51.98 -26.49
C LEU D 33 4.57 51.75 -27.30
N ALA D 34 4.40 51.42 -28.59
CA ALA D 34 5.51 51.24 -29.50
C ALA D 34 5.27 52.04 -30.77
N TRP D 35 6.36 52.47 -31.39
CA TRP D 35 6.32 53.25 -32.63
C TRP D 35 7.05 52.50 -33.73
N TYR D 36 6.47 52.52 -34.93
CA TYR D 36 7.02 51.84 -36.10
C TYR D 36 7.16 52.82 -37.25
N GLN D 37 8.06 52.50 -38.18
CA GLN D 37 8.26 53.26 -39.40
C GLN D 37 8.18 52.31 -40.58
N GLN D 38 7.39 52.68 -41.59
CA GLN D 38 7.13 51.79 -42.72
C GLN D 38 7.29 52.55 -44.03
N LYS D 39 8.41 52.36 -44.70
CA LYS D 39 8.57 52.86 -46.05
C LYS D 39 7.72 52.04 -47.01
N PRO D 40 7.32 52.62 -48.15
CA PRO D 40 6.47 51.88 -49.08
C PRO D 40 7.13 50.61 -49.59
N GLY D 41 6.34 49.55 -49.68
CA GLY D 41 6.82 48.30 -50.23
C GLY D 41 7.68 47.45 -49.33
N LYS D 42 7.82 47.82 -48.05
CA LYS D 42 8.66 47.08 -47.12
C LYS D 42 7.88 46.80 -45.84
N ALA D 43 8.46 45.95 -45.00
CA ALA D 43 7.89 45.68 -43.69
C ALA D 43 8.17 46.83 -42.74
N PRO D 44 7.34 47.02 -41.71
CA PRO D 44 7.61 48.07 -40.73
C PRO D 44 8.82 47.76 -39.88
N ARG D 45 9.39 48.81 -39.30
CA ARG D 45 10.60 48.73 -38.49
C ARG D 45 10.33 49.33 -37.12
N LEU D 46 10.70 48.60 -36.07
CA LEU D 46 10.49 49.08 -34.72
C LEU D 46 11.52 50.14 -34.36
N LEU D 47 11.05 51.25 -33.78
CA LEU D 47 11.92 52.34 -33.32
C LEU D 47 11.91 52.49 -31.81
N ILE D 48 10.73 52.67 -31.21
CA ILE D 48 10.61 52.93 -29.78
C ILE D 48 9.70 51.86 -29.18
N TYR D 49 10.09 51.34 -28.02
CA TYR D 49 9.23 50.46 -27.24
C TYR D 49 9.25 50.93 -25.79
N ALA D 50 8.21 50.54 -25.04
CA ALA D 50 7.99 50.98 -23.67
C ALA D 50 7.86 52.50 -23.57
N ALA D 51 7.56 53.15 -24.70
CA ALA D 51 7.27 54.58 -24.82
C ALA D 51 8.49 55.47 -24.69
N SER D 52 9.62 54.91 -24.27
CA SER D 52 10.85 55.70 -24.20
C SER D 52 12.10 54.96 -24.64
N SER D 53 12.10 53.64 -24.72
CA SER D 53 13.29 52.86 -24.97
C SER D 53 13.53 52.73 -26.47
N LEU D 54 14.79 52.84 -26.87
CA LEU D 54 15.17 52.85 -28.27
C LEU D 54 15.71 51.48 -28.66
N GLN D 55 15.23 50.96 -29.79
CA GLN D 55 15.63 49.64 -30.25
C GLN D 55 17.06 49.66 -30.79
N SER D 56 17.78 48.56 -30.56
CA SER D 56 19.18 48.49 -30.97
C SER D 56 19.33 48.68 -32.47
N GLY D 57 20.29 49.52 -32.86
CA GLY D 57 20.56 49.78 -34.26
C GLY D 57 19.83 50.98 -34.84
N VAL D 58 18.93 51.60 -34.10
CA VAL D 58 18.16 52.74 -34.59
C VAL D 58 18.90 54.02 -34.26
N PRO D 59 18.96 55.00 -35.16
CA PRO D 59 19.66 56.26 -34.86
C PRO D 59 19.04 56.97 -33.67
N SER D 60 19.89 57.66 -32.91
CA SER D 60 19.49 58.31 -31.66
C SER D 60 18.64 59.55 -31.88
N ARG D 61 18.52 60.04 -33.12
CA ARG D 61 17.73 61.25 -33.35
C ARG D 61 16.24 61.03 -33.12
N PHE D 62 15.80 59.77 -33.00
CA PHE D 62 14.44 59.48 -32.63
C PHE D 62 14.29 59.49 -31.12
N SER D 63 13.18 60.04 -30.63
CA SER D 63 12.93 60.12 -29.20
C SER D 63 11.43 60.18 -28.97
N GLY D 64 10.98 59.43 -27.96
CA GLY D 64 9.57 59.38 -27.64
C GLY D 64 9.37 59.52 -26.14
N SER D 65 8.16 59.95 -25.78
CA SER D 65 7.82 60.16 -24.38
C SER D 65 6.30 60.14 -24.25
N GLY D 66 5.85 60.00 -23.01
CA GLY D 66 4.43 59.99 -22.73
C GLY D 66 4.03 58.98 -21.69
N SER D 67 2.84 59.14 -21.13
CA SER D 67 2.31 58.21 -20.15
C SER D 67 0.81 58.40 -20.07
N GLY D 68 0.13 57.41 -19.48
CA GLY D 68 -1.30 57.50 -19.34
C GLY D 68 -2.03 57.34 -20.65
N THR D 69 -2.52 58.46 -21.20
CA THR D 69 -3.35 58.45 -22.39
C THR D 69 -2.77 59.25 -23.54
N ASP D 70 -1.76 60.09 -23.30
CA ASP D 70 -1.20 60.97 -24.31
C ASP D 70 0.27 60.64 -24.52
N PHE D 71 0.67 60.54 -25.79
CA PHE D 71 2.02 60.14 -26.15
C PHE D 71 2.53 61.03 -27.27
N THR D 72 3.85 61.04 -27.45
CA THR D 72 4.50 61.94 -28.38
C THR D 72 5.75 61.30 -28.95
N LEU D 73 5.88 61.30 -30.28
CA LEU D 73 7.10 60.87 -30.96
C LEU D 73 7.69 62.07 -31.69
N THR D 74 8.97 62.34 -31.44
CA THR D 74 9.63 63.52 -31.96
C THR D 74 10.87 63.13 -32.74
N ILE D 75 11.17 63.84 -33.82
CA ILE D 75 12.47 63.62 -34.54
C ILE D 75 13.28 64.90 -34.38
N SER D 76 14.60 64.82 -34.21
CA SER D 76 15.38 66.08 -34.14
C SER D 76 15.63 66.60 -35.55
N SER D 77 16.47 65.90 -36.30
CA SER D 77 17.00 66.44 -37.57
C SER D 77 16.51 65.60 -38.74
N LEU D 78 15.43 66.01 -39.37
CA LEU D 78 14.96 65.25 -40.55
C LEU D 78 16.16 64.98 -41.46
N GLN D 79 16.18 63.78 -42.00
CA GLN D 79 17.15 63.29 -42.97
C GLN D 79 16.39 62.85 -44.22
N PRO D 80 17.07 62.74 -45.36
CA PRO D 80 16.39 62.24 -46.57
C PRO D 80 15.82 60.84 -46.41
N GLU D 81 16.28 60.07 -45.43
CA GLU D 81 15.81 58.72 -45.20
C GLU D 81 14.75 58.62 -44.10
N ASP D 82 14.24 59.76 -43.62
CA ASP D 82 13.25 59.77 -42.56
C ASP D 82 11.83 60.04 -43.05
N PHE D 83 11.60 59.96 -44.35
CA PHE D 83 10.28 60.22 -44.92
C PHE D 83 9.56 58.89 -45.13
N ALA D 84 8.54 58.64 -44.33
CA ALA D 84 7.79 57.40 -44.35
C ALA D 84 6.50 57.61 -43.54
N THR D 85 5.79 56.52 -43.26
CA THR D 85 4.61 56.55 -42.42
C THR D 85 4.93 55.94 -41.06
N TYR D 86 4.35 56.50 -40.01
CA TYR D 86 4.67 56.13 -38.63
C TYR D 86 3.41 55.69 -37.91
N TYR D 87 3.53 54.62 -37.12
CA TYR D 87 2.42 53.97 -36.45
C TYR D 87 2.68 53.84 -34.96
N CYS D 88 1.64 54.01 -34.15
CA CYS D 88 1.68 53.73 -32.73
C CYS D 88 0.76 52.56 -32.41
N GLN D 89 1.18 51.71 -31.48
CA GLN D 89 0.36 50.57 -31.10
C GLN D 89 0.56 50.24 -29.64
N GLN D 90 -0.54 49.89 -28.97
CA GLN D 90 -0.52 49.57 -27.56
C GLN D 90 -0.19 48.09 -27.35
N ALA D 91 0.53 47.83 -26.27
CA ALA D 91 0.98 46.48 -25.93
C ALA D 91 0.48 46.07 -24.54
N ASN D 92 -0.66 46.63 -24.12
CA ASN D 92 -1.13 46.44 -22.76
C ASN D 92 -1.91 45.14 -22.62
N SER D 93 -2.82 44.87 -23.54
CA SER D 93 -3.70 43.71 -23.45
C SER D 93 -4.09 43.26 -24.85
N PHE D 94 -4.59 42.03 -24.93
CA PHE D 94 -5.03 41.53 -26.23
C PHE D 94 -6.46 41.98 -26.52
N PRO D 95 -6.80 42.31 -27.77
CA PRO D 95 -5.93 42.29 -28.95
C PRO D 95 -5.03 43.51 -29.06
N PHE D 96 -3.87 43.34 -29.67
CA PHE D 96 -2.99 44.48 -29.91
C PHE D 96 -3.53 45.33 -31.06
N THR D 97 -3.63 46.63 -30.83
CA THR D 97 -4.23 47.55 -31.79
C THR D 97 -3.21 48.60 -32.22
N PHE D 98 -3.24 48.94 -33.50
CA PHE D 98 -2.35 49.94 -34.09
C PHE D 98 -3.12 51.24 -34.29
N GLY D 99 -2.41 52.24 -34.81
CA GLY D 99 -3.01 53.53 -35.07
C GLY D 99 -3.22 53.78 -36.55
N PRO D 100 -3.93 54.86 -36.88
CA PRO D 100 -4.22 55.14 -38.30
C PRO D 100 -2.98 55.38 -39.15
N GLY D 101 -1.96 56.00 -38.61
CA GLY D 101 -0.77 56.29 -39.39
C GLY D 101 -0.64 57.78 -39.69
N THR D 102 0.60 58.22 -39.89
CA THR D 102 0.90 59.61 -40.18
C THR D 102 2.11 59.69 -41.10
N LYS D 103 1.97 60.44 -42.19
CA LYS D 103 3.00 60.52 -43.21
C LYS D 103 3.84 61.77 -43.02
N VAL D 104 5.15 61.63 -43.20
CA VAL D 104 6.10 62.73 -43.17
C VAL D 104 6.70 62.83 -44.57
N GLU D 105 6.47 63.98 -45.21
CA GLU D 105 6.72 64.21 -46.67
C GLU D 105 7.59 65.46 -46.88
N ILE D 106 7.53 66.06 -48.07
CA ILE D 106 8.58 66.98 -48.63
C ILE D 106 9.95 66.42 -48.26
N VAL E 2 -43.52 18.48 -20.63
CA VAL E 2 -43.23 19.77 -20.05
C VAL E 2 -43.46 20.87 -21.07
N GLN E 3 -43.06 22.10 -20.74
CA GLN E 3 -43.29 23.25 -21.60
C GLN E 3 -41.97 23.98 -21.86
N LEU E 4 -41.80 24.42 -23.11
CA LEU E 4 -40.68 25.26 -23.52
C LEU E 4 -41.22 26.44 -24.31
N VAL E 5 -40.82 27.65 -23.91
CA VAL E 5 -41.31 28.87 -24.53
C VAL E 5 -40.12 29.68 -25.02
N GLU E 6 -40.15 30.07 -26.29
CA GLU E 6 -39.08 30.85 -26.89
C GLU E 6 -39.25 32.34 -26.57
N SER E 7 -38.46 33.19 -27.22
CA SER E 7 -38.37 34.58 -26.82
C SER E 7 -37.92 35.43 -28.00
N GLY E 8 -37.41 36.62 -27.71
CA GLY E 8 -37.39 37.75 -28.62
C GLY E 8 -36.47 37.72 -29.81
N GLY E 9 -36.77 36.88 -30.79
CA GLY E 9 -36.26 37.10 -32.12
C GLY E 9 -37.02 38.20 -32.84
N GLY E 10 -36.41 38.78 -33.86
CA GLY E 10 -37.06 39.87 -34.56
C GLY E 10 -36.30 40.41 -35.75
N LEU E 11 -36.22 41.73 -35.85
CA LEU E 11 -35.56 42.42 -36.95
C LEU E 11 -34.23 43.00 -36.49
N ILE E 12 -33.21 42.83 -37.33
CA ILE E 12 -31.87 43.29 -37.02
C ILE E 12 -31.11 43.49 -38.33
N GLN E 13 -30.23 44.49 -38.34
CA GLN E 13 -29.43 44.75 -39.53
C GLN E 13 -28.24 43.80 -39.60
N PRO E 14 -27.72 43.56 -40.80
CA PRO E 14 -26.51 42.74 -40.92
C PRO E 14 -25.36 43.36 -40.14
N GLY E 15 -24.58 42.50 -39.49
CA GLY E 15 -23.53 42.95 -38.60
C GLY E 15 -23.98 43.27 -37.19
N GLY E 16 -25.27 43.19 -36.90
CA GLY E 16 -25.79 43.43 -35.58
C GLY E 16 -25.77 42.20 -34.70
N SER E 17 -26.26 42.37 -33.48
CA SER E 17 -26.26 41.30 -32.49
C SER E 17 -27.65 41.14 -31.88
N LEU E 18 -27.97 39.93 -31.46
CA LEU E 18 -29.29 39.60 -30.97
C LEU E 18 -29.19 38.41 -30.03
N ARG E 19 -30.08 38.37 -29.03
CA ARG E 19 -30.03 37.37 -27.97
C ARG E 19 -31.40 36.75 -27.78
N LEU E 20 -31.47 35.42 -27.84
CA LEU E 20 -32.71 34.68 -27.68
C LEU E 20 -32.82 34.09 -26.28
N SER E 21 -33.99 33.54 -25.97
CA SER E 21 -34.21 32.88 -24.69
C SER E 21 -35.23 31.77 -24.87
N CYS E 22 -35.19 30.80 -23.96
CA CYS E 22 -36.11 29.67 -23.99
C CYS E 22 -36.40 29.28 -22.55
N ALA E 23 -37.53 29.77 -22.03
CA ALA E 23 -37.87 29.55 -20.63
C ALA E 23 -38.48 28.16 -20.44
N ALA E 24 -38.06 27.48 -19.38
CA ALA E 24 -38.45 26.11 -19.11
C ALA E 24 -39.48 26.05 -18.00
N SER E 25 -40.43 25.14 -18.14
CA SER E 25 -41.46 24.91 -17.13
C SER E 25 -41.70 23.42 -17.00
N GLY E 26 -41.89 22.97 -15.76
CA GLY E 26 -42.13 21.57 -15.48
C GLY E 26 -40.90 20.73 -15.21
N PHE E 27 -39.70 21.29 -15.34
CA PHE E 27 -38.49 20.56 -15.09
C PHE E 27 -37.35 21.54 -14.87
N THR E 28 -36.20 21.01 -14.44
CA THR E 28 -35.01 21.82 -14.24
C THR E 28 -34.18 21.85 -15.52
N ILE E 29 -33.77 23.05 -15.94
CA ILE E 29 -33.00 23.21 -17.17
C ILE E 29 -31.64 22.54 -17.06
N SER E 30 -31.13 22.34 -15.85
CA SER E 30 -29.78 21.84 -15.62
C SER E 30 -29.72 20.32 -15.55
N SER E 31 -30.83 19.63 -15.80
CA SER E 31 -30.86 18.17 -15.79
C SER E 31 -31.11 17.58 -17.17
N LYS E 32 -30.94 18.37 -18.23
CA LYS E 32 -31.20 17.92 -19.58
C LYS E 32 -30.07 18.39 -20.49
N TYR E 33 -29.97 17.76 -21.66
CA TYR E 33 -29.09 18.22 -22.73
C TYR E 33 -29.93 19.07 -23.68
N MET E 34 -29.75 20.39 -23.63
CA MET E 34 -30.60 21.33 -24.34
C MET E 34 -29.86 21.88 -25.55
N SER E 35 -30.53 21.89 -26.71
CA SER E 35 -29.92 22.26 -27.97
C SER E 35 -30.70 23.38 -28.63
N TRP E 36 -30.07 24.00 -29.63
CA TRP E 36 -30.72 24.96 -30.50
C TRP E 36 -30.70 24.43 -31.93
N VAL E 37 -31.86 24.42 -32.58
CA VAL E 37 -32.02 23.96 -33.94
C VAL E 37 -32.74 25.05 -34.72
N ARG E 38 -32.24 25.37 -35.90
CA ARG E 38 -32.85 26.40 -36.74
C ARG E 38 -33.27 25.81 -38.08
N GLN E 39 -34.26 26.46 -38.68
CA GLN E 39 -34.80 26.05 -39.99
C GLN E 39 -34.94 27.29 -40.85
N ALA E 40 -34.11 27.39 -41.89
CA ALA E 40 -34.20 28.50 -42.80
C ALA E 40 -35.54 28.46 -43.53
N PRO E 41 -36.11 29.61 -43.88
CA PRO E 41 -37.46 29.60 -44.46
C PRO E 41 -37.46 29.04 -45.87
N GLY E 42 -38.12 27.90 -46.04
CA GLY E 42 -38.06 27.16 -47.28
C GLY E 42 -37.03 26.07 -47.33
N LYS E 43 -36.34 25.79 -46.22
CA LYS E 43 -35.28 24.80 -46.18
C LYS E 43 -35.57 23.80 -45.07
N GLY E 44 -34.59 22.94 -44.79
CA GLY E 44 -34.71 21.93 -43.77
C GLY E 44 -34.00 22.30 -42.48
N LEU E 45 -34.07 21.37 -41.52
CA LEU E 45 -33.58 21.60 -40.17
C LEU E 45 -32.06 21.56 -40.12
N GLU E 46 -31.51 22.24 -39.13
CA GLU E 46 -30.06 22.30 -38.94
C GLU E 46 -29.73 22.49 -37.47
N TRP E 47 -28.79 21.72 -36.96
CA TRP E 47 -28.41 21.77 -35.55
C TRP E 47 -27.30 22.79 -35.34
N VAL E 48 -27.40 23.55 -34.24
CA VAL E 48 -26.54 24.71 -34.02
C VAL E 48 -25.58 24.48 -32.86
N SER E 49 -26.11 24.24 -31.66
CA SER E 49 -25.26 24.12 -30.49
C SER E 49 -25.97 23.31 -29.40
N ILE E 50 -25.17 22.65 -28.57
CA ILE E 50 -25.68 21.86 -27.46
C ILE E 50 -24.90 22.23 -26.20
N ILE E 51 -25.57 22.14 -25.05
CA ILE E 51 -24.93 22.25 -23.75
C ILE E 51 -25.29 21.02 -22.93
N TYR E 52 -24.29 20.38 -22.35
CA TYR E 52 -24.52 19.16 -21.59
C TYR E 52 -25.12 19.50 -20.22
N SER E 53 -25.58 18.46 -19.53
CA SER E 53 -26.10 18.63 -18.18
C SER E 53 -25.02 19.02 -17.18
N SER E 54 -23.75 18.83 -17.53
CA SER E 54 -22.64 19.25 -16.68
C SER E 54 -22.09 20.61 -17.04
N GLY E 55 -22.43 21.16 -18.20
CA GLY E 55 -21.95 22.45 -18.63
C GLY E 55 -21.10 22.44 -19.88
N SER E 56 -20.83 21.28 -20.47
CA SER E 56 -20.00 21.19 -21.65
C SER E 56 -20.77 21.60 -22.90
N THR E 57 -20.17 22.44 -23.74
CA THR E 57 -20.82 22.99 -24.91
C THR E 57 -20.07 22.61 -26.18
N TYR E 58 -20.83 22.35 -27.24
CA TYR E 58 -20.28 22.08 -28.57
C TYR E 58 -21.08 22.85 -29.60
N TYR E 59 -20.45 23.13 -30.74
CA TYR E 59 -21.04 23.97 -31.77
C TYR E 59 -20.85 23.34 -33.14
N ALA E 60 -21.50 23.93 -34.13
CA ALA E 60 -21.35 23.56 -35.52
C ALA E 60 -20.40 24.54 -36.22
N ASP E 61 -19.82 24.08 -37.33
CA ASP E 61 -18.81 24.88 -38.02
C ASP E 61 -19.37 26.16 -38.63
N SER E 62 -20.69 26.24 -38.82
CA SER E 62 -21.27 27.43 -39.40
C SER E 62 -21.25 28.60 -38.44
N VAL E 63 -21.39 28.34 -37.14
CA VAL E 63 -21.55 29.37 -36.13
C VAL E 63 -20.49 29.21 -35.06
N LYS E 64 -19.32 28.68 -35.44
CA LYS E 64 -18.34 28.22 -34.47
C LYS E 64 -17.86 29.33 -33.56
N GLY E 65 -17.43 30.45 -34.12
CA GLY E 65 -16.90 31.54 -33.34
C GLY E 65 -17.82 32.73 -33.13
N ARG E 66 -19.09 32.61 -33.51
CA ARG E 66 -20.01 33.74 -33.49
C ARG E 66 -21.18 33.58 -32.54
N PHE E 67 -21.62 32.36 -32.27
CA PHE E 67 -22.73 32.11 -31.34
C PHE E 67 -22.19 31.58 -30.02
N THR E 68 -23.01 31.68 -28.98
CA THR E 68 -22.64 31.20 -27.65
C THR E 68 -23.89 30.76 -26.93
N ILE E 69 -23.95 29.48 -26.56
CA ILE E 69 -25.09 28.93 -25.83
C ILE E 69 -24.81 29.02 -24.34
N SER E 70 -25.79 29.53 -23.60
CA SER E 70 -25.63 29.78 -22.18
C SER E 70 -26.78 29.13 -21.44
N ARG E 71 -26.86 29.38 -20.14
CA ARG E 71 -27.84 28.76 -19.27
C ARG E 71 -27.84 29.46 -17.93
N ASP E 72 -29.01 29.77 -17.39
CA ASP E 72 -29.09 30.45 -16.10
C ASP E 72 -30.02 29.63 -15.21
N ILE E 73 -29.47 29.11 -14.11
CA ILE E 73 -30.19 28.14 -13.30
C ILE E 73 -31.13 28.83 -12.31
N SER E 74 -30.80 30.04 -11.88
CA SER E 74 -31.65 30.75 -10.94
C SER E 74 -33.01 31.05 -11.55
N LYS E 75 -33.04 31.47 -12.82
CA LYS E 75 -34.27 31.80 -13.51
C LYS E 75 -34.77 30.68 -14.40
N ASN E 76 -34.01 29.58 -14.53
CA ASN E 76 -34.44 28.37 -15.23
C ASN E 76 -34.78 28.65 -16.68
N THR E 77 -33.79 29.13 -17.44
CA THR E 77 -34.01 29.43 -18.85
C THR E 77 -32.72 29.19 -19.62
N LEU E 78 -32.89 28.93 -20.91
CA LEU E 78 -31.80 28.73 -21.85
C LEU E 78 -31.54 30.02 -22.62
N TYR E 79 -30.32 30.16 -23.14
CA TYR E 79 -29.89 31.41 -23.75
C TYR E 79 -29.10 31.11 -25.02
N LEU E 80 -29.12 32.06 -25.95
CA LEU E 80 -28.29 31.97 -27.15
C LEU E 80 -27.91 33.38 -27.56
N GLN E 81 -26.62 33.69 -27.46
CA GLN E 81 -26.10 35.00 -27.86
C GLN E 81 -25.56 34.88 -29.28
N MET E 82 -26.07 35.72 -30.17
CA MET E 82 -25.66 35.73 -31.57
C MET E 82 -24.94 37.03 -31.87
N ASN E 83 -23.79 36.93 -32.52
CA ASN E 83 -22.99 38.10 -32.86
C ASN E 83 -22.57 38.02 -34.33
N SER E 84 -22.43 39.19 -34.94
CA SER E 84 -22.01 39.31 -36.33
C SER E 84 -22.95 38.52 -37.25
N LEU E 85 -24.25 38.80 -37.12
CA LEU E 85 -25.24 38.08 -37.92
C LEU E 85 -25.12 38.44 -39.38
N ARG E 86 -25.24 37.43 -40.24
CA ARG E 86 -25.14 37.58 -41.68
C ARG E 86 -26.51 37.34 -42.31
N ALA E 87 -26.55 37.37 -43.64
CA ALA E 87 -27.81 37.20 -44.35
C ALA E 87 -28.34 35.77 -44.25
N GLU E 88 -27.45 34.78 -44.17
CA GLU E 88 -27.86 33.39 -44.11
C GLU E 88 -28.20 32.92 -42.70
N ASP E 89 -28.40 33.83 -41.75
CA ASP E 89 -28.83 33.47 -40.41
C ASP E 89 -30.33 33.65 -40.20
N THR E 90 -31.08 33.98 -41.25
CA THR E 90 -32.52 34.15 -41.13
C THR E 90 -33.20 32.78 -41.09
N ALA E 91 -33.93 32.50 -40.01
CA ALA E 91 -34.53 31.19 -39.81
C ALA E 91 -35.50 31.27 -38.63
N VAL E 92 -36.05 30.13 -38.26
CA VAL E 92 -36.85 29.97 -37.03
C VAL E 92 -36.04 29.10 -36.08
N TYR E 93 -35.89 29.56 -34.85
CA TYR E 93 -35.02 28.92 -33.86
C TYR E 93 -35.85 28.19 -32.82
N TYR E 94 -35.52 26.91 -32.61
CA TYR E 94 -36.16 26.06 -31.62
C TYR E 94 -35.17 25.67 -30.53
N CYS E 95 -35.71 25.36 -29.36
CA CYS E 95 -34.96 24.74 -28.27
C CYS E 95 -35.54 23.36 -27.97
N ALA E 96 -34.66 22.36 -27.85
CA ALA E 96 -35.06 20.97 -27.76
C ALA E 96 -34.25 20.27 -26.66
N SER E 97 -34.57 18.99 -26.43
CA SER E 97 -33.94 18.20 -25.38
C SER E 97 -33.65 16.79 -25.86
N LEU E 98 -32.50 16.25 -25.46
CA LEU E 98 -32.15 14.86 -25.77
C LEU E 98 -32.79 13.93 -24.76
N GLY E 99 -33.64 13.02 -25.23
CA GLY E 99 -34.30 12.11 -24.34
C GLY E 99 -33.79 10.69 -24.26
N SER E 100 -33.63 10.04 -25.41
CA SER E 100 -33.32 8.61 -25.47
C SER E 100 -33.09 8.25 -26.92
N GLY E 101 -32.31 7.20 -27.15
CA GLY E 101 -31.59 7.14 -28.40
C GLY E 101 -30.60 8.27 -28.32
N SER E 102 -30.60 9.18 -29.28
CA SER E 102 -30.08 10.52 -29.06
C SER E 102 -30.96 11.52 -29.80
N ALA E 103 -32.26 11.36 -29.66
CA ALA E 103 -33.24 12.11 -30.42
C ALA E 103 -33.88 13.18 -29.55
N PHE E 104 -34.31 14.27 -30.20
CA PHE E 104 -34.89 15.41 -29.51
C PHE E 104 -36.35 15.14 -29.20
N GLY E 105 -36.70 15.12 -27.91
CA GLY E 105 -38.03 14.75 -27.47
C GLY E 105 -39.02 15.88 -27.34
N TYR E 106 -38.64 16.94 -26.62
CA TYR E 106 -39.52 18.08 -26.38
C TYR E 106 -39.03 19.28 -27.17
N TRP E 107 -39.93 19.90 -27.92
CA TRP E 107 -39.61 21.05 -28.76
C TRP E 107 -40.40 22.27 -28.29
N GLY E 108 -39.82 23.44 -28.48
CA GLY E 108 -40.51 24.68 -28.26
C GLY E 108 -41.36 25.08 -29.45
N GLN E 109 -41.99 26.26 -29.33
CA GLN E 109 -42.84 26.73 -30.42
C GLN E 109 -42.01 27.24 -31.59
N GLY E 110 -40.94 27.95 -31.32
CA GLY E 110 -40.09 28.52 -32.36
C GLY E 110 -40.26 30.02 -32.43
N THR E 111 -39.15 30.71 -32.68
CA THR E 111 -39.14 32.17 -32.77
C THR E 111 -38.40 32.59 -34.03
N LEU E 112 -38.89 33.65 -34.67
CA LEU E 112 -38.38 34.08 -35.97
C LEU E 112 -37.33 35.16 -35.82
N VAL E 113 -36.29 35.08 -36.65
CA VAL E 113 -35.23 36.07 -36.71
C VAL E 113 -35.01 36.44 -38.16
N THR E 114 -35.04 37.73 -38.46
CA THR E 114 -34.81 38.24 -39.82
C THR E 114 -33.66 39.22 -39.79
N VAL E 115 -32.68 39.01 -40.66
CA VAL E 115 -31.47 39.83 -40.73
C VAL E 115 -31.47 40.56 -42.06
N SER E 116 -31.69 41.86 -42.02
CA SER E 116 -31.72 42.69 -43.23
C SER E 116 -31.69 44.17 -42.88
N ASP F 1 -19.49 15.69 -40.47
CA ASP F 1 -19.53 15.57 -41.93
C ASP F 1 -20.11 14.23 -42.34
N ILE F 2 -21.39 14.02 -42.05
CA ILE F 2 -22.13 12.83 -42.48
C ILE F 2 -23.39 13.31 -43.18
N VAL F 3 -23.51 13.01 -44.47
CA VAL F 3 -24.58 13.53 -45.30
C VAL F 3 -25.72 12.51 -45.35
N MET F 4 -26.92 12.96 -45.04
CA MET F 4 -28.11 12.12 -45.00
C MET F 4 -28.98 12.42 -46.20
N THR F 5 -29.41 11.37 -46.91
CA THR F 5 -30.18 11.50 -48.14
C THR F 5 -31.47 10.71 -48.02
N GLN F 6 -32.50 11.16 -48.73
CA GLN F 6 -33.81 10.53 -48.67
C GLN F 6 -34.37 10.31 -50.06
N SER F 7 -35.26 9.33 -50.17
CA SER F 7 -35.94 9.00 -51.41
C SER F 7 -37.27 8.35 -51.06
N PRO F 8 -38.36 8.72 -51.74
CA PRO F 8 -38.40 9.71 -52.81
C PRO F 8 -38.45 11.14 -52.30
N SER F 9 -38.89 12.07 -53.16
CA SER F 9 -39.00 13.47 -52.79
C SER F 9 -40.40 13.84 -52.30
N SER F 10 -41.42 13.13 -52.74
CA SER F 10 -42.79 13.37 -52.30
C SER F 10 -43.64 12.16 -52.65
N VAL F 11 -44.59 11.83 -51.79
CA VAL F 11 -45.44 10.67 -51.96
C VAL F 11 -46.90 11.11 -51.94
N SER F 12 -47.65 10.68 -52.94
CA SER F 12 -49.09 10.89 -52.98
C SER F 12 -49.77 9.56 -52.66
N ALA F 13 -50.70 9.57 -51.70
CA ALA F 13 -51.32 8.34 -51.26
C ALA F 13 -52.77 8.62 -50.89
N SER F 14 -53.54 7.53 -50.83
CA SER F 14 -54.94 7.58 -50.42
C SER F 14 -55.08 7.06 -48.99
N VAL F 15 -56.21 7.39 -48.37
CA VAL F 15 -56.46 6.95 -47.00
C VAL F 15 -56.55 5.44 -46.96
N GLY F 16 -55.95 4.85 -45.92
CA GLY F 16 -55.92 3.41 -45.77
C GLY F 16 -54.79 2.72 -46.53
N ASP F 17 -53.95 3.47 -47.22
CA ASP F 17 -52.88 2.87 -48.01
C ASP F 17 -51.64 2.63 -47.13
N ARG F 18 -50.69 1.89 -47.70
CA ARG F 18 -49.42 1.61 -47.05
C ARG F 18 -48.35 2.50 -47.64
N VAL F 19 -47.63 3.22 -46.78
CA VAL F 19 -46.65 4.21 -47.19
C VAL F 19 -45.27 3.78 -46.69
N THR F 20 -44.26 3.97 -47.53
CA THR F 20 -42.89 3.59 -47.19
C THR F 20 -41.93 4.70 -47.61
N ILE F 21 -41.06 5.09 -46.69
CA ILE F 21 -40.06 6.13 -46.93
C ILE F 21 -38.71 5.60 -46.45
N THR F 22 -37.64 5.96 -47.16
CA THR F 22 -36.31 5.45 -46.87
C THR F 22 -35.32 6.58 -46.60
N CYS F 23 -34.34 6.29 -45.76
CA CYS F 23 -33.20 7.16 -45.48
C CYS F 23 -31.91 6.49 -45.92
N ARG F 24 -30.93 7.32 -46.29
CA ARG F 24 -29.64 6.86 -46.74
C ARG F 24 -28.56 7.67 -46.03
N ALA F 25 -27.46 7.02 -45.69
CA ALA F 25 -26.38 7.66 -44.95
C ALA F 25 -25.09 7.64 -45.75
N SER F 26 -24.23 8.62 -45.47
CA SER F 26 -22.93 8.65 -46.12
C SER F 26 -21.97 7.64 -45.51
N GLN F 27 -22.14 7.32 -44.24
CA GLN F 27 -21.27 6.36 -43.54
C GLN F 27 -22.10 5.33 -42.79
N GLY F 28 -21.45 4.51 -41.97
CA GLY F 28 -22.14 3.50 -41.19
C GLY F 28 -22.41 3.99 -39.78
N ILE F 29 -23.69 4.03 -39.41
CA ILE F 29 -24.11 4.47 -38.08
C ILE F 29 -24.74 3.29 -37.37
N SER F 30 -25.66 2.61 -38.06
CA SER F 30 -26.14 1.25 -37.81
C SER F 30 -27.12 1.08 -36.66
N THR F 31 -27.28 2.07 -35.79
CA THR F 31 -28.42 2.00 -34.88
C THR F 31 -29.02 3.38 -34.64
N TRP F 32 -28.19 4.41 -34.79
CA TRP F 32 -28.48 5.73 -34.24
C TRP F 32 -29.14 6.59 -35.32
N LEU F 33 -30.44 6.37 -35.51
CA LEU F 33 -31.21 7.16 -36.45
C LEU F 33 -32.64 7.28 -35.94
N ALA F 34 -33.22 8.48 -36.09
CA ALA F 34 -34.53 8.80 -35.57
C ALA F 34 -35.35 9.50 -36.64
N TRP F 35 -36.67 9.40 -36.51
CA TRP F 35 -37.61 9.91 -37.50
C TRP F 35 -38.51 10.97 -36.87
N TYR F 36 -38.72 12.07 -37.60
CA TYR F 36 -39.52 13.19 -37.12
C TYR F 36 -40.62 13.49 -38.11
N GLN F 37 -41.74 14.01 -37.59
CA GLN F 37 -42.86 14.43 -38.43
C GLN F 37 -43.17 15.89 -38.13
N GLN F 38 -43.24 16.71 -39.18
CA GLN F 38 -43.51 18.13 -39.03
C GLN F 38 -44.69 18.53 -39.90
N LYS F 39 -45.77 18.98 -39.27
CA LYS F 39 -46.82 19.67 -39.98
C LYS F 39 -46.43 21.12 -40.20
N PRO F 40 -46.93 21.76 -41.25
CA PRO F 40 -46.57 23.16 -41.50
C PRO F 40 -47.00 24.07 -40.35
N GLY F 41 -46.15 25.03 -40.02
CA GLY F 41 -46.43 25.97 -38.96
C GLY F 41 -46.33 25.41 -37.56
N LYS F 42 -45.66 24.28 -37.38
CA LYS F 42 -45.53 23.67 -36.06
C LYS F 42 -44.19 22.96 -35.96
N ALA F 43 -43.76 22.73 -34.73
CA ALA F 43 -42.48 22.09 -34.49
C ALA F 43 -42.54 20.61 -34.88
N PRO F 44 -41.41 20.02 -35.25
CA PRO F 44 -41.39 18.59 -35.57
C PRO F 44 -41.64 17.75 -34.33
N ARG F 45 -42.11 16.53 -34.57
CA ARG F 45 -42.53 15.62 -33.51
C ARG F 45 -41.82 14.28 -33.69
N LEU F 46 -41.19 13.79 -32.62
CA LEU F 46 -40.43 12.56 -32.68
C LEU F 46 -41.36 11.35 -32.71
N LEU F 47 -41.11 10.44 -33.63
CA LEU F 47 -41.88 9.20 -33.75
C LEU F 47 -41.07 7.98 -33.35
N ILE F 48 -39.87 7.81 -33.91
CA ILE F 48 -39.09 6.59 -33.77
C ILE F 48 -37.66 6.95 -33.43
N TYR F 49 -37.08 6.24 -32.47
CA TYR F 49 -35.69 6.42 -32.09
C TYR F 49 -35.00 5.06 -32.04
N ALA F 50 -33.67 5.09 -32.11
CA ALA F 50 -32.85 3.88 -32.16
C ALA F 50 -33.24 3.00 -33.35
N ALA F 51 -33.82 3.63 -34.37
CA ALA F 51 -34.11 3.04 -35.68
C ALA F 51 -35.25 2.04 -35.64
N SER F 52 -35.69 1.63 -34.45
CA SER F 52 -36.82 0.70 -34.36
C SER F 52 -37.80 0.98 -33.23
N SER F 53 -37.45 1.78 -32.24
CA SER F 53 -38.30 1.98 -31.08
C SER F 53 -39.42 2.97 -31.39
N LEU F 54 -40.49 2.89 -30.60
CA LEU F 54 -41.65 3.75 -30.78
C LEU F 54 -41.73 4.72 -29.61
N GLN F 55 -41.70 6.00 -29.92
CA GLN F 55 -41.80 7.02 -28.88
C GLN F 55 -43.18 6.98 -28.25
N SER F 56 -43.22 7.09 -26.92
CA SER F 56 -44.48 6.99 -26.21
C SER F 56 -45.44 8.09 -26.65
N GLY F 57 -46.68 7.69 -26.93
CA GLY F 57 -47.72 8.62 -27.33
C GLY F 57 -48.04 8.64 -28.81
N VAL F 58 -47.25 7.97 -29.64
CA VAL F 58 -47.55 7.92 -31.07
C VAL F 58 -48.29 6.62 -31.35
N PRO F 59 -49.17 6.58 -32.35
CA PRO F 59 -49.89 5.34 -32.64
C PRO F 59 -48.97 4.24 -33.13
N SER F 60 -49.42 3.00 -32.94
CA SER F 60 -48.62 1.84 -33.28
C SER F 60 -48.48 1.62 -34.78
N ARG F 61 -49.20 2.38 -35.60
CA ARG F 61 -49.16 2.15 -37.05
C ARG F 61 -47.84 2.57 -37.68
N PHE F 62 -47.01 3.33 -36.97
CA PHE F 62 -45.69 3.69 -37.48
C PHE F 62 -44.68 2.62 -37.11
N SER F 63 -43.92 2.17 -38.10
CA SER F 63 -42.91 1.17 -37.89
C SER F 63 -41.60 1.62 -38.51
N GLY F 64 -40.50 1.27 -37.87
CA GLY F 64 -39.18 1.56 -38.40
C GLY F 64 -38.30 0.32 -38.36
N SER F 65 -37.47 0.19 -39.38
CA SER F 65 -36.56 -0.94 -39.45
C SER F 65 -35.36 -0.56 -40.30
N GLY F 66 -34.26 -1.25 -40.07
CA GLY F 66 -33.04 -1.04 -40.81
C GLY F 66 -31.83 -0.94 -39.90
N SER F 67 -30.67 -0.93 -40.54
CA SER F 67 -29.39 -0.82 -39.85
C SER F 67 -28.33 -0.48 -40.90
N GLY F 68 -27.11 -0.26 -40.45
CA GLY F 68 -26.03 0.02 -41.36
C GLY F 68 -26.17 1.37 -42.04
N THR F 69 -26.53 1.35 -43.31
CA THR F 69 -26.63 2.55 -44.12
C THR F 69 -28.03 2.78 -44.68
N ASP F 70 -28.87 1.76 -44.77
CA ASP F 70 -30.21 1.89 -45.34
C ASP F 70 -31.25 1.75 -44.24
N PHE F 71 -32.13 2.74 -44.13
CA PHE F 71 -33.19 2.75 -43.13
C PHE F 71 -34.51 3.06 -43.81
N THR F 72 -35.60 2.53 -43.25
CA THR F 72 -36.91 2.70 -43.84
C THR F 72 -37.96 3.04 -42.78
N LEU F 73 -38.95 3.83 -43.17
CA LEU F 73 -40.09 4.18 -42.35
C LEU F 73 -41.36 3.74 -43.05
N THR F 74 -42.24 3.05 -42.32
CA THR F 74 -43.47 2.54 -42.90
C THR F 74 -44.67 3.02 -42.09
N ILE F 75 -45.79 3.16 -42.77
CA ILE F 75 -47.08 3.47 -42.16
C ILE F 75 -48.08 2.42 -42.63
N SER F 76 -48.82 1.84 -41.69
CA SER F 76 -49.70 0.72 -42.04
C SER F 76 -51.02 1.21 -42.63
N SER F 77 -51.81 1.93 -41.85
CA SER F 77 -53.13 2.40 -42.26
C SER F 77 -53.11 3.93 -42.25
N LEU F 78 -52.99 4.53 -43.43
CA LEU F 78 -52.91 5.98 -43.53
C LEU F 78 -54.18 6.62 -43.00
N GLN F 79 -54.03 7.78 -42.37
CA GLN F 79 -55.12 8.52 -41.76
C GLN F 79 -55.08 9.95 -42.28
N PRO F 80 -56.19 10.67 -42.20
CA PRO F 80 -56.17 12.09 -42.60
C PRO F 80 -55.22 12.92 -41.76
N GLU F 81 -54.85 12.43 -40.59
CA GLU F 81 -53.89 13.10 -39.70
C GLU F 81 -52.45 12.91 -40.14
N ASP F 82 -52.18 11.99 -41.06
CA ASP F 82 -50.82 11.58 -41.38
C ASP F 82 -50.29 12.23 -42.66
N PHE F 83 -50.71 13.47 -42.95
CA PHE F 83 -50.23 14.18 -44.13
C PHE F 83 -49.33 15.32 -43.66
N ALA F 84 -48.03 15.10 -43.70
CA ALA F 84 -47.05 16.07 -43.22
C ALA F 84 -45.70 15.75 -43.85
N THR F 85 -44.64 16.36 -43.34
CA THR F 85 -43.28 16.16 -43.82
C THR F 85 -42.48 15.37 -42.80
N TYR F 86 -41.58 14.52 -43.28
CA TYR F 86 -40.85 13.58 -42.42
C TYR F 86 -39.36 13.72 -42.66
N TYR F 87 -38.58 13.71 -41.57
CA TYR F 87 -37.14 13.84 -41.62
C TYR F 87 -36.46 12.70 -40.88
N CYS F 88 -35.26 12.35 -41.32
CA CYS F 88 -34.39 11.39 -40.63
C CYS F 88 -33.09 12.07 -40.27
N GLN F 89 -32.62 11.85 -39.03
CA GLN F 89 -31.38 12.46 -38.59
C GLN F 89 -30.52 11.45 -37.86
N GLN F 90 -29.23 11.44 -38.18
CA GLN F 90 -28.29 10.53 -37.55
C GLN F 90 -27.90 11.07 -36.18
N ALA F 91 -27.87 10.18 -35.18
CA ALA F 91 -27.59 10.54 -33.81
C ALA F 91 -26.31 9.88 -33.31
N ASN F 92 -25.40 9.56 -34.23
CA ASN F 92 -24.21 8.79 -33.93
C ASN F 92 -23.07 9.65 -33.39
N SER F 93 -22.79 10.78 -34.03
CA SER F 93 -21.68 11.63 -33.63
C SER F 93 -21.95 13.05 -34.06
N PHE F 94 -21.34 14.00 -33.35
CA PHE F 94 -21.51 15.41 -33.65
C PHE F 94 -20.72 15.80 -34.90
N PRO F 95 -21.25 16.73 -35.71
CA PRO F 95 -22.54 17.42 -35.54
C PRO F 95 -23.72 16.56 -35.99
N PHE F 96 -24.86 16.72 -35.30
CA PHE F 96 -26.06 16.00 -35.70
C PHE F 96 -26.59 16.59 -37.00
N THR F 97 -26.98 15.73 -37.93
CA THR F 97 -27.39 16.16 -39.26
C THR F 97 -28.71 15.51 -39.63
N PHE F 98 -29.62 16.31 -40.17
CA PHE F 98 -30.93 15.86 -40.61
C PHE F 98 -30.91 15.55 -42.11
N GLY F 99 -32.03 15.04 -42.59
CA GLY F 99 -32.20 14.76 -44.00
C GLY F 99 -32.89 15.88 -44.73
N PRO F 100 -33.11 15.71 -46.03
CA PRO F 100 -33.79 16.75 -46.81
C PRO F 100 -35.28 16.84 -46.52
N GLY F 101 -35.90 15.70 -46.23
CA GLY F 101 -37.32 15.68 -45.93
C GLY F 101 -38.17 15.17 -47.06
N THR F 102 -39.19 14.36 -46.74
CA THR F 102 -40.13 13.83 -47.71
C THR F 102 -41.53 14.12 -47.22
N LYS F 103 -42.38 14.64 -48.10
CA LYS F 103 -43.70 15.09 -47.71
C LYS F 103 -44.78 14.20 -48.33
N VAL F 104 -45.82 13.94 -47.55
CA VAL F 104 -46.90 13.03 -47.95
C VAL F 104 -48.12 13.85 -48.30
N GLU F 105 -48.65 13.63 -49.50
CA GLU F 105 -49.77 14.38 -50.04
C GLU F 105 -51.01 13.50 -50.15
N ILE F 106 -52.12 14.12 -50.51
CA ILE F 106 -53.40 13.44 -50.67
C ILE F 106 -53.55 13.01 -52.12
N LYS F 107 -53.90 11.75 -52.33
CA LYS F 107 -54.11 11.22 -53.67
C LYS F 107 -55.49 10.59 -53.80
N HIS G 5 16.09 -4.45 5.12
CA HIS G 5 15.38 -3.44 4.36
C HIS G 5 15.37 -2.11 5.12
N HIS G 6 15.03 -1.04 4.41
CA HIS G 6 14.87 0.30 4.98
C HIS G 6 13.42 0.70 4.80
N GLY G 7 12.84 1.31 5.82
CA GLY G 7 11.42 1.64 5.76
C GLY G 7 11.02 2.72 6.73
N CYS G 8 9.79 3.18 6.58
CA CYS G 8 9.22 4.23 7.42
C CYS G 8 7.82 3.84 7.84
N SER G 9 7.42 4.30 9.03
CA SER G 9 6.09 4.08 9.57
C SER G 9 5.42 5.42 9.81
N VAL G 10 4.10 5.42 9.83
CA VAL G 10 3.32 6.65 9.86
C VAL G 10 2.36 6.62 11.05
N ASP G 11 2.29 7.75 11.76
CA ASP G 11 1.25 8.03 12.74
C ASP G 11 0.40 9.18 12.21
N PHE G 12 -0.91 8.99 12.20
CA PHE G 12 -1.78 9.98 11.57
C PHE G 12 -2.47 10.92 12.56
N SER G 13 -2.29 10.70 13.86
CA SER G 13 -2.68 11.72 14.83
C SER G 13 -1.86 12.99 14.61
N LYS G 14 -0.54 12.89 14.81
CA LYS G 14 0.41 13.94 14.46
C LYS G 14 1.09 13.50 13.17
N LYS G 15 0.84 14.23 12.09
CA LYS G 15 1.31 13.80 10.77
C LYS G 15 2.82 13.89 10.71
N GLU G 16 3.48 12.76 10.92
CA GLU G 16 4.94 12.66 10.86
C GLU G 16 5.27 11.20 10.56
N THR G 17 6.56 10.86 10.60
CA THR G 17 6.99 9.53 10.21
C THR G 17 8.19 9.11 11.05
N ARG G 18 8.34 7.80 11.20
CA ARG G 18 9.47 7.20 11.90
C ARG G 18 10.15 6.22 10.95
N CYS G 19 11.45 6.39 10.74
CA CYS G 19 12.19 5.63 9.74
C CYS G 19 13.37 4.92 10.36
N GLY G 20 13.81 3.87 9.69
CA GLY G 20 14.97 3.11 10.16
C GLY G 20 15.18 1.88 9.30
N THR G 21 15.96 0.94 9.85
CA THR G 21 16.19 -0.36 9.23
C THR G 21 15.77 -1.46 10.19
N GLY G 22 15.47 -2.62 9.65
CA GLY G 22 15.07 -3.74 10.47
C GLY G 22 14.39 -4.87 9.72
N VAL G 23 13.43 -5.52 10.38
CA VAL G 23 12.66 -6.61 9.80
C VAL G 23 11.20 -6.18 9.78
N PHE G 24 10.56 -6.29 8.63
CA PHE G 24 9.18 -5.84 8.44
C PHE G 24 8.34 -7.01 7.98
N VAL G 25 7.22 -7.25 8.67
CA VAL G 25 6.31 -8.34 8.36
C VAL G 25 4.98 -7.73 7.94
N TYR G 26 4.55 -8.04 6.73
CA TYR G 26 3.37 -7.42 6.13
C TYR G 26 2.20 -8.39 6.10
N ASN G 27 1.00 -7.83 6.11
CA ASN G 27 -0.24 -8.61 6.01
C ASN G 27 -0.50 -8.87 4.53
N ASP G 28 -0.12 -10.06 4.07
CA ASP G 28 -0.22 -10.45 2.67
C ASP G 28 -1.41 -11.35 2.40
N VAL G 29 -2.28 -11.57 3.38
CA VAL G 29 -3.46 -12.41 3.19
C VAL G 29 -4.49 -11.61 2.42
N GLU G 30 -5.46 -12.31 1.81
CA GLU G 30 -6.51 -11.73 0.97
C GLU G 30 -5.95 -10.71 -0.03
N ALA G 31 -4.86 -11.11 -0.68
CA ALA G 31 -4.29 -10.37 -1.81
C ALA G 31 -4.20 -11.31 -3.00
N TRP G 32 -4.53 -10.80 -4.18
CA TRP G 32 -4.66 -11.62 -5.37
C TRP G 32 -3.29 -12.11 -5.82
N ARG G 33 -3.15 -13.42 -5.96
CA ARG G 33 -1.90 -14.07 -6.31
C ARG G 33 -1.72 -14.22 -7.82
N ASP G 34 -2.63 -13.67 -8.62
CA ASP G 34 -2.66 -13.90 -10.05
C ASP G 34 -1.71 -12.99 -10.82
N ARG G 35 -0.96 -12.13 -10.15
CA ARG G 35 -0.26 -11.03 -10.81
C ARG G 35 1.25 -11.18 -10.65
N TYR G 36 1.76 -12.40 -10.84
CA TYR G 36 3.19 -12.67 -10.74
C TYR G 36 3.60 -13.62 -11.85
N LYS G 37 4.90 -13.68 -12.10
CA LYS G 37 5.48 -14.61 -13.07
C LYS G 37 6.16 -15.74 -12.33
N TYR G 38 5.89 -16.97 -12.75
CA TYR G 38 6.33 -18.17 -12.05
C TYR G 38 7.34 -18.92 -12.91
N HIS G 39 8.41 -19.39 -12.28
CA HIS G 39 9.50 -20.07 -12.97
C HIS G 39 9.81 -21.39 -12.26
N PRO G 40 8.97 -22.41 -12.45
CA PRO G 40 9.43 -23.76 -12.10
C PRO G 40 10.67 -24.10 -12.90
N ASP G 41 11.60 -24.82 -12.26
CA ASP G 41 13.02 -24.73 -12.58
C ASP G 41 13.33 -24.56 -14.07
N SER G 42 12.90 -25.50 -14.92
CA SER G 42 13.15 -25.38 -16.34
C SER G 42 12.04 -26.11 -17.09
N PRO G 43 11.65 -25.63 -18.27
CA PRO G 43 10.61 -26.34 -19.03
C PRO G 43 10.98 -27.77 -19.37
N ARG G 44 12.20 -27.99 -19.87
CA ARG G 44 12.63 -29.35 -20.17
C ARG G 44 12.83 -30.17 -18.89
N ARG G 45 13.39 -29.55 -17.85
CA ARG G 45 13.60 -30.24 -16.59
C ARG G 45 12.27 -30.64 -15.96
N LEU G 46 11.30 -29.72 -15.92
CA LEU G 46 10.00 -30.04 -15.38
C LEU G 46 9.28 -31.09 -16.22
N ALA G 47 9.41 -31.01 -17.54
CA ALA G 47 8.79 -32.02 -18.39
C ALA G 47 9.38 -33.41 -18.13
N ALA G 48 10.70 -33.49 -17.98
CA ALA G 48 11.32 -34.77 -17.68
C ALA G 48 10.89 -35.29 -16.30
N ALA G 49 10.76 -34.40 -15.33
CA ALA G 49 10.30 -34.81 -14.00
C ALA G 49 8.89 -35.37 -14.06
N VAL G 50 7.99 -34.67 -14.76
CA VAL G 50 6.61 -35.13 -14.86
C VAL G 50 6.52 -36.44 -15.63
N LYS G 51 7.32 -36.58 -16.69
CA LYS G 51 7.33 -37.83 -17.45
C LYS G 51 7.77 -39.00 -16.59
N GLN G 52 8.89 -38.83 -15.87
CA GLN G 52 9.39 -39.90 -15.02
C GLN G 52 8.41 -40.23 -13.91
N ALA G 53 7.75 -39.21 -13.33
CA ALA G 53 6.76 -39.47 -12.30
C ALA G 53 5.59 -40.27 -12.86
N TRP G 54 5.12 -39.93 -14.06
CA TRP G 54 4.02 -40.69 -14.67
C TRP G 54 4.43 -42.14 -14.93
N GLU G 55 5.67 -42.36 -15.36
CA GLU G 55 6.11 -43.72 -15.60
C GLU G 55 6.26 -44.53 -14.31
N ASP G 56 6.56 -43.85 -13.19
CA ASP G 56 6.74 -44.56 -11.93
C ASP G 56 5.40 -45.07 -11.38
N GLY G 57 4.34 -44.29 -11.55
CA GLY G 57 3.04 -44.69 -11.03
C GLY G 57 2.31 -43.56 -10.36
N ILE G 58 2.96 -42.40 -10.25
CA ILE G 58 2.32 -41.22 -9.68
C ILE G 58 1.35 -40.64 -10.71
N CYS G 59 0.10 -40.45 -10.30
CA CYS G 59 -0.94 -40.03 -11.21
C CYS G 59 -1.11 -38.52 -11.29
N GLY G 60 -1.00 -37.81 -10.17
CA GLY G 60 -1.30 -36.40 -10.18
C GLY G 60 -0.68 -35.69 -9.01
N ILE G 61 -1.14 -34.46 -8.79
CA ILE G 61 -0.61 -33.57 -7.77
C ILE G 61 -1.74 -33.18 -6.82
N SER G 62 -1.44 -33.17 -5.53
CA SER G 62 -2.29 -32.56 -4.51
C SER G 62 -1.60 -31.29 -4.03
N SER G 63 -2.30 -30.17 -4.09
CA SER G 63 -1.67 -28.88 -3.89
C SER G 63 -1.54 -28.53 -2.40
N VAL G 64 -0.37 -28.01 -2.03
N VAL G 64 -0.37 -28.02 -2.04
CA VAL G 64 -0.14 -27.59 -0.66
CA VAL G 64 -0.14 -27.59 -0.66
C VAL G 64 -0.92 -26.32 -0.34
C VAL G 64 -0.91 -26.33 -0.34
N SER G 65 -0.93 -25.37 -1.27
CA SER G 65 -1.60 -24.10 -1.05
C SER G 65 -2.23 -23.66 -2.37
N ARG G 66 -2.74 -22.44 -2.39
CA ARG G 66 -3.33 -21.89 -3.60
C ARG G 66 -2.28 -21.26 -4.50
N MET G 67 -1.15 -20.85 -3.94
CA MET G 67 -0.05 -20.34 -4.75
C MET G 67 0.46 -21.41 -5.70
N GLU G 68 0.58 -22.65 -5.23
CA GLU G 68 1.02 -23.74 -6.10
C GLU G 68 -0.01 -24.05 -7.18
N ASN G 69 -1.30 -23.97 -6.83
CA ASN G 69 -2.35 -24.18 -7.82
C ASN G 69 -2.28 -23.14 -8.93
N ILE G 70 -2.09 -21.87 -8.55
CA ILE G 70 -1.99 -20.81 -9.55
C ILE G 70 -0.73 -20.96 -10.38
N MET G 71 0.37 -21.39 -9.75
CA MET G 71 1.60 -21.69 -10.49
C MET G 71 1.36 -22.76 -11.55
N TRP G 72 0.67 -23.84 -11.19
CA TRP G 72 0.40 -24.90 -12.17
C TRP G 72 -0.50 -24.39 -13.30
N ARG G 73 -1.48 -23.56 -12.97
CA ARG G 73 -2.32 -22.97 -14.01
C ARG G 73 -1.50 -22.13 -14.97
N SER G 74 -0.55 -21.35 -14.45
CA SER G 74 0.29 -20.52 -15.31
C SER G 74 1.21 -21.36 -16.18
N VAL G 75 1.63 -22.53 -15.70
CA VAL G 75 2.62 -23.36 -16.40
C VAL G 75 2.01 -24.32 -17.43
N GLU G 76 0.76 -24.77 -17.23
CA GLU G 76 0.28 -25.97 -17.92
C GLU G 76 0.35 -25.87 -19.44
N GLY G 77 0.08 -24.69 -20.00
CA GLY G 77 0.07 -24.58 -21.46
C GLY G 77 1.43 -24.84 -22.09
N GLU G 78 2.45 -24.12 -21.63
CA GLU G 78 3.81 -24.36 -22.12
C GLU G 78 4.28 -25.75 -21.78
N LEU G 79 3.91 -26.27 -20.60
CA LEU G 79 4.34 -27.62 -20.24
C LEU G 79 3.78 -28.66 -21.21
N ASN G 80 2.49 -28.52 -21.57
CA ASN G 80 1.90 -29.45 -22.52
C ASN G 80 2.53 -29.31 -23.90
N ALA G 81 2.79 -28.07 -24.34
CA ALA G 81 3.44 -27.87 -25.63
C ALA G 81 4.80 -28.56 -25.67
N ILE G 82 5.64 -28.31 -24.66
CA ILE G 82 6.99 -28.87 -24.68
C ILE G 82 6.96 -30.39 -24.49
N LEU G 83 5.97 -30.92 -23.77
CA LEU G 83 5.83 -32.37 -23.71
C LEU G 83 5.48 -32.93 -25.08
N GLU G 84 4.63 -32.21 -25.83
CA GLU G 84 4.25 -32.67 -27.16
C GLU G 84 5.44 -32.67 -28.13
N GLU G 85 6.27 -31.62 -28.07
CA GLU G 85 7.41 -31.56 -28.98
C GLU G 85 8.39 -32.70 -28.78
N ASN G 86 8.34 -33.40 -27.64
CA ASN G 86 9.23 -34.52 -27.37
C ASN G 86 8.55 -35.87 -27.63
N GLY G 87 7.34 -35.86 -28.19
CA GLY G 87 6.66 -37.10 -28.51
C GLY G 87 6.23 -37.91 -27.31
N VAL G 88 5.76 -37.24 -26.26
CA VAL G 88 5.22 -37.91 -25.07
C VAL G 88 3.72 -37.76 -25.08
N GLN G 89 3.02 -38.89 -24.91
CA GLN G 89 1.56 -38.91 -24.90
C GLN G 89 1.08 -38.70 -23.47
N LEU G 90 1.06 -37.43 -23.06
CA LEU G 90 0.68 -37.07 -21.70
C LEU G 90 0.30 -35.60 -21.66
N THR G 91 -0.84 -35.31 -21.03
CA THR G 91 -1.31 -33.94 -20.88
C THR G 91 -1.59 -33.65 -19.41
N VAL G 92 -1.42 -32.38 -19.03
CA VAL G 92 -1.57 -31.94 -17.66
C VAL G 92 -2.86 -31.15 -17.56
N VAL G 93 -3.75 -31.57 -16.66
CA VAL G 93 -5.05 -30.93 -16.46
C VAL G 93 -5.08 -30.38 -15.05
N VAL G 94 -5.42 -29.10 -14.91
CA VAL G 94 -5.41 -28.40 -13.63
C VAL G 94 -6.84 -28.05 -13.24
N GLY G 95 -7.24 -28.44 -12.04
CA GLY G 95 -8.56 -28.19 -11.50
C GLY G 95 -8.55 -27.12 -10.43
N SER G 96 -9.53 -27.20 -9.54
CA SER G 96 -9.71 -26.21 -8.47
C SER G 96 -9.49 -26.86 -7.11
N VAL G 97 -9.28 -26.02 -6.10
CA VAL G 97 -8.97 -26.45 -4.74
C VAL G 97 -10.23 -26.44 -3.90
N LYS G 98 -10.32 -27.38 -2.97
CA LYS G 98 -11.34 -27.37 -1.93
C LYS G 98 -10.70 -27.74 -0.61
N ASN G 99 -11.29 -27.24 0.49
CA ASN G 99 -10.73 -27.35 1.83
C ASN G 99 -11.38 -28.49 2.61
N PRO G 100 -10.64 -29.16 3.49
CA PRO G 100 -9.19 -28.97 3.70
C PRO G 100 -8.35 -29.63 2.62
N MET G 101 -7.13 -29.16 2.45
CA MET G 101 -6.22 -29.70 1.43
C MET G 101 -5.42 -30.85 2.02
N TRP G 102 -5.91 -32.07 1.83
CA TRP G 102 -5.27 -33.26 2.36
C TRP G 102 -3.94 -33.51 1.68
N ARG G 103 -3.04 -34.18 2.39
CA ARG G 103 -1.68 -34.42 1.92
C ARG G 103 -1.54 -35.82 1.33
N GLY G 104 -0.60 -35.96 0.41
CA GLY G 104 -0.37 -37.22 -0.26
C GLY G 104 0.95 -37.85 0.13
N PRO G 105 1.10 -39.14 -0.15
CA PRO G 105 2.31 -39.87 0.25
C PRO G 105 3.46 -39.87 -0.75
N GLN G 106 3.22 -39.50 -2.00
CA GLN G 106 4.24 -39.58 -3.04
C GLN G 106 4.98 -38.25 -3.17
N ARG G 107 6.12 -38.32 -3.86
CA ARG G 107 6.93 -37.15 -4.14
C ARG G 107 7.36 -37.17 -5.60
N LEU G 108 7.68 -36.01 -6.10
CA LEU G 108 8.00 -35.78 -7.51
C LEU G 108 9.51 -35.91 -7.72
N PRO G 109 9.97 -36.75 -8.64
CA PRO G 109 11.40 -37.04 -8.74
C PRO G 109 12.18 -35.92 -9.41
N VAL G 110 13.49 -35.93 -9.18
CA VAL G 110 14.43 -35.05 -9.84
C VAL G 110 15.14 -35.85 -10.93
N PRO G 111 14.90 -35.56 -12.20
CA PRO G 111 15.49 -36.37 -13.26
C PRO G 111 16.99 -36.14 -13.39
N VAL G 112 17.68 -37.15 -13.93
CA VAL G 112 19.11 -37.00 -14.18
C VAL G 112 19.35 -36.04 -15.35
N ASN G 113 18.56 -36.17 -16.42
CA ASN G 113 18.76 -35.38 -17.62
C ASN G 113 17.43 -34.78 -18.06
N GLU G 114 17.49 -33.54 -18.57
CA GLU G 114 16.31 -32.90 -19.12
C GLU G 114 15.97 -33.49 -20.49
N LEU G 115 14.77 -33.19 -20.96
CA LEU G 115 14.36 -33.63 -22.29
C LEU G 115 15.15 -32.88 -23.34
N PRO G 116 15.66 -33.56 -24.38
CA PRO G 116 16.55 -32.92 -25.36
C PRO G 116 15.81 -32.22 -26.51
N HIS G 117 14.78 -31.45 -26.19
CA HIS G 117 14.05 -30.66 -27.17
C HIS G 117 13.33 -29.54 -26.46
N GLY G 118 13.16 -28.42 -27.14
CA GLY G 118 12.37 -27.32 -26.64
C GLY G 118 13.23 -26.14 -26.22
N TRP G 119 12.54 -25.05 -25.91
CA TRP G 119 13.15 -23.80 -25.51
C TRP G 119 13.56 -23.84 -24.04
N LYS G 120 14.31 -22.82 -23.63
CA LYS G 120 15.04 -22.84 -22.36
C LYS G 120 14.61 -21.72 -21.42
N ALA G 121 13.38 -21.24 -21.54
CA ALA G 121 12.88 -20.22 -20.63
C ALA G 121 11.36 -20.24 -20.65
N TRP G 122 10.76 -19.84 -19.53
CA TRP G 122 9.32 -19.71 -19.41
C TRP G 122 8.89 -18.37 -19.99
N GLY G 123 7.72 -18.36 -20.63
CA GLY G 123 7.19 -17.14 -21.18
C GLY G 123 7.38 -16.95 -22.67
N LYS G 124 7.97 -17.92 -23.37
CA LYS G 124 8.09 -17.85 -24.85
C LYS G 124 6.71 -17.60 -25.44
N SER G 125 6.48 -16.40 -25.98
CA SER G 125 5.11 -16.07 -26.47
C SER G 125 4.91 -16.72 -27.83
N TYR G 126 3.67 -17.07 -28.14
CA TYR G 126 3.36 -17.82 -29.38
C TYR G 126 3.87 -19.25 -29.32
N PHE G 127 2.96 -20.19 -29.10
CA PHE G 127 3.35 -21.61 -29.23
C PHE G 127 2.11 -22.29 -29.84
N VAL G 128 2.31 -23.32 -30.65
CA VAL G 128 1.12 -24.04 -31.18
C VAL G 128 0.52 -24.83 -30.00
N ARG G 129 -0.75 -24.56 -29.68
CA ARG G 129 -1.39 -25.30 -28.62
C ARG G 129 -1.30 -26.80 -28.88
N ALA G 130 -1.04 -27.56 -27.82
CA ALA G 130 -0.96 -29.00 -27.92
C ALA G 130 -2.37 -29.61 -27.99
N ALA G 131 -2.42 -30.85 -28.47
CA ALA G 131 -3.67 -31.58 -28.63
C ALA G 131 -3.89 -32.52 -27.45
N LYS G 132 -5.16 -32.77 -27.15
CA LYS G 132 -5.52 -33.61 -26.01
C LYS G 132 -5.03 -35.04 -26.22
N THR G 133 -4.80 -35.74 -25.13
CA THR G 133 -4.23 -37.08 -25.13
C THR G 133 -5.05 -37.97 -24.21
N ASN G 134 -4.91 -39.29 -24.39
CA ASN G 134 -5.57 -40.25 -23.53
C ASN G 134 -5.09 -40.17 -22.08
N ASN G 135 -3.80 -39.90 -21.86
CA ASN G 135 -3.20 -39.93 -20.54
C ASN G 135 -3.22 -38.53 -19.93
N SER G 136 -3.76 -38.42 -18.71
CA SER G 136 -3.97 -37.14 -18.06
C SER G 136 -3.26 -37.13 -16.72
N PHE G 137 -2.47 -36.09 -16.49
CA PHE G 137 -1.77 -35.86 -15.22
C PHE G 137 -2.53 -34.76 -14.49
N VAL G 138 -3.48 -35.13 -13.66
CA VAL G 138 -4.41 -34.18 -13.06
C VAL G 138 -3.80 -33.53 -11.83
N VAL G 139 -3.59 -32.23 -11.91
CA VAL G 139 -3.36 -31.42 -10.72
C VAL G 139 -4.70 -31.23 -10.03
N ASP G 140 -4.66 -30.99 -8.72
CA ASP G 140 -5.81 -31.16 -7.83
C ASP G 140 -7.11 -30.66 -8.44
N GLY G 141 -8.15 -31.46 -8.32
CA GLY G 141 -9.46 -31.08 -8.79
C GLY G 141 -10.52 -32.00 -8.22
N ASP G 142 -11.72 -31.91 -8.79
CA ASP G 142 -12.82 -32.79 -8.41
C ASP G 142 -12.76 -34.09 -9.21
N THR G 143 -11.63 -34.78 -9.09
CA THR G 143 -11.31 -35.92 -9.94
C THR G 143 -10.66 -37.04 -9.14
N LEU G 144 -11.14 -37.29 -7.92
CA LEU G 144 -10.60 -38.37 -7.11
C LEU G 144 -11.22 -39.71 -7.46
N LYS G 145 -11.30 -40.03 -8.73
CA LYS G 145 -11.86 -41.33 -9.11
C LYS G 145 -10.99 -42.10 -10.09
N GLU G 146 -10.35 -41.41 -11.04
CA GLU G 146 -9.42 -42.12 -11.92
C GLU G 146 -8.13 -42.46 -11.18
N CYS G 147 -7.79 -41.68 -10.15
CA CYS G 147 -6.67 -42.01 -9.30
C CYS G 147 -6.89 -41.36 -7.94
N PRO G 148 -6.73 -42.12 -6.86
CA PRO G 148 -7.05 -41.58 -5.53
C PRO G 148 -5.88 -40.81 -4.90
N LEU G 149 -6.13 -40.27 -3.71
CA LEU G 149 -5.13 -39.45 -3.02
C LEU G 149 -3.89 -40.24 -2.63
N LYS G 150 -3.99 -41.56 -2.53
CA LYS G 150 -2.82 -42.35 -2.16
C LYS G 150 -1.84 -42.52 -3.30
N HIS G 151 -2.09 -41.93 -4.46
CA HIS G 151 -1.17 -41.98 -5.59
C HIS G 151 -0.74 -40.60 -6.05
N ARG G 152 -0.93 -39.58 -5.23
CA ARG G 152 -0.69 -38.20 -5.62
C ARG G 152 0.52 -37.63 -4.88
N ALA G 153 1.31 -36.83 -5.60
CA ALA G 153 2.46 -36.17 -5.02
C ALA G 153 2.03 -34.91 -4.27
N TRP G 154 2.82 -34.55 -3.25
CA TRP G 154 2.46 -33.45 -2.37
C TRP G 154 3.74 -32.85 -1.80
N ASN G 155 3.80 -31.52 -1.76
CA ASN G 155 4.89 -30.79 -1.13
C ASN G 155 6.24 -31.12 -1.76
N SER G 156 6.34 -30.88 -3.06
CA SER G 156 7.55 -31.23 -3.81
C SER G 156 8.22 -30.02 -4.45
N PHE G 157 7.96 -28.81 -3.95
CA PHE G 157 8.57 -27.60 -4.48
C PHE G 157 9.14 -26.77 -3.35
N LEU G 158 10.21 -26.04 -3.65
CA LEU G 158 10.83 -25.10 -2.73
C LEU G 158 10.97 -23.75 -3.41
N VAL G 159 10.55 -22.69 -2.72
CA VAL G 159 10.68 -21.33 -3.23
C VAL G 159 12.11 -20.86 -2.97
N GLU G 160 12.79 -20.43 -4.02
CA GLU G 160 14.17 -19.98 -3.91
C GLU G 160 14.28 -18.46 -3.92
N ASP G 161 13.45 -17.78 -4.71
CA ASP G 161 13.48 -16.34 -4.80
C ASP G 161 12.08 -15.85 -5.14
N HIS G 162 11.67 -14.76 -4.49
CA HIS G 162 10.32 -14.24 -4.67
C HIS G 162 10.33 -12.75 -4.39
N GLY G 163 9.27 -12.09 -4.85
CA GLY G 163 9.10 -10.67 -4.64
C GLY G 163 7.69 -10.30 -4.25
N PHE G 164 7.02 -11.16 -3.48
CA PHE G 164 5.63 -10.94 -3.12
C PHE G 164 5.43 -9.58 -2.49
N GLY G 165 4.40 -8.87 -2.95
CA GLY G 165 4.16 -7.49 -2.60
C GLY G 165 4.44 -6.52 -3.73
N VAL G 166 5.24 -6.94 -4.72
CA VAL G 166 5.49 -6.17 -5.93
C VAL G 166 4.94 -6.97 -7.10
N PHE G 167 4.00 -6.39 -7.84
CA PHE G 167 3.10 -7.12 -8.71
C PHE G 167 3.68 -7.49 -10.08
N HIS G 168 4.99 -7.41 -10.28
CA HIS G 168 5.50 -7.90 -11.56
C HIS G 168 6.83 -8.61 -11.40
N THR G 169 7.10 -9.17 -10.23
CA THR G 169 8.33 -9.88 -9.97
C THR G 169 8.19 -11.35 -10.31
N SER G 170 9.32 -12.05 -10.37
CA SER G 170 9.36 -13.46 -10.68
C SER G 170 9.52 -14.28 -9.41
N VAL G 171 8.91 -15.47 -9.42
CA VAL G 171 9.06 -16.44 -8.34
C VAL G 171 9.82 -17.63 -8.91
N TRP G 172 10.93 -17.97 -8.28
CA TRP G 172 11.80 -19.06 -8.73
C TRP G 172 11.60 -20.26 -7.83
N LEU G 173 11.35 -21.41 -8.43
CA LEU G 173 11.05 -22.64 -7.71
C LEU G 173 11.94 -23.76 -8.23
N LYS G 174 12.13 -24.79 -7.41
CA LYS G 174 12.85 -25.97 -7.84
C LYS G 174 12.25 -27.18 -7.14
N VAL G 175 12.41 -28.34 -7.76
CA VAL G 175 11.94 -29.60 -7.20
C VAL G 175 12.97 -30.12 -6.22
N ARG G 176 12.54 -30.38 -4.99
CA ARG G 176 13.44 -30.82 -3.93
C ARG G 176 13.76 -32.30 -4.07
N GLU G 177 14.88 -32.70 -3.47
CA GLU G 177 15.38 -34.07 -3.55
C GLU G 177 14.98 -34.92 -2.35
N ASP G 178 14.21 -34.38 -1.42
CA ASP G 178 13.92 -35.15 -0.19
C ASP G 178 12.42 -35.19 0.14
N TYR G 179 12.00 -36.11 0.98
CA TYR G 179 10.62 -36.15 1.47
C TYR G 179 10.53 -35.23 2.69
N SER G 180 9.45 -34.46 2.84
CA SER G 180 9.30 -33.51 3.96
C SER G 180 7.84 -33.36 4.39
N LEU G 181 7.61 -32.76 5.56
CA LEU G 181 6.24 -32.53 6.09
C LEU G 181 6.02 -31.06 6.48
N GLU G 182 7.05 -30.22 6.61
CA GLU G 182 6.86 -28.84 7.05
C GLU G 182 6.49 -27.94 5.87
N CYS G 183 5.86 -26.82 6.20
CA CYS G 183 5.53 -25.82 5.20
C CYS G 183 6.79 -25.08 4.77
N ASP G 184 6.73 -24.47 3.59
CA ASP G 184 7.88 -23.78 3.04
C ASP G 184 8.16 -22.52 3.85
N PRO G 185 9.35 -22.39 4.44
CA PRO G 185 9.63 -21.26 5.35
C PRO G 185 10.03 -19.97 4.66
N ALA G 186 10.13 -19.95 3.33
CA ALA G 186 10.54 -18.74 2.63
C ALA G 186 9.48 -17.64 2.66
N VAL G 187 8.24 -17.97 3.01
CA VAL G 187 7.15 -17.01 2.93
C VAL G 187 6.46 -16.85 4.29
N ILE G 188 7.16 -17.21 5.36
CA ILE G 188 6.63 -17.15 6.71
C ILE G 188 7.22 -15.94 7.43
N GLY G 189 6.37 -15.20 8.13
CA GLY G 189 6.82 -14.12 8.96
C GLY G 189 6.16 -14.10 10.33
N THR G 190 6.95 -14.14 11.39
CA THR G 190 6.47 -14.11 12.75
C THR G 190 7.10 -12.94 13.47
N ALA G 191 6.33 -12.23 14.28
CA ALA G 191 6.86 -11.08 15.00
C ALA G 191 6.01 -10.79 16.22
N VAL G 192 6.68 -10.49 17.33
CA VAL G 192 6.03 -9.98 18.54
C VAL G 192 6.70 -8.66 18.90
N LYS G 193 5.93 -7.74 19.47
CA LYS G 193 6.47 -6.46 19.88
C LYS G 193 5.56 -5.91 20.98
N GLY G 194 5.99 -6.06 22.24
CA GLY G 194 5.20 -5.59 23.35
C GLY G 194 4.17 -6.58 23.83
N LYS G 195 2.89 -6.31 23.58
CA LYS G 195 1.80 -7.17 23.99
C LYS G 195 1.03 -7.74 22.80
N GLU G 196 1.60 -7.70 21.60
CA GLU G 196 0.94 -8.19 20.41
C GLU G 196 1.91 -9.04 19.60
N ALA G 197 1.41 -10.14 19.06
CA ALA G 197 2.22 -11.04 18.26
C ALA G 197 1.44 -11.47 17.02
N VAL G 198 2.16 -11.84 15.98
CA VAL G 198 1.56 -12.35 14.74
C VAL G 198 2.32 -13.59 14.30
N HIS G 199 1.58 -14.61 13.83
CA HIS G 199 2.12 -15.73 13.09
C HIS G 199 1.46 -15.71 11.71
N SER G 200 2.25 -15.55 10.66
CA SER G 200 1.65 -15.31 9.35
C SER G 200 2.41 -16.03 8.26
N ASP G 201 1.69 -16.30 7.17
CA ASP G 201 2.25 -16.75 5.90
C ASP G 201 1.35 -16.21 4.79
N LEU G 202 1.44 -16.79 3.60
CA LEU G 202 0.67 -16.29 2.46
C LEU G 202 -0.83 -16.51 2.61
N GLY G 203 -1.27 -17.34 3.56
CA GLY G 203 -2.69 -17.61 3.71
C GLY G 203 -3.21 -17.58 5.14
N TYR G 204 -2.31 -17.36 6.10
CA TYR G 204 -2.64 -17.35 7.52
C TYR G 204 -2.25 -16.02 8.13
N TRP G 205 -3.09 -15.50 9.02
CA TRP G 205 -2.76 -14.30 9.80
C TRP G 205 -3.36 -14.51 11.19
N ILE G 206 -2.51 -14.88 12.14
CA ILE G 206 -2.93 -15.32 13.47
C ILE G 206 -2.40 -14.33 14.50
N GLU G 207 -3.31 -13.69 15.23
CA GLU G 207 -2.98 -12.63 16.16
C GLU G 207 -3.11 -13.11 17.60
N SER G 208 -2.28 -12.53 18.47
CA SER G 208 -2.27 -12.88 19.89
C SER G 208 -2.16 -11.61 20.71
N GLU G 209 -2.48 -11.73 21.99
CA GLU G 209 -2.44 -10.58 22.90
C GLU G 209 -2.03 -11.05 24.27
N LYS G 210 -1.65 -10.09 25.11
CA LYS G 210 -1.27 -10.35 26.49
C LYS G 210 -2.34 -9.77 27.42
N ASN G 211 -3.30 -10.62 27.77
CA ASN G 211 -4.18 -10.40 28.91
C ASN G 211 -3.45 -10.96 30.12
N ASP G 212 -4.18 -11.30 31.19
CA ASP G 212 -3.61 -12.05 32.31
C ASP G 212 -2.62 -13.12 31.84
N THR G 213 -2.93 -13.80 30.74
CA THR G 213 -2.02 -14.71 30.08
C THR G 213 -1.93 -14.35 28.61
N TRP G 214 -1.01 -15.01 27.90
CA TRP G 214 -0.98 -14.90 26.45
C TRP G 214 -2.04 -15.83 25.86
N ARG G 215 -2.76 -15.32 24.86
CA ARG G 215 -3.89 -16.08 24.32
C ARG G 215 -4.12 -15.69 22.87
N LEU G 216 -4.93 -16.50 22.19
CA LEU G 216 -5.34 -16.20 20.84
C LEU G 216 -6.38 -15.09 20.83
N LYS G 217 -6.18 -14.12 19.95
CA LYS G 217 -7.04 -12.95 19.85
C LYS G 217 -8.00 -13.03 18.67
N ARG G 218 -7.49 -13.31 17.47
CA ARG G 218 -8.30 -13.53 16.28
C ARG G 218 -7.41 -14.13 15.21
N ALA G 219 -8.03 -14.85 14.28
CA ALA G 219 -7.32 -15.47 13.17
C ALA G 219 -8.09 -15.24 11.88
N HIS G 220 -7.37 -15.28 10.76
CA HIS G 220 -7.96 -15.11 9.44
C HIS G 220 -7.30 -16.11 8.51
N LEU G 221 -8.06 -17.11 8.07
CA LEU G 221 -7.54 -18.18 7.22
C LEU G 221 -8.31 -18.22 5.92
N ILE G 222 -7.59 -18.08 4.80
CA ILE G 222 -8.19 -18.17 3.47
C ILE G 222 -7.88 -19.51 2.83
N GLU G 223 -7.28 -20.43 3.56
CA GLU G 223 -7.03 -21.79 3.09
C GLU G 223 -6.84 -22.68 4.30
N MET G 224 -6.99 -23.98 4.09
CA MET G 224 -6.83 -24.97 5.16
C MET G 224 -5.76 -25.94 4.71
N LYS G 225 -4.51 -25.60 4.98
CA LYS G 225 -3.39 -26.42 4.56
C LYS G 225 -2.98 -27.37 5.68
N THR G 226 -2.45 -28.52 5.28
CA THR G 226 -2.16 -29.60 6.22
C THR G 226 -0.68 -29.93 6.28
N CYS G 227 0.19 -28.95 6.05
CA CYS G 227 1.61 -29.11 6.36
C CYS G 227 1.81 -28.77 7.83
N GLU G 228 3.06 -28.72 8.28
CA GLU G 228 3.37 -28.42 9.66
C GLU G 228 4.12 -27.10 9.74
N TRP G 229 3.70 -26.24 10.66
CA TRP G 229 4.38 -24.99 10.89
C TRP G 229 5.78 -25.28 11.44
N PRO G 230 6.84 -24.75 10.81
CA PRO G 230 8.19 -25.00 11.33
C PRO G 230 8.39 -24.42 12.72
N LYS G 231 9.14 -25.15 13.55
CA LYS G 231 9.43 -24.70 14.90
C LYS G 231 10.45 -23.57 14.93
N SER G 232 11.25 -23.43 13.88
CA SER G 232 12.17 -22.30 13.79
C SER G 232 11.45 -20.97 13.65
N HIS G 233 10.19 -20.99 13.21
CA HIS G 233 9.41 -19.79 12.96
C HIS G 233 8.26 -19.65 13.95
N THR G 234 8.41 -20.24 15.14
CA THR G 234 7.36 -20.23 16.15
C THR G 234 7.91 -19.67 17.46
N LEU G 235 7.09 -18.87 18.15
CA LEU G 235 7.44 -18.32 19.45
C LEU G 235 6.92 -19.22 20.56
N TRP G 236 7.74 -19.43 21.59
CA TRP G 236 7.37 -20.14 22.81
C TRP G 236 6.88 -21.57 22.51
N THR G 237 7.82 -22.38 22.03
CA THR G 237 7.49 -23.72 21.53
C THR G 237 7.53 -24.80 22.59
N ASP G 238 7.97 -24.52 23.81
CA ASP G 238 8.15 -25.55 24.81
C ASP G 238 7.08 -25.46 25.90
N GLY G 239 6.78 -26.61 26.50
CA GLY G 239 5.83 -26.67 27.60
C GLY G 239 4.39 -26.61 27.19
N ILE G 240 4.05 -26.97 25.96
CA ILE G 240 2.70 -26.85 25.42
C ILE G 240 2.27 -28.21 24.89
N GLU G 241 1.05 -28.61 25.24
CA GLU G 241 0.50 -29.86 24.76
C GLU G 241 -0.20 -29.67 23.41
N GLU G 242 -0.18 -30.71 22.59
CA GLU G 242 -0.84 -30.64 21.30
C GLU G 242 -2.36 -30.72 21.40
N SER G 243 -2.90 -31.01 22.58
CA SER G 243 -4.34 -31.10 22.79
C SER G 243 -4.93 -29.83 23.36
N ASP G 244 -4.16 -28.74 23.44
CA ASP G 244 -4.66 -27.45 23.90
C ASP G 244 -4.62 -26.37 22.83
N LEU G 245 -4.10 -26.66 21.65
CA LEU G 245 -4.02 -25.66 20.59
C LEU G 245 -5.38 -25.49 19.93
N ILE G 246 -5.82 -24.24 19.78
CA ILE G 246 -7.11 -23.96 19.17
C ILE G 246 -7.14 -24.44 17.73
N ILE G 247 -6.15 -24.04 16.94
CA ILE G 247 -6.00 -24.49 15.57
C ILE G 247 -5.16 -25.77 15.59
N PRO G 248 -5.66 -26.89 15.07
CA PRO G 248 -4.94 -28.16 15.23
C PRO G 248 -3.57 -28.13 14.58
N LYS G 249 -2.66 -28.93 15.14
CA LYS G 249 -1.33 -29.07 14.56
C LYS G 249 -1.37 -29.66 13.17
N SER G 250 -2.34 -30.54 12.90
CA SER G 250 -2.48 -31.14 11.59
C SER G 250 -3.02 -30.18 10.56
N LEU G 251 -3.45 -28.98 10.96
CA LEU G 251 -3.91 -27.94 10.06
C LEU G 251 -2.90 -26.80 9.95
N ALA G 252 -1.61 -27.11 10.12
CA ALA G 252 -0.53 -26.13 10.07
C ALA G 252 -0.72 -25.03 11.11
N GLY G 253 -1.21 -25.40 12.28
CA GLY G 253 -1.29 -24.49 13.39
C GLY G 253 0.01 -24.44 14.16
N PRO G 254 0.43 -23.24 14.57
CA PRO G 254 1.68 -23.12 15.31
C PRO G 254 1.64 -23.85 16.64
N LEU G 255 2.76 -24.48 17.00
CA LEU G 255 2.89 -25.19 18.27
C LEU G 255 3.37 -24.20 19.32
N SER G 256 2.47 -23.32 19.72
CA SER G 256 2.86 -22.18 20.53
C SER G 256 1.85 -21.97 21.66
N HIS G 257 2.31 -21.35 22.74
CA HIS G 257 1.39 -20.88 23.77
C HIS G 257 0.51 -19.74 23.27
N HIS G 258 0.90 -19.09 22.18
CA HIS G 258 0.08 -18.06 21.55
C HIS G 258 -1.13 -18.63 20.82
N ASN G 259 -1.19 -19.95 20.67
CA ASN G 259 -2.28 -20.64 19.98
C ASN G 259 -3.25 -21.30 20.96
N THR G 260 -3.51 -20.66 22.11
CA THR G 260 -4.30 -21.24 23.17
C THR G 260 -5.29 -20.22 23.71
N ARG G 261 -6.38 -20.73 24.28
CA ARG G 261 -7.35 -19.92 25.00
C ARG G 261 -7.86 -20.73 26.17
N GLU G 262 -8.01 -20.09 27.33
CA GLU G 262 -8.34 -20.78 28.56
C GLU G 262 -9.76 -21.31 28.51
N GLY G 263 -9.92 -22.61 28.77
CA GLY G 263 -11.21 -23.25 28.78
C GLY G 263 -11.56 -24.00 27.51
N TYR G 264 -10.72 -23.95 26.49
CA TYR G 264 -10.98 -24.60 25.21
C TYR G 264 -9.88 -25.60 24.88
N ARG G 265 -10.27 -26.67 24.20
CA ARG G 265 -9.35 -27.68 23.69
C ARG G 265 -9.25 -27.53 22.17
N THR G 266 -8.56 -28.47 21.54
CA THR G 266 -8.34 -28.39 20.10
C THR G 266 -9.65 -28.61 19.33
N GLN G 267 -9.81 -27.84 18.25
CA GLN G 267 -11.04 -27.85 17.48
C GLN G 267 -10.89 -28.76 16.27
N MET G 268 -10.84 -30.06 16.55
CA MET G 268 -10.69 -31.05 15.50
C MET G 268 -11.91 -31.13 14.59
N LYS G 269 -13.08 -30.78 15.10
CA LYS G 269 -14.31 -30.91 14.32
C LYS G 269 -14.95 -29.55 14.06
N GLY G 270 -14.15 -28.56 13.69
CA GLY G 270 -14.66 -27.28 13.28
C GLY G 270 -15.12 -27.30 11.83
N PRO G 271 -15.62 -26.18 11.34
CA PRO G 271 -16.12 -26.11 9.96
C PRO G 271 -15.00 -25.90 8.95
N TRP G 272 -14.11 -26.88 8.84
CA TRP G 272 -12.94 -26.73 7.98
C TRP G 272 -13.25 -26.95 6.51
N HIS G 273 -14.52 -27.15 6.14
CA HIS G 273 -14.87 -27.30 4.74
C HIS G 273 -15.03 -25.96 4.03
N SER G 274 -15.13 -24.87 4.78
CA SER G 274 -15.42 -23.58 4.17
C SER G 274 -14.21 -23.05 3.41
N GLU G 275 -14.49 -22.21 2.41
CA GLU G 275 -13.43 -21.66 1.58
C GLU G 275 -12.62 -20.61 2.33
N GLU G 276 -13.21 -19.99 3.34
CA GLU G 276 -12.58 -18.91 4.09
C GLU G 276 -13.35 -18.66 5.38
N LEU G 277 -12.66 -18.70 6.52
CA LEU G 277 -13.30 -18.41 7.79
C LEU G 277 -12.44 -17.46 8.59
N GLU G 278 -13.05 -16.89 9.63
CA GLU G 278 -12.41 -15.89 10.45
C GLU G 278 -12.82 -16.16 11.90
N ILE G 279 -11.83 -16.38 12.76
CA ILE G 279 -12.07 -16.88 14.11
C ILE G 279 -12.19 -15.71 15.08
N ARG G 280 -13.29 -15.69 15.82
CA ARG G 280 -13.55 -14.61 16.78
C ARG G 280 -13.95 -15.18 18.12
N PHE G 281 -13.86 -14.33 19.14
CA PHE G 281 -14.39 -14.63 20.47
C PHE G 281 -15.46 -13.58 20.74
N GLU G 282 -16.68 -13.90 20.32
CA GLU G 282 -17.82 -12.99 20.35
C GLU G 282 -19.05 -13.79 19.96
N GLU G 283 -20.19 -13.44 20.55
CA GLU G 283 -21.43 -14.14 20.28
C GLU G 283 -21.95 -13.85 18.87
N CYS G 284 -22.57 -14.87 18.28
CA CYS G 284 -23.27 -14.74 17.01
C CYS G 284 -24.47 -13.82 17.16
N PRO G 285 -24.90 -13.16 16.09
CA PRO G 285 -26.00 -12.17 16.22
C PRO G 285 -27.28 -12.81 16.72
N GLY G 286 -27.92 -12.13 17.66
CA GLY G 286 -29.17 -12.61 18.25
C GLY G 286 -29.06 -13.91 19.02
N THR G 287 -27.98 -14.07 19.79
CA THR G 287 -27.74 -15.31 20.50
C THR G 287 -27.11 -15.00 21.86
N LYS G 288 -27.34 -15.89 22.82
CA LYS G 288 -26.76 -15.77 24.16
C LYS G 288 -26.27 -17.13 24.62
N VAL G 289 -25.14 -17.13 25.34
CA VAL G 289 -24.52 -18.35 25.84
C VAL G 289 -24.44 -18.27 27.35
N HIS G 290 -24.81 -19.33 28.04
CA HIS G 290 -24.79 -19.40 29.49
C HIS G 290 -23.90 -20.53 29.95
N VAL G 291 -23.15 -20.30 31.03
CA VAL G 291 -22.24 -21.29 31.58
C VAL G 291 -22.99 -22.10 32.63
N GLU G 292 -23.22 -23.38 32.35
CA GLU G 292 -23.99 -24.25 33.22
C GLU G 292 -23.40 -25.64 33.21
N GLU G 293 -23.38 -26.29 34.38
CA GLU G 293 -22.85 -27.63 34.50
C GLU G 293 -23.78 -28.71 33.98
N THR G 294 -25.01 -28.36 33.60
CA THR G 294 -25.98 -29.32 33.11
C THR G 294 -25.93 -29.51 31.59
N CYS G 295 -25.07 -28.77 30.89
CA CYS G 295 -25.02 -28.84 29.44
C CYS G 295 -24.37 -30.16 29.00
N GLY G 296 -24.49 -30.46 27.71
CA GLY G 296 -23.95 -31.69 27.17
C GLY G 296 -22.45 -31.62 26.95
N THR G 297 -21.90 -32.73 26.47
CA THR G 297 -20.48 -32.81 26.19
C THR G 297 -20.18 -32.28 24.79
N ARG G 298 -18.92 -31.90 24.59
CA ARG G 298 -18.51 -31.29 23.34
C ARG G 298 -18.61 -32.28 22.18
N GLY G 299 -18.96 -31.77 21.01
CA GLY G 299 -19.08 -32.57 19.81
C GLY G 299 -18.80 -31.74 18.58
N PRO G 300 -19.31 -32.17 17.43
CA PRO G 300 -19.10 -31.39 16.20
C PRO G 300 -19.69 -29.99 16.30
N SER G 301 -19.05 -29.07 15.60
CA SER G 301 -19.46 -27.67 15.63
C SER G 301 -20.81 -27.48 14.94
N LEU G 302 -21.61 -26.55 15.48
CA LEU G 302 -22.97 -26.34 15.03
C LEU G 302 -23.14 -24.91 14.53
N ARG G 303 -23.97 -24.76 13.50
CA ARG G 303 -24.25 -23.45 12.92
C ARG G 303 -25.34 -22.74 13.72
N SER G 304 -25.22 -21.41 13.82
CA SER G 304 -26.12 -20.63 14.66
C SER G 304 -27.55 -20.67 14.13
N THR G 305 -27.74 -20.57 12.82
CA THR G 305 -29.06 -20.66 12.22
C THR G 305 -29.29 -22.07 11.69
N THR G 306 -30.56 -22.44 11.59
CA THR G 306 -30.91 -23.77 11.10
C THR G 306 -30.92 -23.78 9.57
N ALA G 307 -31.17 -24.96 9.01
CA ALA G 307 -31.14 -25.13 7.57
C ALA G 307 -32.20 -24.29 6.86
N SER G 308 -33.28 -23.93 7.55
CA SER G 308 -34.31 -23.07 7.00
C SER G 308 -34.11 -21.60 7.33
N GLY G 309 -33.08 -21.27 8.09
CA GLY G 309 -32.76 -19.89 8.40
C GLY G 309 -33.24 -19.37 9.73
N ARG G 310 -33.77 -20.24 10.59
CA ARG G 310 -34.25 -19.80 11.90
C ARG G 310 -33.10 -19.72 12.89
N VAL G 311 -33.01 -18.61 13.60
CA VAL G 311 -31.92 -18.35 14.52
C VAL G 311 -32.23 -18.98 15.88
N ILE G 312 -31.33 -19.85 16.35
CA ILE G 312 -31.42 -20.38 17.70
C ILE G 312 -31.03 -19.31 18.70
N GLU G 313 -31.68 -19.32 19.86
CA GLU G 313 -31.57 -18.22 20.81
C GLU G 313 -30.71 -18.53 22.01
N GLU G 314 -30.66 -19.78 22.46
CA GLU G 314 -30.01 -20.15 23.71
C GLU G 314 -29.05 -21.30 23.52
N TRP G 315 -27.83 -21.15 24.05
CA TRP G 315 -26.82 -22.20 24.04
C TRP G 315 -26.18 -22.25 25.42
N CYS G 316 -25.48 -23.36 25.70
CA CYS G 316 -24.82 -23.52 26.98
C CYS G 316 -23.43 -24.12 26.78
N CYS G 317 -22.58 -23.92 27.78
CA CYS G 317 -21.30 -24.62 27.85
C CYS G 317 -21.07 -25.02 29.29
N ARG G 318 -20.23 -26.05 29.47
CA ARG G 318 -19.95 -26.55 30.81
C ARG G 318 -18.94 -25.69 31.55
N GLU G 319 -17.72 -25.58 31.02
CA GLU G 319 -16.65 -24.86 31.70
C GLU G 319 -15.93 -23.87 30.80
N CYS G 320 -16.59 -23.38 29.75
CA CYS G 320 -15.94 -22.46 28.83
C CYS G 320 -15.86 -21.07 29.45
N THR G 321 -15.29 -20.13 28.70
CA THR G 321 -15.09 -18.77 29.18
C THR G 321 -15.64 -17.78 28.16
N MET G 322 -16.26 -16.71 28.67
CA MET G 322 -16.78 -15.63 27.83
C MET G 322 -15.66 -14.66 27.45
N PRO G 323 -15.68 -14.12 26.22
CA PRO G 323 -16.65 -14.40 25.16
C PRO G 323 -16.46 -15.75 24.49
N PRO G 324 -17.52 -16.30 23.91
CA PRO G 324 -17.44 -17.64 23.32
C PRO G 324 -16.72 -17.64 21.97
N LEU G 325 -16.21 -18.82 21.63
CA LEU G 325 -15.49 -19.05 20.37
C LEU G 325 -16.49 -19.24 19.24
N SER G 326 -16.26 -18.55 18.12
CA SER G 326 -17.13 -18.65 16.97
C SER G 326 -16.31 -18.59 15.70
N PHE G 327 -16.91 -19.05 14.60
CA PHE G 327 -16.31 -18.99 13.27
C PHE G 327 -17.24 -18.20 12.36
N ARG G 328 -16.66 -17.42 11.46
CA ARG G 328 -17.42 -16.58 10.54
C ARG G 328 -17.09 -16.96 9.10
N ALA G 329 -18.03 -17.62 8.44
CA ALA G 329 -17.93 -18.00 7.05
C ALA G 329 -18.97 -17.23 6.22
N LYS G 330 -19.08 -17.60 4.94
CA LYS G 330 -20.14 -17.05 4.10
C LYS G 330 -21.52 -17.43 4.61
N ASP G 331 -21.71 -18.69 5.01
CA ASP G 331 -23.00 -19.14 5.49
C ASP G 331 -23.42 -18.33 6.72
N GLY G 332 -22.54 -18.19 7.68
CA GLY G 332 -22.85 -17.47 8.89
C GLY G 332 -22.01 -17.96 10.05
N CYS G 333 -22.44 -17.59 11.24
CA CYS G 333 -21.70 -17.89 12.45
C CYS G 333 -21.80 -19.37 12.82
N TRP G 334 -20.67 -19.95 13.18
CA TRP G 334 -20.62 -21.27 13.78
C TRP G 334 -20.12 -21.14 15.21
N TYR G 335 -20.30 -22.19 16.00
CA TYR G 335 -19.86 -22.18 17.38
C TYR G 335 -18.79 -23.24 17.61
N GLY G 336 -18.05 -23.08 18.69
CA GLY G 336 -17.04 -24.06 19.05
C GLY G 336 -17.65 -25.37 19.50
N MET G 337 -16.79 -26.38 19.61
CA MET G 337 -17.24 -27.72 19.99
C MET G 337 -17.82 -27.77 21.38
N GLU G 338 -17.39 -26.88 22.29
CA GLU G 338 -17.81 -26.92 23.68
C GLU G 338 -19.18 -26.31 23.92
N ILE G 339 -19.76 -25.63 22.93
CA ILE G 339 -21.00 -24.88 23.11
C ILE G 339 -22.13 -25.63 22.40
N ARG G 340 -23.14 -26.01 23.17
CA ARG G 340 -24.24 -26.84 22.70
C ARG G 340 -25.56 -26.11 22.93
N PRO G 341 -26.61 -26.47 22.18
CA PRO G 341 -27.90 -25.81 22.36
C PRO G 341 -28.50 -26.12 23.72
N ARG G 342 -29.32 -25.19 24.20
CA ARG G 342 -29.88 -25.32 25.55
C ARG G 342 -31.16 -26.16 25.55
N LYS G 343 -32.10 -25.86 24.66
CA LYS G 343 -33.39 -26.53 24.62
C LYS G 343 -33.60 -27.36 23.37
N GLU G 344 -33.46 -26.74 22.20
CA GLU G 344 -33.76 -27.44 20.96
C GLU G 344 -32.75 -28.56 20.71
N PRO G 345 -33.21 -29.76 20.40
CA PRO G 345 -32.28 -30.87 20.18
C PRO G 345 -31.42 -30.65 18.94
N GLU G 346 -30.25 -31.28 18.95
CA GLU G 346 -29.25 -31.07 17.92
C GLU G 346 -29.61 -31.70 16.58
N SER G 347 -30.67 -32.51 16.51
CA SER G 347 -31.07 -33.12 15.25
C SER G 347 -31.64 -32.10 14.26
N ASN G 348 -31.96 -30.90 14.72
CA ASN G 348 -32.53 -29.87 13.85
C ASN G 348 -31.48 -28.96 13.24
N LEU G 349 -30.20 -29.15 13.55
CA LEU G 349 -29.17 -28.18 13.23
C LEU G 349 -28.15 -28.75 12.25
N VAL G 350 -27.50 -27.86 11.53
CA VAL G 350 -26.43 -28.23 10.62
C VAL G 350 -25.13 -28.34 11.41
N ARG G 351 -24.43 -29.46 11.26
CA ARG G 351 -23.23 -29.73 12.03
C ARG G 351 -22.09 -30.09 11.09
N SER G 352 -20.87 -29.77 11.52
CA SER G 352 -19.69 -29.99 10.70
C SER G 352 -19.43 -31.49 10.53
N MET G 353 -19.06 -31.89 9.31
CA MET G 353 -18.79 -33.29 8.99
C MET G 353 -17.34 -33.53 8.60
N VAL G 354 -16.45 -32.60 8.95
CA VAL G 354 -15.03 -32.69 8.62
C VAL G 354 -14.23 -32.73 9.91
N THR G 355 -13.29 -33.66 9.99
CA THR G 355 -12.39 -33.78 11.14
C THR G 355 -10.95 -33.60 10.70
N ALA G 356 -10.18 -32.88 11.49
CA ALA G 356 -8.78 -32.66 11.20
C ALA G 356 -7.95 -33.87 11.60
N HIS H 5 0.22 -0.66 12.47
CA HIS H 5 0.97 0.40 11.81
C HIS H 5 0.93 0.26 10.29
N HIS H 6 1.00 1.40 9.60
CA HIS H 6 0.96 1.45 8.15
C HIS H 6 2.23 2.16 7.67
N GLY H 7 2.88 1.59 6.66
CA GLY H 7 4.14 2.17 6.22
C GLY H 7 4.59 1.58 4.90
N CYS H 8 5.77 2.04 4.47
CA CYS H 8 6.39 1.62 3.22
C CYS H 8 7.85 1.27 3.47
N SER H 9 8.40 0.39 2.64
CA SER H 9 9.78 -0.03 2.78
C SER H 9 10.35 -0.40 1.42
N VAL H 10 11.67 -0.48 1.35
CA VAL H 10 12.38 -0.75 0.10
C VAL H 10 13.49 -1.75 0.36
N ASP H 11 13.78 -2.57 -0.65
CA ASP H 11 14.91 -3.50 -0.65
C ASP H 11 15.91 -3.01 -1.69
N PHE H 12 16.99 -2.37 -1.23
CA PHE H 12 17.92 -1.72 -2.14
C PHE H 12 18.65 -2.68 -3.06
N SER H 13 18.80 -3.95 -2.66
CA SER H 13 19.47 -4.91 -3.53
C SER H 13 18.69 -5.15 -4.82
N LYS H 14 17.37 -5.26 -4.71
CA LYS H 14 16.52 -5.49 -5.88
C LYS H 14 15.86 -4.21 -6.40
N LYS H 15 15.93 -3.12 -5.64
CA LYS H 15 15.27 -1.86 -6.00
C LYS H 15 13.77 -2.05 -6.18
N GLU H 16 13.15 -2.64 -5.16
CA GLU H 16 11.71 -2.87 -5.13
C GLU H 16 11.13 -2.20 -3.89
N THR H 17 10.01 -1.51 -4.08
CA THR H 17 9.36 -0.77 -3.02
C THR H 17 7.94 -1.28 -2.85
N ARG H 18 7.43 -1.26 -1.62
CA ARG H 18 6.09 -1.72 -1.33
C ARG H 18 5.57 -1.00 -0.11
N CYS H 19 4.26 -1.06 0.09
CA CYS H 19 3.60 -0.45 1.24
C CYS H 19 2.57 -1.43 1.78
N GLY H 20 2.01 -1.09 2.93
CA GLY H 20 0.96 -1.91 3.51
C GLY H 20 0.87 -1.72 5.00
N THR H 21 0.25 -2.68 5.66
CA THR H 21 0.10 -2.73 7.10
C THR H 21 0.79 -3.97 7.65
N GLY H 22 1.26 -3.88 8.90
CA GLY H 22 1.94 -5.02 9.49
C GLY H 22 2.67 -4.63 10.76
N VAL H 23 3.66 -5.46 11.11
CA VAL H 23 4.46 -5.31 12.32
C VAL H 23 5.90 -5.07 11.91
N PHE H 24 6.50 -4.01 12.44
CA PHE H 24 7.83 -3.58 12.05
C PHE H 24 8.74 -3.52 13.27
N VAL H 25 9.92 -4.13 13.16
CA VAL H 25 10.91 -4.15 14.22
C VAL H 25 12.13 -3.38 13.72
N TYR H 26 12.41 -2.25 14.37
CA TYR H 26 13.48 -1.35 13.94
C TYR H 26 14.74 -1.56 14.76
N ASN H 27 15.87 -1.21 14.17
CA ASN H 27 17.15 -1.24 14.86
C ASN H 27 17.31 0.04 15.67
N ASP H 28 17.65 -0.11 16.96
CA ASP H 28 17.81 1.03 17.86
C ASP H 28 19.11 0.96 18.64
N VAL H 29 20.07 0.17 18.18
CA VAL H 29 21.29 -0.08 18.94
C VAL H 29 22.50 0.47 18.20
N TYR H 36 13.98 10.71 25.11
CA TYR H 36 13.42 9.67 26.02
C TYR H 36 13.27 10.30 27.40
N LYS H 37 12.24 11.15 27.57
CA LYS H 37 12.00 11.86 28.85
C LYS H 37 11.21 10.94 29.76
N TYR H 38 11.90 10.19 30.63
CA TYR H 38 11.19 9.17 31.44
C TYR H 38 10.36 9.84 32.53
N HIS H 39 9.45 9.07 33.09
CA HIS H 39 8.52 9.60 34.09
C HIS H 39 8.56 8.64 35.25
N PRO H 40 9.65 8.65 36.02
CA PRO H 40 9.75 7.81 37.16
C PRO H 40 8.52 8.04 38.03
N ASP H 41 7.56 7.13 38.01
CA ASP H 41 6.32 7.23 38.83
C ASP H 41 5.85 8.68 39.03
N SER H 42 6.12 9.25 40.21
CA SER H 42 5.68 10.59 40.56
C SER H 42 6.74 11.20 41.47
N PRO H 43 6.87 12.54 41.45
CA PRO H 43 7.79 13.19 42.39
C PRO H 43 7.45 12.94 43.86
N ARG H 44 6.16 12.85 44.21
CA ARG H 44 5.76 12.67 45.59
C ARG H 44 5.63 11.22 46.02
N ARG H 45 5.75 10.27 45.10
CA ARG H 45 5.55 8.86 45.40
C ARG H 45 6.84 8.05 45.33
N LEU H 46 7.70 8.35 44.35
CA LEU H 46 9.03 7.74 44.36
C LEU H 46 9.82 8.17 45.59
N ALA H 47 9.61 9.40 46.06
CA ALA H 47 10.27 9.84 47.28
C ALA H 47 9.82 9.02 48.48
N ALA H 48 8.51 8.76 48.59
CA ALA H 48 8.00 7.94 49.68
C ALA H 48 8.52 6.51 49.58
N ALA H 49 8.60 5.97 48.36
CA ALA H 49 9.14 4.62 48.19
C ALA H 49 10.60 4.55 48.62
N VAL H 50 11.40 5.53 48.21
CA VAL H 50 12.81 5.57 48.59
C VAL H 50 12.95 5.72 50.11
N LYS H 51 12.12 6.57 50.71
CA LYS H 51 12.19 6.75 52.15
C LYS H 51 11.89 5.44 52.89
N GLN H 52 10.77 4.79 52.53
CA GLN H 52 10.42 3.55 53.19
C GLN H 52 11.49 2.50 52.99
N ALA H 53 12.08 2.44 51.79
CA ALA H 53 13.15 1.49 51.55
C ALA H 53 14.35 1.78 52.45
N TRP H 54 14.69 3.06 52.61
CA TRP H 54 15.83 3.40 53.46
C TRP H 54 15.58 2.99 54.91
N GLU H 55 14.39 3.27 55.44
CA GLU H 55 14.09 2.78 56.78
C GLU H 55 13.88 1.27 56.82
N ASP H 56 13.81 0.59 55.67
CA ASP H 56 13.70 -0.86 55.65
C ASP H 56 15.06 -1.57 55.63
N GLY H 57 16.16 -0.84 55.46
CA GLY H 57 17.47 -1.46 55.44
C GLY H 57 18.11 -1.54 54.07
N ILE H 58 17.48 -0.93 53.07
CA ILE H 58 18.01 -0.92 51.71
C ILE H 58 18.80 0.38 51.50
N CYS H 59 20.07 0.25 51.13
CA CYS H 59 20.94 1.41 51.04
C CYS H 59 21.23 1.87 49.61
N GLY H 60 20.72 1.18 48.60
CA GLY H 60 21.14 1.55 47.26
C GLY H 60 20.31 0.87 46.19
N ILE H 61 20.75 1.07 44.95
CA ILE H 61 20.08 0.55 43.76
C ILE H 61 21.14 0.00 42.82
N SER H 62 20.88 -1.17 42.25
N SER H 62 20.88 -1.17 42.25
CA SER H 62 21.69 -1.73 41.18
CA SER H 62 21.69 -1.73 41.18
C SER H 62 20.89 -1.66 39.88
C SER H 62 20.89 -1.66 39.88
N SER H 63 21.44 -1.00 38.87
CA SER H 63 20.69 -0.78 37.64
C SER H 63 20.57 -2.05 36.81
N VAL H 64 19.43 -2.19 36.15
CA VAL H 64 19.18 -3.31 35.25
C VAL H 64 19.76 -3.05 33.86
N SER H 65 19.66 -1.80 33.40
CA SER H 65 20.14 -1.41 32.09
C SER H 65 20.60 0.05 32.16
N ARG H 66 21.06 0.57 31.02
CA ARG H 66 21.43 1.98 30.94
C ARG H 66 20.22 2.89 30.94
N MET H 67 19.08 2.36 30.50
CA MET H 67 17.83 3.10 30.55
C MET H 67 17.52 3.59 31.96
N GLU H 68 17.59 2.68 32.93
CA GLU H 68 17.30 3.05 34.31
C GLU H 68 18.35 4.01 34.86
N ASN H 69 19.61 3.82 34.46
CA ASN H 69 20.66 4.72 34.92
C ASN H 69 20.42 6.15 34.45
N ILE H 70 20.05 6.31 33.17
CA ILE H 70 19.75 7.64 32.65
C ILE H 70 18.50 8.22 33.32
N MET H 71 17.51 7.38 33.59
CA MET H 71 16.34 7.85 34.34
C MET H 71 16.74 8.42 35.69
N TRP H 72 17.52 7.66 36.46
CA TRP H 72 17.91 8.12 37.79
C TRP H 72 18.74 9.40 37.69
N ARG H 73 19.66 9.46 36.73
CA ARG H 73 20.51 10.63 36.58
C ARG H 73 19.71 11.86 36.20
N SER H 74 18.61 11.67 35.47
CA SER H 74 17.76 12.81 35.13
C SER H 74 16.88 13.24 36.31
N VAL H 75 16.41 12.29 37.13
CA VAL H 75 15.40 12.61 38.13
C VAL H 75 16.00 12.94 39.49
N GLU H 76 17.31 12.75 39.68
CA GLU H 76 17.89 12.84 41.01
C GLU H 76 17.74 14.24 41.62
N GLY H 77 17.88 15.30 40.81
CA GLY H 77 17.82 16.64 41.37
C GLY H 77 16.46 16.98 41.94
N GLU H 78 15.40 16.74 41.16
CA GLU H 78 14.05 16.96 41.65
C GLU H 78 13.74 16.03 42.81
N LEU H 79 14.25 14.80 42.80
CA LEU H 79 14.01 13.88 43.90
C LEU H 79 14.62 14.42 45.20
N ASN H 80 15.84 14.93 45.12
CA ASN H 80 16.47 15.52 46.30
C ASN H 80 15.72 16.75 46.77
N ALA H 81 15.21 17.55 45.83
CA ALA H 81 14.41 18.71 46.21
C ALA H 81 13.16 18.29 46.97
N ILE H 82 12.46 17.25 46.50
CA ILE H 82 11.27 16.77 47.21
C ILE H 82 11.64 16.28 48.60
N LEU H 83 12.71 15.47 48.69
CA LEU H 83 13.11 14.93 49.99
C LEU H 83 13.45 16.05 50.98
N GLU H 84 14.19 17.06 50.53
CA GLU H 84 14.54 18.15 51.43
C GLU H 84 13.32 18.99 51.81
N GLU H 85 12.44 19.27 50.84
CA GLU H 85 11.24 20.04 51.14
C GLU H 85 10.33 19.33 52.12
N ASN H 86 10.36 18.00 52.13
CA ASN H 86 9.63 17.22 53.13
C ASN H 86 10.43 17.02 54.42
N GLY H 87 11.64 17.56 54.50
CA GLY H 87 12.42 17.45 55.72
C GLY H 87 12.86 16.05 56.06
N VAL H 88 13.27 15.26 55.06
CA VAL H 88 13.72 13.89 55.26
C VAL H 88 15.22 13.87 55.05
N GLN H 89 15.96 13.37 56.04
CA GLN H 89 17.42 13.42 56.05
C GLN H 89 17.96 12.31 55.16
N LEU H 90 17.92 12.52 53.86
CA LEU H 90 18.37 11.52 52.90
C LEU H 90 18.72 12.16 51.57
N THR H 91 19.78 11.66 50.93
CA THR H 91 20.24 12.20 49.65
C THR H 91 20.47 11.05 48.67
N VAL H 92 20.21 11.31 47.40
CA VAL H 92 20.33 10.30 46.34
C VAL H 92 21.56 10.64 45.51
N VAL H 93 22.48 9.68 45.43
CA VAL H 93 23.73 9.84 44.67
C VAL H 93 23.74 8.78 43.58
N VAL H 94 23.91 9.20 42.33
CA VAL H 94 23.93 8.30 41.19
C VAL H 94 25.29 8.37 40.53
N GLY H 95 25.88 7.21 40.28
CA GLY H 95 27.17 7.10 39.63
C GLY H 95 27.06 6.56 38.22
N SER H 96 28.18 6.08 37.71
CA SER H 96 28.24 5.51 36.37
C SER H 96 27.88 4.03 36.42
N VAL H 97 28.00 3.37 35.27
CA VAL H 97 27.64 1.96 35.11
C VAL H 97 28.89 1.18 34.76
N LYS H 98 29.15 0.11 35.51
CA LYS H 98 30.23 -0.82 35.21
C LYS H 98 29.61 -2.17 34.86
N ASN H 99 30.15 -2.79 33.81
CA ASN H 99 29.61 -4.03 33.28
C ASN H 99 30.41 -5.24 33.76
N PRO H 100 29.76 -6.39 33.99
CA PRO H 100 28.32 -6.60 33.90
C PRO H 100 27.53 -6.02 35.07
N MET H 101 26.22 -5.84 34.87
CA MET H 101 25.34 -5.27 35.88
C MET H 101 24.73 -6.41 36.69
N TRP H 102 25.25 -6.64 37.88
CA TRP H 102 24.87 -7.78 38.68
C TRP H 102 23.53 -7.55 39.38
N ARG H 103 22.87 -8.66 39.72
CA ARG H 103 21.58 -8.65 40.38
C ARG H 103 21.70 -8.22 41.84
N GLY H 104 20.60 -7.68 42.35
CA GLY H 104 20.48 -7.38 43.76
C GLY H 104 19.33 -8.18 44.35
N PRO H 105 19.44 -8.53 45.64
CA PRO H 105 18.41 -9.38 46.25
C PRO H 105 17.19 -8.64 46.79
N GLN H 106 17.22 -7.32 46.92
CA GLN H 106 16.13 -6.57 47.52
C GLN H 106 15.21 -6.00 46.44
N ARG H 107 14.08 -5.45 46.90
CA ARG H 107 13.10 -4.81 46.02
C ARG H 107 12.55 -3.57 46.71
N LEU H 108 12.21 -2.56 45.91
CA LEU H 108 11.64 -1.35 46.46
C LEU H 108 10.20 -1.60 46.91
N PRO H 109 9.76 -0.98 48.01
CA PRO H 109 8.38 -1.11 48.44
C PRO H 109 7.45 -0.12 47.75
N VAL H 110 6.19 -0.52 47.63
CA VAL H 110 5.14 0.32 47.08
C VAL H 110 4.52 1.11 48.24
N PRO H 111 4.60 2.43 48.23
CA PRO H 111 4.12 3.20 49.38
C PRO H 111 2.59 3.28 49.41
N VAL H 112 2.03 3.17 50.62
CA VAL H 112 0.59 3.27 50.78
C VAL H 112 0.11 4.67 50.45
N ASN H 113 0.83 5.69 50.92
CA ASN H 113 0.48 7.08 50.67
C ASN H 113 1.71 7.85 50.21
N GLU H 114 1.47 8.91 49.44
CA GLU H 114 2.53 9.77 48.97
C GLU H 114 2.95 10.76 50.06
N LEU H 115 4.09 11.40 49.85
CA LEU H 115 4.52 12.46 50.75
C LEU H 115 3.55 13.65 50.63
N PRO H 116 3.12 14.21 51.76
CA PRO H 116 2.09 15.27 51.70
C PRO H 116 2.52 16.51 50.93
N HIS H 117 3.80 16.86 50.93
CA HIS H 117 4.28 18.11 50.35
C HIS H 117 4.96 17.83 49.02
N GLY H 118 4.91 18.79 48.12
CA GLY H 118 5.59 18.68 46.84
C GLY H 118 4.72 19.17 45.71
N TRP H 119 5.23 18.99 44.50
CA TRP H 119 4.48 19.35 43.30
C TRP H 119 4.17 18.11 42.46
N VAL H 128 14.84 25.27 42.53
CA VAL H 128 15.51 25.23 43.82
C VAL H 128 16.34 23.96 43.95
N ARG H 129 17.53 24.08 44.51
CA ARG H 129 18.38 22.92 44.74
C ARG H 129 18.15 22.36 46.13
N ALA H 130 19.03 21.45 46.54
CA ALA H 130 18.97 20.83 47.86
C ALA H 130 20.36 20.87 48.51
N ALA H 131 20.42 20.38 49.74
CA ALA H 131 21.65 20.38 50.52
C ALA H 131 22.13 18.96 50.78
N LYS H 132 23.43 18.75 50.62
CA LYS H 132 24.02 17.45 50.85
C LYS H 132 23.92 17.06 52.32
N THR H 133 23.55 15.80 52.57
CA THR H 133 23.38 15.28 53.91
C THR H 133 24.42 14.20 54.17
N ASN H 134 24.32 13.58 55.34
CA ASN H 134 25.22 12.49 55.70
C ASN H 134 24.70 11.13 55.27
N ASN H 135 23.42 11.03 54.91
CA ASN H 135 22.80 9.77 54.51
C ASN H 135 22.72 9.71 52.99
N SER H 136 23.27 8.64 52.41
CA SER H 136 23.33 8.48 50.96
C SER H 136 22.56 7.23 50.55
N PHE H 137 21.68 7.40 49.57
CA PHE H 137 20.98 6.30 48.92
C PHE H 137 21.64 6.14 47.55
N VAL H 138 22.69 5.32 47.50
CA VAL H 138 23.60 5.30 46.36
C VAL H 138 22.99 4.47 45.23
N VAL H 139 22.66 5.13 44.13
CA VAL H 139 22.32 4.43 42.91
C VAL H 139 23.62 3.95 42.27
N ASP H 140 23.50 3.02 41.33
CA ASP H 140 24.62 2.26 40.76
C ASP H 140 25.85 3.10 40.54
N GLY H 141 26.97 2.66 41.11
CA GLY H 141 28.21 3.40 40.98
C GLY H 141 29.37 2.60 41.57
N ASP H 142 30.48 3.30 41.77
CA ASP H 142 31.68 2.69 42.35
C ASP H 142 31.69 2.93 43.87
N THR H 143 30.68 2.36 44.54
CA THR H 143 30.47 2.59 45.96
C THR H 143 30.08 1.28 46.64
N LEU H 144 30.77 0.20 46.30
CA LEU H 144 30.43 -1.13 46.85
C LEU H 144 30.79 -1.29 48.30
N LYS H 145 31.52 -0.36 48.90
CA LYS H 145 31.91 -0.47 50.30
C LYS H 145 30.89 0.14 51.25
N GLU H 146 30.37 1.32 50.93
CA GLU H 146 29.30 1.91 51.72
C GLU H 146 28.00 1.13 51.62
N CYS H 147 27.68 0.58 50.45
CA CYS H 147 26.49 -0.24 50.25
C CYS H 147 26.86 -1.47 49.44
N PRO H 148 27.01 -2.62 50.09
CA PRO H 148 27.32 -3.85 49.35
C PRO H 148 26.15 -4.30 48.49
N LEU H 149 26.47 -5.14 47.51
CA LEU H 149 25.46 -5.60 46.56
C LEU H 149 24.33 -6.37 47.23
N LYS H 150 24.57 -6.95 48.40
CA LYS H 150 23.55 -7.75 49.07
C LYS H 150 22.53 -6.90 49.81
N HIS H 151 22.56 -5.58 49.65
CA HIS H 151 21.57 -4.68 50.26
C HIS H 151 20.95 -3.75 49.24
N ARG H 152 21.07 -4.06 47.95
CA ARG H 152 20.64 -3.18 46.88
C ARG H 152 19.41 -3.78 46.18
N ALA H 153 18.48 -2.92 45.83
CA ALA H 153 17.31 -3.33 45.06
C ALA H 153 17.67 -3.49 43.59
N TRP H 154 16.82 -4.20 42.86
CA TRP H 154 17.10 -4.54 41.48
C TRP H 154 15.79 -4.91 40.80
N ASN H 155 15.61 -4.46 39.55
CA ASN H 155 14.46 -4.81 38.73
C ASN H 155 13.15 -4.42 39.42
N SER H 156 13.09 -3.17 39.88
CA SER H 156 11.97 -2.68 40.67
C SER H 156 11.03 -1.79 39.89
N PHE H 157 11.17 -1.70 38.57
CA PHE H 157 10.35 -0.82 37.75
C PHE H 157 9.70 -1.60 36.62
N LEU H 158 8.57 -1.08 36.14
CA LEU H 158 7.81 -1.71 35.07
C LEU H 158 7.25 -0.62 34.16
N VAL H 159 7.25 -0.87 32.86
CA VAL H 159 6.66 0.07 31.92
C VAL H 159 5.14 -0.04 32.00
N GLU H 160 4.46 1.10 32.00
CA GLU H 160 3.01 1.12 32.10
C GLU H 160 2.37 0.52 30.85
N ASP H 161 1.03 0.41 30.89
CA ASP H 161 0.29 -0.31 29.87
C ASP H 161 0.48 0.28 28.48
N HIS H 162 0.49 1.61 28.38
CA HIS H 162 0.75 2.30 27.12
C HIS H 162 1.97 3.21 27.22
N GLY H 163 2.89 2.90 28.13
CA GLY H 163 4.02 3.77 28.37
C GLY H 163 5.09 3.78 27.32
N PHE H 164 5.07 2.83 26.39
CA PHE H 164 6.08 2.74 25.35
C PHE H 164 5.43 2.51 23.99
N GLY H 165 6.11 2.96 22.94
CA GLY H 165 5.59 2.80 21.60
C GLY H 165 6.58 3.36 20.60
N VAL H 166 6.18 3.32 19.33
CA VAL H 166 7.05 3.80 18.26
C VAL H 166 7.16 5.33 18.30
N PHE H 167 6.06 6.01 18.59
CA PHE H 167 6.02 7.47 18.51
C PHE H 167 5.82 8.12 19.88
N HIS H 168 6.53 7.66 20.90
CA HIS H 168 6.37 8.16 22.25
C HIS H 168 7.43 9.18 22.63
N THR H 169 8.72 8.82 22.57
CA THR H 169 9.82 9.65 23.08
C THR H 169 9.56 10.14 24.51
N SER H 170 8.78 9.36 25.25
CA SER H 170 8.53 9.63 26.66
C SER H 170 7.95 8.36 27.28
N VAL H 171 8.68 7.75 28.20
CA VAL H 171 8.31 6.46 28.76
C VAL H 171 7.85 6.64 30.20
N TRP H 172 6.71 6.07 30.54
CA TRP H 172 6.15 6.11 31.88
C TRP H 172 6.51 4.82 32.61
N LEU H 173 7.06 4.95 33.81
CA LEU H 173 7.41 3.82 34.65
C LEU H 173 6.75 3.94 36.01
N LYS H 174 6.55 2.80 36.66
CA LYS H 174 6.02 2.78 38.01
C LYS H 174 6.66 1.66 38.79
N VAL H 175 6.64 1.81 40.12
CA VAL H 175 7.27 0.82 40.99
C VAL H 175 6.43 -0.45 41.00
N ARG H 176 7.08 -1.57 40.73
CA ARG H 176 6.44 -2.87 40.65
C ARG H 176 6.09 -3.38 42.04
N GLU H 177 5.03 -4.19 42.10
CA GLU H 177 4.53 -4.72 43.36
C GLU H 177 4.94 -6.16 43.62
N ASP H 178 5.68 -6.79 42.72
CA ASP H 178 5.97 -8.21 42.82
C ASP H 178 7.47 -8.46 42.66
N TYR H 179 7.87 -9.71 42.86
CA TYR H 179 9.25 -10.14 42.71
C TYR H 179 9.38 -10.91 41.40
N SER H 180 10.39 -10.56 40.61
CA SER H 180 10.53 -11.11 39.28
C SER H 180 11.99 -11.25 38.91
N LEU H 181 12.25 -12.05 37.89
CA LEU H 181 13.60 -12.28 37.39
C LEU H 181 13.78 -11.93 35.92
N GLU H 182 12.69 -11.82 35.15
CA GLU H 182 12.77 -11.62 33.71
C GLU H 182 12.96 -10.14 33.38
N CYS H 183 13.36 -9.90 32.12
CA CYS H 183 13.49 -8.54 31.62
C CYS H 183 12.12 -7.99 31.24
N ASP H 184 12.04 -6.68 31.09
CA ASP H 184 10.78 -6.02 30.76
C ASP H 184 10.36 -6.38 29.35
N PRO H 185 9.19 -6.98 29.15
CA PRO H 185 8.77 -7.39 27.81
C PRO H 185 8.18 -6.26 26.97
N ALA H 186 8.01 -5.06 27.53
CA ALA H 186 7.39 -3.97 26.79
C ALA H 186 8.31 -3.36 25.74
N VAL H 187 9.61 -3.60 25.82
CA VAL H 187 10.57 -2.98 24.91
C VAL H 187 11.28 -4.02 24.04
N ILE H 188 10.76 -5.23 23.99
CA ILE H 188 11.38 -6.33 23.25
C ILE H 188 10.69 -6.49 21.90
N GLY H 189 11.49 -6.62 20.85
CA GLY H 189 10.96 -6.95 19.54
C GLY H 189 11.76 -8.02 18.85
N THR H 190 11.14 -9.15 18.55
CA THR H 190 11.78 -10.22 17.80
C THR H 190 10.94 -10.56 16.59
N ALA H 191 11.61 -10.89 15.49
CA ALA H 191 10.93 -11.17 14.24
C ALA H 191 11.79 -12.08 13.37
N VAL H 192 11.13 -12.85 12.51
CA VAL H 192 11.78 -13.66 11.50
C VAL H 192 11.01 -13.51 10.20
N LYS H 193 11.73 -13.41 9.09
CA LYS H 193 11.13 -13.25 7.76
C LYS H 193 12.01 -14.00 6.77
N GLY H 194 11.62 -15.23 6.45
CA GLY H 194 12.35 -16.00 5.47
C GLY H 194 13.58 -16.69 6.02
N LYS H 195 14.76 -16.12 5.76
CA LYS H 195 16.02 -16.69 6.24
C LYS H 195 16.79 -15.73 7.13
N GLU H 196 16.15 -14.67 7.64
CA GLU H 196 16.78 -13.73 8.54
C GLU H 196 15.90 -13.55 9.76
N ALA H 197 16.52 -13.54 10.93
CA ALA H 197 15.81 -13.40 12.20
C ALA H 197 16.55 -12.42 13.09
N VAL H 198 15.85 -11.84 14.05
CA VAL H 198 16.47 -10.93 15.00
C VAL H 198 15.78 -11.08 16.36
N HIS H 199 16.58 -11.05 17.41
CA HIS H 199 16.11 -10.86 18.78
C HIS H 199 16.67 -9.52 19.25
N SER H 200 15.80 -8.63 19.71
CA SER H 200 16.28 -7.28 20.00
C SER H 200 15.48 -6.67 21.14
N ASP H 201 16.12 -5.70 21.80
CA ASP H 201 15.48 -4.81 22.75
C ASP H 201 16.25 -3.49 22.72
N LEU H 202 16.09 -2.68 23.77
CA LEU H 202 16.72 -1.36 23.77
C LEU H 202 18.24 -1.42 23.83
N GLY H 203 18.83 -2.57 24.16
CA GLY H 203 20.28 -2.66 24.27
C GLY H 203 20.92 -3.76 23.45
N TYR H 204 20.14 -4.75 23.03
CA TYR H 204 20.65 -5.91 22.30
C TYR H 204 20.14 -5.90 20.87
N TRP H 205 20.98 -6.39 19.95
CA TRP H 205 20.56 -6.61 18.57
C TRP H 205 21.25 -7.89 18.09
N ILE H 206 20.52 -9.00 18.16
CA ILE H 206 21.09 -10.32 17.91
C ILE H 206 20.52 -10.87 16.62
N GLU H 207 21.38 -11.08 15.63
CA GLU H 207 20.97 -11.51 14.29
C GLU H 207 21.36 -12.97 14.08
N SER H 208 20.50 -13.69 13.38
CA SER H 208 20.76 -15.08 13.02
C SER H 208 20.34 -15.32 11.57
N GLU H 209 20.83 -16.41 11.02
CA GLU H 209 20.63 -16.72 9.61
C GLU H 209 20.50 -18.23 9.45
N LYS H 210 20.02 -18.64 8.28
CA LYS H 210 19.98 -20.04 7.90
C LYS H 210 20.94 -20.27 6.75
N ASN H 211 22.09 -20.88 7.05
CA ASN H 211 23.04 -21.31 6.02
C ASN H 211 22.84 -22.77 5.66
N ASP H 212 23.02 -23.66 6.63
CA ASP H 212 22.71 -25.07 6.46
C ASP H 212 21.71 -25.39 7.56
N THR H 213 21.97 -24.85 8.74
CA THR H 213 21.01 -24.81 9.84
C THR H 213 20.93 -23.37 10.32
N TRP H 214 20.06 -23.13 11.30
CA TRP H 214 20.00 -21.81 11.91
C TRP H 214 21.17 -21.64 12.87
N ARG H 215 21.78 -20.46 12.82
CA ARG H 215 22.99 -20.22 13.61
C ARG H 215 23.13 -18.73 13.85
N LEU H 216 23.90 -18.39 14.88
CA LEU H 216 24.17 -16.99 15.18
C LEU H 216 25.05 -16.38 14.11
N LYS H 217 24.66 -15.19 13.65
CA LYS H 217 25.36 -14.50 12.56
C LYS H 217 26.21 -13.34 13.06
N ARG H 218 25.63 -12.45 13.85
CA ARG H 218 26.37 -11.39 14.51
C ARG H 218 25.50 -10.81 15.61
N ALA H 219 26.15 -10.25 16.62
CA ALA H 219 25.45 -9.61 17.72
C ALA H 219 26.11 -8.28 18.03
N HIS H 220 25.30 -7.29 18.38
CA HIS H 220 25.80 -5.97 18.77
C HIS H 220 25.21 -5.62 20.12
N LEU H 221 26.08 -5.44 21.11
CA LEU H 221 25.67 -5.22 22.49
C LEU H 221 26.25 -3.91 22.99
N ILE H 222 25.41 -3.05 23.55
CA ILE H 222 25.86 -1.82 24.17
C ILE H 222 25.66 -1.84 25.69
N GLU H 223 25.42 -3.02 26.25
CA GLU H 223 25.30 -3.25 27.68
C GLU H 223 25.24 -4.74 27.92
N MET H 224 25.64 -5.16 29.11
CA MET H 224 25.54 -6.55 29.54
C MET H 224 24.63 -6.64 30.76
N LYS H 225 23.36 -6.95 30.52
CA LYS H 225 22.36 -7.14 31.56
C LYS H 225 22.46 -8.54 32.13
N THR H 226 21.80 -8.74 33.27
CA THR H 226 21.74 -10.05 33.90
C THR H 226 20.33 -10.52 34.20
N CYS H 227 19.31 -9.88 33.63
CA CYS H 227 17.96 -10.42 33.72
C CYS H 227 17.80 -11.58 32.75
N GLU H 228 16.61 -12.16 32.72
CA GLU H 228 16.33 -13.32 31.89
C GLU H 228 15.45 -12.91 30.72
N TRP H 229 15.81 -13.35 29.53
CA TRP H 229 14.99 -13.11 28.35
C TRP H 229 13.71 -13.95 28.45
N PRO H 230 12.54 -13.34 28.40
CA PRO H 230 11.30 -14.11 28.53
C PRO H 230 11.07 -15.05 27.36
N LYS H 231 10.48 -16.21 27.65
CA LYS H 231 10.25 -17.24 26.63
C LYS H 231 9.09 -16.91 25.72
N SER H 232 8.19 -16.02 26.11
CA SER H 232 7.12 -15.59 25.23
C SER H 232 7.64 -14.79 24.04
N HIS H 233 8.81 -14.17 24.17
CA HIS H 233 9.41 -13.35 23.14
C HIS H 233 10.63 -14.02 22.52
N THR H 234 10.63 -15.35 22.45
CA THR H 234 11.76 -16.11 21.95
C THR H 234 11.30 -17.13 20.92
N LEU H 235 12.07 -17.28 19.86
CA LEU H 235 11.79 -18.24 18.80
C LEU H 235 12.49 -19.57 19.09
N TRP H 236 11.76 -20.67 18.96
CA TRP H 236 12.31 -22.03 19.02
C TRP H 236 13.01 -22.30 20.35
N THR H 237 12.19 -22.33 21.40
CA THR H 237 12.68 -22.46 22.77
C THR H 237 12.84 -23.90 23.24
N ASP H 238 12.37 -24.88 22.48
CA ASP H 238 12.35 -26.27 22.94
C ASP H 238 13.54 -27.05 22.40
N GLY H 239 13.96 -28.04 23.17
CA GLY H 239 15.04 -28.92 22.77
C GLY H 239 16.40 -28.28 22.66
N ILE H 240 16.71 -27.33 23.54
CA ILE H 240 17.97 -26.61 23.50
C ILE H 240 18.61 -26.70 24.86
N GLU H 241 19.89 -27.06 24.89
CA GLU H 241 20.65 -27.21 26.12
C GLU H 241 21.29 -25.89 26.49
N GLU H 242 21.24 -25.55 27.78
CA GLU H 242 21.70 -24.24 28.24
C GLU H 242 23.21 -24.07 28.10
N SER H 243 23.95 -25.15 27.86
CA SER H 243 25.39 -25.09 27.69
C SER H 243 25.83 -24.92 26.24
N ASP H 244 24.88 -24.75 25.32
CA ASP H 244 25.19 -24.54 23.91
C ASP H 244 25.03 -23.11 23.45
N LEU H 245 24.50 -22.22 24.30
CA LEU H 245 24.17 -20.87 23.88
C LEU H 245 25.42 -19.99 23.87
N ILE H 246 25.66 -19.31 22.74
CA ILE H 246 26.85 -18.49 22.63
C ILE H 246 26.84 -17.37 23.66
N ILE H 247 25.74 -16.64 23.73
CA ILE H 247 25.55 -15.62 24.78
C ILE H 247 24.95 -16.33 25.99
N PRO H 248 25.59 -16.27 27.15
CA PRO H 248 25.09 -17.04 28.30
C PRO H 248 23.70 -16.62 28.72
N LYS H 249 22.92 -17.58 29.21
CA LYS H 249 21.59 -17.29 29.74
C LYS H 249 21.67 -16.33 30.93
N SER H 250 22.79 -16.34 31.65
CA SER H 250 22.99 -15.43 32.76
C SER H 250 23.15 -13.99 32.32
N LEU H 251 23.42 -13.74 31.04
CA LEU H 251 23.60 -12.39 30.50
C LEU H 251 22.44 -12.00 29.58
N ALA H 252 21.24 -12.47 29.91
CA ALA H 252 20.02 -12.18 29.16
C ALA H 252 20.10 -12.64 27.70
N GLY H 253 20.79 -13.75 27.46
CA GLY H 253 20.81 -14.36 26.16
C GLY H 253 19.60 -15.22 25.94
N PRO H 254 18.98 -15.13 24.77
CA PRO H 254 17.75 -15.89 24.51
C PRO H 254 18.00 -17.40 24.55
N LEU H 255 17.01 -18.14 25.05
CA LEU H 255 17.07 -19.59 25.13
C LEU H 255 16.57 -20.18 23.81
N SER H 256 17.37 -20.01 22.77
CA SER H 256 16.92 -20.26 21.42
C SER H 256 17.98 -21.03 20.64
N HIS H 257 17.52 -21.79 19.65
CA HIS H 257 18.46 -22.40 18.71
C HIS H 257 19.13 -21.36 17.82
N HIS H 258 18.57 -20.15 17.76
CA HIS H 258 19.18 -19.05 17.05
C HIS H 258 20.38 -18.47 17.78
N ASN H 259 20.62 -18.90 19.02
CA ASN H 259 21.75 -18.45 19.83
C ASN H 259 22.85 -19.51 19.89
N THR H 260 23.04 -20.28 18.83
CA THR H 260 24.01 -21.37 18.81
C THR H 260 24.83 -21.29 17.52
N ARG H 261 26.04 -21.85 17.58
CA ARG H 261 26.91 -21.89 16.41
C ARG H 261 27.76 -23.14 16.54
N GLU H 262 27.90 -23.88 15.44
CA GLU H 262 28.50 -25.21 15.50
C GLU H 262 29.94 -25.17 15.99
N GLY H 263 30.28 -26.06 16.91
CA GLY H 263 31.63 -26.19 17.41
C GLY H 263 31.95 -25.36 18.63
N TYR H 264 31.06 -24.50 19.07
CA TYR H 264 31.31 -23.61 20.19
C TYR H 264 30.30 -23.88 21.29
N ARG H 265 30.73 -23.70 22.53
CA ARG H 265 29.88 -23.81 23.71
C ARG H 265 29.66 -22.42 24.28
N THR H 266 29.02 -22.36 25.45
CA THR H 266 28.70 -21.08 26.05
C THR H 266 29.96 -20.33 26.45
N GLN H 267 29.97 -19.02 26.19
CA GLN H 267 31.14 -18.18 26.44
C GLN H 267 31.01 -17.50 27.80
N MET H 268 31.22 -18.31 28.84
CA MET H 268 31.11 -17.81 30.20
C MET H 268 32.28 -16.91 30.58
N LYS H 269 33.42 -17.02 29.89
CA LYS H 269 34.64 -16.32 30.25
C LYS H 269 35.05 -15.31 29.17
N GLY H 270 34.08 -14.74 28.46
CA GLY H 270 34.38 -13.73 27.48
C GLY H 270 34.64 -12.38 28.11
N PRO H 271 34.99 -11.41 27.28
CA PRO H 271 35.37 -10.08 27.79
C PRO H 271 34.17 -9.21 28.14
N TRP H 272 33.38 -9.67 29.11
CA TRP H 272 32.15 -8.98 29.48
C TRP H 272 32.39 -7.73 30.32
N HIS H 273 33.63 -7.30 30.48
CA HIS H 273 33.93 -6.07 31.20
C HIS H 273 33.88 -4.84 30.32
N SER H 274 33.65 -5.00 29.02
CA SER H 274 33.68 -3.90 28.08
C SER H 274 32.49 -2.96 28.30
N GLU H 275 32.41 -1.94 27.46
CA GLU H 275 31.27 -1.03 27.46
C GLU H 275 30.41 -1.17 26.22
N GLU H 276 30.94 -1.77 25.15
CA GLU H 276 30.23 -1.93 23.90
C GLU H 276 30.92 -3.05 23.14
N LEU H 277 30.25 -4.19 22.99
CA LEU H 277 30.83 -5.36 22.37
C LEU H 277 30.18 -5.60 21.01
N GLU H 278 30.83 -6.44 20.20
CA GLU H 278 30.33 -6.75 18.87
C GLU H 278 30.85 -8.13 18.49
N ILE H 279 29.98 -9.12 18.56
CA ILE H 279 30.34 -10.50 18.26
C ILE H 279 30.25 -10.71 16.76
N ARG H 280 31.31 -11.26 16.17
CA ARG H 280 31.30 -11.59 14.75
C ARG H 280 32.23 -12.77 14.52
N PHE H 281 32.08 -13.40 13.37
CA PHE H 281 32.81 -14.63 13.04
C PHE H 281 33.74 -14.35 11.87
N GLU H 282 34.93 -13.85 12.19
CA GLU H 282 36.03 -13.62 11.25
C GLU H 282 37.28 -13.32 12.07
N GLU H 283 38.43 -13.52 11.44
CA GLU H 283 39.69 -13.40 12.16
C GLU H 283 40.02 -11.95 12.50
N CYS H 284 40.75 -11.76 13.58
CA CYS H 284 41.29 -10.46 13.91
C CYS H 284 42.34 -10.06 12.87
N PRO H 285 42.52 -8.76 12.64
CA PRO H 285 43.45 -8.33 11.58
C PRO H 285 44.87 -8.83 11.84
N GLY H 286 45.47 -9.38 10.78
CA GLY H 286 46.81 -9.93 10.86
C GLY H 286 46.95 -11.17 11.72
N THR H 287 45.99 -12.09 11.63
CA THR H 287 46.02 -13.33 12.39
C THR H 287 45.56 -14.48 11.50
N LYS H 288 45.88 -15.70 11.92
CA LYS H 288 45.50 -16.89 11.18
C LYS H 288 45.30 -18.04 12.17
N VAL H 289 44.20 -18.77 11.98
CA VAL H 289 43.81 -19.85 12.88
C VAL H 289 43.74 -21.15 12.08
N HIS H 290 44.26 -22.22 12.66
CA HIS H 290 44.19 -23.56 12.08
C HIS H 290 43.60 -24.53 13.08
N VAL H 291 43.01 -25.61 12.58
CA VAL H 291 42.37 -26.62 13.41
C VAL H 291 43.36 -27.77 13.59
N GLU H 292 43.77 -28.02 14.83
CA GLU H 292 44.73 -29.08 15.14
C GLU H 292 44.34 -29.76 16.44
N GLU H 293 44.53 -31.07 16.48
CA GLU H 293 44.24 -31.89 17.66
C GLU H 293 45.31 -31.77 18.74
N THR H 294 46.32 -30.93 18.53
CA THR H 294 47.38 -30.74 19.52
C THR H 294 47.39 -29.31 20.05
N CYS H 295 46.21 -28.76 20.29
CA CYS H 295 46.07 -27.41 20.83
C CYS H 295 45.59 -27.48 22.28
N GLY H 296 45.85 -26.40 23.01
CA GLY H 296 45.50 -26.36 24.42
C GLY H 296 43.99 -26.34 24.64
N THR H 297 43.61 -26.64 25.88
CA THR H 297 42.19 -26.68 26.21
C THR H 297 41.65 -25.27 26.39
N ARG H 298 40.32 -25.17 26.43
CA ARG H 298 39.64 -23.89 26.49
C ARG H 298 39.79 -23.25 27.87
N GLY H 299 39.71 -21.92 27.89
CA GLY H 299 39.81 -21.15 29.10
C GLY H 299 39.37 -19.72 28.87
N PRO H 300 39.83 -18.80 29.70
CA PRO H 300 39.45 -17.39 29.54
C PRO H 300 39.89 -16.84 28.19
N SER H 301 39.12 -15.89 27.68
CA SER H 301 39.37 -15.31 26.37
C SER H 301 40.61 -14.43 26.40
N LEU H 302 41.41 -14.50 25.34
CA LEU H 302 42.66 -13.78 25.23
C LEU H 302 42.63 -12.77 24.10
N ARG H 303 43.25 -11.62 24.32
CA ARG H 303 43.27 -10.55 23.34
C ARG H 303 44.37 -10.78 22.30
N SER H 304 44.15 -10.23 21.11
CA SER H 304 45.07 -10.50 20.00
C SER H 304 46.36 -9.71 20.14
N THR H 305 46.31 -8.54 20.75
CA THR H 305 47.49 -7.71 20.93
C THR H 305 47.91 -7.70 22.40
N THR H 306 49.21 -7.89 22.63
CA THR H 306 49.75 -7.88 23.97
C THR H 306 49.70 -6.45 24.54
N ALA H 307 49.84 -6.34 25.85
CA ALA H 307 49.78 -5.03 26.50
C ALA H 307 50.86 -4.08 25.99
N SER H 308 51.94 -4.61 25.44
CA SER H 308 53.00 -3.80 24.83
C SER H 308 52.69 -3.43 23.38
N GLY H 309 51.59 -3.94 22.82
CA GLY H 309 51.20 -3.63 21.46
C GLY H 309 51.58 -4.68 20.44
N ARG H 310 52.37 -5.69 20.81
CA ARG H 310 52.75 -6.72 19.87
C ARG H 310 51.55 -7.58 19.50
N VAL H 311 51.53 -8.04 18.25
CA VAL H 311 50.40 -8.77 17.69
C VAL H 311 50.80 -10.23 17.51
N ILE H 312 50.09 -11.12 18.20
CA ILE H 312 50.24 -12.56 17.95
C ILE H 312 49.68 -12.88 16.58
N GLU H 313 50.23 -13.89 15.93
CA GLU H 313 49.91 -14.12 14.53
C GLU H 313 49.53 -15.55 14.19
N GLU H 314 49.59 -16.49 15.14
CA GLU H 314 49.31 -17.88 14.85
C GLU H 314 48.58 -18.52 16.03
N TRP H 315 47.34 -18.95 15.79
CA TRP H 315 46.48 -19.50 16.82
C TRP H 315 45.96 -20.86 16.38
N CYS H 316 45.46 -21.64 17.34
CA CYS H 316 44.93 -22.97 17.06
C CYS H 316 43.62 -23.17 17.82
N CYS H 317 42.80 -24.08 17.31
CA CYS H 317 41.65 -24.60 18.03
C CYS H 317 41.59 -26.11 17.82
N ARG H 318 40.92 -26.80 18.74
CA ARG H 318 40.91 -28.26 18.68
C ARG H 318 39.88 -28.77 17.68
N GLU H 319 38.60 -28.42 17.87
CA GLU H 319 37.56 -28.85 16.95
C GLU H 319 36.56 -27.73 16.64
N CYS H 320 37.02 -26.49 16.63
CA CYS H 320 36.15 -25.38 16.28
C CYS H 320 35.90 -25.34 14.77
N THR H 321 35.08 -24.39 14.34
CA THR H 321 34.67 -24.28 12.95
C THR H 321 35.02 -22.88 12.42
N MET H 322 35.64 -22.84 11.23
CA MET H 322 35.98 -21.60 10.57
C MET H 322 34.74 -20.98 9.92
N PRO H 323 34.61 -19.64 9.94
CA PRO H 323 35.53 -18.67 10.55
C PRO H 323 35.43 -18.63 12.07
N PRO H 324 36.48 -18.16 12.74
CA PRO H 324 36.51 -18.22 14.21
C PRO H 324 35.66 -17.14 14.85
N LEU H 325 35.32 -17.38 16.12
CA LEU H 325 34.59 -16.44 16.94
C LEU H 325 35.53 -15.34 17.45
N SER H 326 35.09 -14.09 17.34
CA SER H 326 35.89 -12.96 17.79
C SER H 326 34.99 -11.88 18.35
N PHE H 327 35.53 -11.12 19.31
CA PHE H 327 34.84 -10.00 19.93
C PHE H 327 35.56 -8.72 19.54
N ARG H 328 34.80 -7.67 19.24
CA ARG H 328 35.36 -6.40 18.77
C ARG H 328 34.96 -5.30 19.75
N ALA H 329 35.82 -5.10 20.76
CA ALA H 329 35.68 -3.95 21.63
C ALA H 329 36.50 -2.78 21.10
N LYS H 330 36.38 -1.63 21.76
CA LYS H 330 37.19 -0.48 21.37
C LYS H 330 38.65 -0.64 21.76
N ASP H 331 38.95 -1.59 22.65
CA ASP H 331 40.30 -1.80 23.15
C ASP H 331 41.01 -2.98 22.52
N GLY H 332 40.42 -3.60 21.50
CA GLY H 332 41.11 -4.67 20.82
C GLY H 332 40.15 -5.66 20.18
N CYS H 333 40.69 -6.84 19.90
CA CYS H 333 39.98 -7.92 19.22
C CYS H 333 40.28 -9.21 19.98
N TRP H 334 39.33 -9.67 20.78
CA TRP H 334 39.52 -10.88 21.56
C TRP H 334 39.10 -12.11 20.75
N TYR H 335 39.44 -13.27 21.29
CA TYR H 335 39.13 -14.55 20.65
C TYR H 335 38.24 -15.38 21.55
N GLY H 336 37.53 -16.32 20.93
CA GLY H 336 36.69 -17.23 21.67
C GLY H 336 37.51 -18.10 22.60
N MET H 337 36.81 -18.70 23.57
CA MET H 337 37.47 -19.50 24.58
C MET H 337 38.16 -20.73 24.01
N GLU H 338 37.80 -21.15 22.80
CA GLU H 338 38.38 -22.33 22.18
C GLU H 338 39.64 -22.03 21.36
N ILE H 339 39.99 -20.76 21.19
CA ILE H 339 41.12 -20.35 20.35
C ILE H 339 42.28 -20.01 21.27
N ARG H 340 43.37 -20.76 21.15
CA ARG H 340 44.54 -20.59 22.00
C ARG H 340 45.78 -20.39 21.14
N PRO H 341 46.81 -19.73 21.66
CA PRO H 341 48.06 -19.60 20.93
C PRO H 341 48.73 -20.96 20.72
N ARG H 342 49.37 -21.10 19.56
CA ARG H 342 49.95 -22.38 19.16
C ARG H 342 51.31 -22.63 19.81
N LYS H 343 52.28 -21.76 19.53
CA LYS H 343 53.64 -21.94 20.05
C LYS H 343 54.00 -20.88 21.09
N GLU H 344 53.56 -19.65 20.87
CA GLU H 344 53.91 -18.56 21.78
C GLU H 344 53.18 -18.76 23.11
N PRO H 345 53.89 -18.73 24.23
CA PRO H 345 53.23 -18.97 25.53
C PRO H 345 52.20 -17.89 25.85
N GLU H 346 51.10 -18.33 26.46
CA GLU H 346 49.97 -17.44 26.71
C GLU H 346 50.00 -16.82 28.10
N SER H 347 51.05 -17.05 28.88
CA SER H 347 51.14 -16.44 30.20
C SER H 347 51.36 -14.93 30.13
N ASN H 348 51.90 -14.43 29.02
CA ASN H 348 52.16 -13.01 28.84
C ASN H 348 51.04 -12.28 28.10
N LEU H 349 49.96 -12.98 27.73
CA LEU H 349 48.84 -12.36 27.05
C LEU H 349 47.84 -11.80 28.06
N VAL H 350 46.90 -11.02 27.55
CA VAL H 350 45.87 -10.38 28.37
C VAL H 350 44.70 -11.34 28.52
N ARG H 351 44.12 -11.37 29.72
CA ARG H 351 43.09 -12.31 30.10
C ARG H 351 41.86 -11.56 30.60
N SER H 352 40.69 -12.17 30.43
CA SER H 352 39.45 -11.61 30.95
C SER H 352 39.28 -12.03 32.40
N MET H 353 38.90 -11.07 33.23
CA MET H 353 38.85 -11.26 34.67
C MET H 353 37.45 -11.54 35.19
N VAL H 354 36.46 -11.66 34.30
CA VAL H 354 35.07 -11.84 34.72
C VAL H 354 34.54 -13.15 34.18
N THR H 355 33.56 -13.70 34.88
CA THR H 355 32.85 -14.90 34.47
C THR H 355 31.35 -14.67 34.61
N ALA H 356 30.59 -15.10 33.62
CA ALA H 356 29.15 -14.84 33.60
C ALA H 356 28.44 -15.52 34.77
N VAL I 2 -1.61 -14.43 53.74
CA VAL I 2 -2.03 -15.25 52.62
C VAL I 2 -2.07 -16.72 53.06
N GLN I 3 -2.84 -17.53 52.34
CA GLN I 3 -3.10 -18.91 52.72
C GLN I 3 -2.84 -19.84 51.55
N LEU I 4 -2.32 -21.03 51.84
CA LEU I 4 -2.09 -22.06 50.84
C LEU I 4 -2.53 -23.40 51.41
N VAL I 5 -3.48 -24.05 50.75
CA VAL I 5 -4.05 -25.31 51.21
C VAL I 5 -3.95 -26.33 50.09
N GLU I 6 -3.36 -27.49 50.39
CA GLU I 6 -3.09 -28.53 49.41
C GLU I 6 -3.96 -29.75 49.70
N SER I 7 -4.62 -30.27 48.67
CA SER I 7 -5.76 -31.16 48.88
C SER I 7 -5.53 -32.59 48.39
N GLY I 8 -5.22 -32.78 47.10
CA GLY I 8 -5.51 -34.06 46.48
C GLY I 8 -4.46 -35.14 46.48
N GLY I 9 -3.93 -35.51 47.64
CA GLY I 9 -2.89 -36.53 47.75
C GLY I 9 -3.35 -37.70 48.60
N GLY I 10 -3.22 -38.89 48.05
CA GLY I 10 -3.63 -40.10 48.72
C GLY I 10 -2.71 -41.26 48.42
N LEU I 11 -3.28 -42.45 48.34
CA LEU I 11 -2.55 -43.68 48.05
C LEU I 11 -2.71 -44.05 46.58
N ILE I 12 -1.61 -44.54 45.99
CA ILE I 12 -1.58 -44.86 44.57
C ILE I 12 -0.62 -46.03 44.37
N GLN I 13 -0.89 -46.84 43.35
CA GLN I 13 0.02 -47.94 43.07
C GLN I 13 1.09 -47.50 42.08
N PRO I 14 2.27 -48.12 42.11
CA PRO I 14 3.35 -47.69 41.22
C PRO I 14 2.95 -47.82 39.76
N GLY I 15 3.45 -46.89 38.94
CA GLY I 15 3.05 -46.79 37.56
C GLY I 15 1.77 -46.01 37.33
N GLY I 16 1.14 -45.51 38.39
CA GLY I 16 -0.10 -44.79 38.29
C GLY I 16 0.10 -43.29 38.22
N SER I 17 -1.02 -42.58 38.22
CA SER I 17 -1.04 -41.14 38.06
C SER I 17 -1.83 -40.49 39.20
N LEU I 18 -1.50 -39.24 39.48
CA LEU I 18 -2.15 -38.49 40.54
C LEU I 18 -2.07 -37.01 40.21
N ARG I 19 -3.01 -36.24 40.75
CA ARG I 19 -3.11 -34.82 40.48
C ARG I 19 -3.25 -34.09 41.80
N LEU I 20 -2.32 -33.19 42.09
CA LEU I 20 -2.37 -32.40 43.31
C LEU I 20 -2.94 -31.03 43.03
N SER I 21 -3.38 -30.36 44.10
CA SER I 21 -3.98 -29.04 43.99
C SER I 21 -3.50 -28.17 45.14
N CYS I 22 -3.48 -26.86 44.91
CA CYS I 22 -3.08 -25.89 45.91
C CYS I 22 -4.00 -24.69 45.79
N ALA I 23 -4.77 -24.41 46.84
CA ALA I 23 -5.71 -23.31 46.84
C ALA I 23 -5.09 -22.10 47.53
N ALA I 24 -5.14 -20.95 46.88
CA ALA I 24 -4.54 -19.73 47.38
C ALA I 24 -5.62 -18.75 47.84
N SER I 25 -5.38 -18.12 48.99
CA SER I 25 -6.27 -17.11 49.53
C SER I 25 -5.46 -15.87 49.88
N GLY I 26 -6.01 -14.70 49.54
CA GLY I 26 -5.37 -13.45 49.83
C GLY I 26 -4.49 -12.90 48.73
N PHE I 27 -4.26 -13.68 47.67
CA PHE I 27 -3.46 -13.21 46.54
C PHE I 27 -3.83 -14.00 45.31
N THR I 28 -3.52 -13.45 44.15
CA THR I 28 -3.74 -14.11 42.87
C THR I 28 -2.53 -14.94 42.51
N ILE I 29 -2.78 -16.13 41.95
CA ILE I 29 -1.67 -17.01 41.59
C ILE I 29 -0.80 -16.44 40.49
N SER I 30 -1.38 -15.67 39.57
CA SER I 30 -0.65 -15.18 38.41
C SER I 30 0.29 -14.02 38.74
N SER I 31 0.49 -13.71 40.02
CA SER I 31 1.37 -12.62 40.41
C SER I 31 2.60 -13.09 41.18
N LYS I 32 2.76 -14.39 41.41
CA LYS I 32 3.86 -14.91 42.20
C LYS I 32 4.53 -16.05 41.46
N TYR I 33 5.74 -16.38 41.90
CA TYR I 33 6.49 -17.52 41.39
C TYR I 33 6.16 -18.71 42.28
N MET I 34 5.35 -19.62 41.77
CA MET I 34 4.84 -20.73 42.56
C MET I 34 5.66 -21.99 42.31
N SER I 35 5.96 -22.72 43.37
CA SER I 35 6.87 -23.84 43.30
C SER I 35 6.35 -25.01 44.13
N TRP I 36 6.83 -26.21 43.80
CA TRP I 36 6.52 -27.43 44.55
C TRP I 36 7.81 -27.98 45.16
N VAL I 37 7.76 -28.32 46.44
CA VAL I 37 8.88 -28.93 47.15
C VAL I 37 8.36 -30.16 47.89
N ARG I 38 9.15 -31.23 47.89
CA ARG I 38 8.76 -32.47 48.56
C ARG I 38 9.82 -32.88 49.57
N GLN I 39 9.38 -33.63 50.58
CA GLN I 39 10.26 -34.10 51.67
C GLN I 39 9.99 -35.57 51.90
N ALA I 40 10.95 -36.42 51.55
CA ALA I 40 10.81 -37.85 51.78
C ALA I 40 10.81 -38.15 53.28
N PRO I 41 10.09 -39.20 53.71
CA PRO I 41 10.04 -39.53 55.14
C PRO I 41 11.43 -39.86 55.69
N GLY I 42 11.90 -39.02 56.61
CA GLY I 42 13.20 -39.18 57.21
C GLY I 42 14.34 -38.54 56.46
N LYS I 43 14.09 -37.93 55.30
CA LYS I 43 15.11 -37.31 54.48
C LYS I 43 14.92 -35.80 54.46
N GLY I 44 15.73 -35.11 53.66
CA GLY I 44 15.67 -33.67 53.52
C GLY I 44 14.68 -33.22 52.48
N LEU I 45 14.77 -31.93 52.15
CA LEU I 45 13.87 -31.31 51.19
C LEU I 45 14.46 -31.39 49.78
N GLU I 46 13.57 -31.26 48.80
CA GLU I 46 13.98 -31.33 47.40
C GLU I 46 13.05 -30.49 46.53
N TRP I 47 13.64 -29.59 45.75
CA TRP I 47 12.87 -28.75 44.84
C TRP I 47 12.46 -29.53 43.60
N VAL I 48 11.19 -29.41 43.22
CA VAL I 48 10.60 -30.20 42.15
C VAL I 48 10.42 -29.38 40.87
N SER I 49 9.64 -28.31 40.92
CA SER I 49 9.35 -27.54 39.73
C SER I 49 8.86 -26.15 40.13
N ILE I 50 8.95 -25.23 39.18
CA ILE I 50 8.54 -23.84 39.37
C ILE I 50 7.80 -23.37 38.12
N ILE I 51 6.89 -22.42 38.32
CA ILE I 51 6.24 -21.72 37.22
C ILE I 51 6.40 -20.22 37.47
N TYR I 52 6.91 -19.51 36.46
CA TYR I 52 7.11 -18.08 36.60
C TYR I 52 5.77 -17.36 36.57
N SER I 53 5.81 -16.07 36.91
CA SER I 53 4.61 -15.26 36.82
C SER I 53 4.16 -15.06 35.39
N SER I 54 5.11 -15.05 34.45
CA SER I 54 4.79 -14.97 33.02
C SER I 54 4.29 -16.28 32.45
N GLY I 55 4.53 -17.41 33.12
CA GLY I 55 4.08 -18.70 32.64
C GLY I 55 5.17 -19.67 32.27
N SER I 56 6.44 -19.29 32.37
CA SER I 56 7.54 -20.19 32.08
C SER I 56 7.69 -21.23 33.17
N THR I 57 8.08 -22.44 32.78
CA THR I 57 8.17 -23.56 33.70
C THR I 57 9.56 -24.19 33.61
N TYR I 58 10.05 -24.65 34.77
CA TYR I 58 11.32 -25.35 34.87
C TYR I 58 11.16 -26.53 35.81
N TYR I 59 11.99 -27.56 35.60
CA TYR I 59 11.87 -28.81 36.34
C TYR I 59 13.24 -29.30 36.75
N ALA I 60 13.25 -30.15 37.78
CA ALA I 60 14.45 -30.89 38.15
C ALA I 60 14.62 -32.09 37.24
N ASP I 61 15.87 -32.50 37.02
CA ASP I 61 16.13 -33.54 36.05
C ASP I 61 15.55 -34.89 36.46
N SER I 62 15.29 -35.07 37.76
CA SER I 62 14.70 -36.32 38.22
C SER I 62 13.28 -36.52 37.70
N VAL I 63 12.50 -35.45 37.60
CA VAL I 63 11.10 -35.52 37.20
C VAL I 63 10.86 -34.77 35.89
N LYS I 64 11.88 -34.66 35.04
CA LYS I 64 11.83 -33.71 33.93
C LYS I 64 10.69 -34.03 32.96
N GLY I 65 10.52 -35.30 32.61
CA GLY I 65 9.52 -35.64 31.63
C GLY I 65 8.21 -36.19 32.15
N ARG I 66 8.09 -36.37 33.46
CA ARG I 66 6.92 -37.03 34.05
C ARG I 66 5.97 -36.07 34.73
N PHE I 67 6.47 -35.11 35.50
CA PHE I 67 5.59 -34.19 36.20
C PHE I 67 5.29 -32.98 35.34
N THR I 68 4.19 -32.30 35.66
CA THR I 68 3.76 -31.12 34.92
C THR I 68 3.06 -30.16 35.87
N ILE I 69 3.49 -28.90 35.86
CA ILE I 69 2.94 -27.86 36.71
C ILE I 69 2.11 -26.92 35.85
N SER I 70 0.99 -26.45 36.39
CA SER I 70 0.05 -25.64 35.63
C SER I 70 -0.79 -24.81 36.58
N ARG I 71 -1.56 -23.88 36.02
CA ARG I 71 -2.36 -22.94 36.79
C ARG I 71 -3.79 -22.92 36.27
N ASP I 72 -4.66 -22.31 37.06
CA ASP I 72 -6.03 -22.00 36.65
C ASP I 72 -6.39 -20.65 37.23
N ILE I 73 -6.41 -19.62 36.38
CA ILE I 73 -6.63 -18.25 36.84
C ILE I 73 -8.02 -18.05 37.43
N SER I 74 -9.05 -18.62 36.79
CA SER I 74 -10.41 -18.47 37.30
C SER I 74 -10.57 -19.08 38.68
N LYS I 75 -10.04 -20.29 38.86
CA LYS I 75 -10.14 -21.00 40.13
C LYS I 75 -9.10 -20.55 41.15
N ASN I 76 -8.07 -19.82 40.71
CA ASN I 76 -7.01 -19.33 41.59
C ASN I 76 -6.29 -20.46 42.31
N THR I 77 -6.05 -21.56 41.58
CA THR I 77 -5.44 -22.74 42.17
C THR I 77 -4.24 -23.17 41.33
N LEU I 78 -3.29 -23.81 42.00
CA LEU I 78 -2.10 -24.36 41.37
C LEU I 78 -2.23 -25.88 41.31
N TYR I 79 -1.71 -26.47 40.24
CA TYR I 79 -1.83 -27.90 40.00
C TYR I 79 -0.46 -28.54 39.83
N LEU I 80 -0.43 -29.86 40.00
CA LEU I 80 0.74 -30.68 39.67
C LEU I 80 0.23 -32.02 39.19
N GLN I 81 0.54 -32.36 37.95
CA GLN I 81 0.13 -33.63 37.37
C GLN I 81 1.29 -34.61 37.47
N MET I 82 1.07 -35.71 38.16
CA MET I 82 2.09 -36.70 38.46
C MET I 82 1.78 -37.97 37.67
N ASN I 83 2.72 -38.40 36.85
CA ASN I 83 2.49 -39.55 35.98
C ASN I 83 3.62 -40.56 36.12
N SER I 84 3.26 -41.84 35.93
CA SER I 84 4.21 -42.95 35.97
C SER I 84 5.04 -42.93 37.25
N LEU I 85 4.33 -42.97 38.38
CA LEU I 85 4.98 -42.82 39.67
C LEU I 85 5.88 -44.03 39.96
N ARG I 86 6.90 -43.78 40.77
CA ARG I 86 7.89 -44.78 41.12
C ARG I 86 8.00 -44.85 42.65
N ALA I 87 8.86 -45.75 43.13
CA ALA I 87 9.00 -45.94 44.57
C ALA I 87 9.56 -44.70 45.24
N GLU I 88 10.54 -44.05 44.62
CA GLU I 88 11.20 -42.88 45.19
C GLU I 88 10.36 -41.61 45.09
N ASP I 89 9.12 -41.69 44.63
CA ASP I 89 8.24 -40.53 44.52
C ASP I 89 7.37 -40.32 45.75
N THR I 90 7.46 -41.20 46.75
CA THR I 90 6.61 -41.08 47.93
C THR I 90 7.22 -40.08 48.91
N ALA I 91 6.42 -39.08 49.29
CA ALA I 91 6.87 -38.01 50.17
C ALA I 91 5.71 -37.09 50.51
N VAL I 92 5.97 -36.07 51.32
CA VAL I 92 5.00 -35.01 51.59
C VAL I 92 5.31 -33.85 50.65
N TYR I 93 4.31 -33.43 49.88
CA TYR I 93 4.49 -32.42 48.85
C TYR I 93 3.98 -31.08 49.37
N TYR I 94 4.82 -30.07 49.33
CA TYR I 94 4.47 -28.73 49.79
C TYR I 94 4.24 -27.79 48.61
N CYS I 95 3.65 -26.65 48.91
CA CYS I 95 3.30 -25.63 47.92
C CYS I 95 3.86 -24.31 48.42
N ALA I 96 4.92 -23.81 47.79
CA ALA I 96 5.67 -22.67 48.29
C ALA I 96 5.72 -21.55 47.27
N SER I 97 6.12 -20.34 47.67
CA SER I 97 6.23 -19.16 46.75
C SER I 97 7.59 -18.46 46.85
N LEU I 98 8.07 -17.80 45.79
CA LEU I 98 9.42 -17.18 45.77
C LEU I 98 9.33 -15.68 46.04
N GLY I 99 10.35 -15.13 46.69
CA GLY I 99 10.37 -13.71 47.05
C GLY I 99 11.80 -13.25 47.23
N SER I 100 12.01 -12.14 47.93
CA SER I 100 13.37 -11.53 48.03
C SER I 100 14.47 -12.52 48.38
N GLY I 101 15.56 -12.50 47.61
CA GLY I 101 16.70 -13.39 47.82
C GLY I 101 16.59 -14.65 46.99
N SER I 102 15.52 -14.82 46.23
CA SER I 102 15.22 -16.08 45.51
C SER I 102 14.96 -17.19 46.52
N ALA I 103 14.18 -16.91 47.57
CA ALA I 103 13.91 -17.87 48.66
C ALA I 103 12.40 -18.07 48.86
N PHE I 104 11.97 -19.11 49.57
CA PHE I 104 10.53 -19.45 49.74
C PHE I 104 9.95 -18.88 51.04
N GLY I 105 8.95 -17.99 50.97
CA GLY I 105 8.41 -17.29 52.12
C GLY I 105 7.13 -17.89 52.66
N TYR I 106 6.20 -18.25 51.78
CA TYR I 106 4.91 -18.80 52.19
C TYR I 106 4.83 -20.26 51.78
N TRP I 107 4.61 -21.14 52.75
CA TRP I 107 4.49 -22.57 52.53
C TRP I 107 3.06 -23.01 52.82
N GLY I 108 2.70 -24.16 52.29
CA GLY I 108 1.44 -24.80 52.59
C GLY I 108 1.53 -25.65 53.84
N GLN I 109 0.45 -26.37 54.10
CA GLN I 109 0.38 -27.26 55.24
C GLN I 109 0.84 -28.68 54.93
N GLY I 110 1.02 -29.03 53.67
CA GLY I 110 1.56 -30.32 53.29
C GLY I 110 0.49 -31.32 52.90
N THR I 111 0.88 -32.27 52.05
CA THR I 111 -0.02 -33.33 51.61
C THR I 111 0.84 -34.55 51.28
N LEU I 112 0.45 -35.70 51.83
CA LEU I 112 1.30 -36.89 51.74
C LEU I 112 0.84 -37.79 50.61
N VAL I 113 1.80 -38.37 49.90
CA VAL I 113 1.56 -39.29 48.79
C VAL I 113 2.33 -40.57 49.04
N THR I 114 1.64 -41.70 49.00
CA THR I 114 2.27 -43.00 49.19
C THR I 114 2.16 -43.79 47.89
N VAL I 115 3.27 -44.36 47.45
CA VAL I 115 3.33 -45.17 46.23
C VAL I 115 3.76 -46.57 46.66
N SER I 116 2.81 -47.49 46.76
CA SER I 116 3.10 -48.85 47.21
C SER I 116 2.03 -49.78 46.68
N SER I 117 2.39 -51.06 46.57
CA SER I 117 1.46 -52.08 46.10
C SER I 117 0.96 -52.94 47.25
N ASP J 1 25.19 -29.74 39.10
CA ASP J 1 24.47 -29.40 40.31
C ASP J 1 25.42 -28.84 41.36
N ILE J 2 24.87 -28.10 42.33
CA ILE J 2 25.66 -27.56 43.42
C ILE J 2 25.29 -28.31 44.69
N VAL J 3 26.25 -29.02 45.26
CA VAL J 3 26.03 -29.85 46.44
C VAL J 3 26.33 -29.04 47.68
N MET J 4 25.41 -29.06 48.64
CA MET J 4 25.54 -28.29 49.87
C MET J 4 25.72 -29.25 51.04
N THR J 5 26.71 -28.95 51.89
CA THR J 5 27.01 -29.77 53.05
C THR J 5 26.87 -28.94 54.32
N GLN J 6 26.39 -29.57 55.38
CA GLN J 6 26.12 -28.91 56.65
C GLN J 6 26.85 -29.64 57.76
N SER J 7 27.21 -28.90 58.81
CA SER J 7 27.90 -29.48 59.95
C SER J 7 27.70 -28.59 61.16
N PRO J 8 27.54 -29.14 62.37
CA PRO J 8 27.55 -30.58 62.68
C PRO J 8 26.22 -31.25 62.36
N SER J 9 26.20 -32.59 62.39
CA SER J 9 24.95 -33.31 62.15
C SER J 9 23.98 -33.13 63.31
N SER J 10 24.48 -32.98 64.53
CA SER J 10 23.63 -32.75 65.68
C SER J 10 24.38 -31.89 66.68
N VAL J 11 23.64 -31.20 67.54
CA VAL J 11 24.23 -30.35 68.57
C VAL J 11 23.24 -30.24 69.72
N SER J 12 23.76 -30.16 70.94
CA SER J 12 22.96 -30.08 72.16
C SER J 12 23.40 -28.85 72.94
N ALA J 13 22.43 -28.14 73.52
CA ALA J 13 22.73 -26.95 74.30
C ALA J 13 21.58 -26.66 75.25
N SER J 14 21.89 -25.92 76.31
CA SER J 14 20.92 -25.54 77.31
C SER J 14 20.37 -24.15 77.01
N VAL J 15 19.42 -23.70 77.83
CA VAL J 15 18.75 -22.43 77.59
C VAL J 15 19.72 -21.28 77.83
N GLY J 16 19.74 -20.33 76.89
CA GLY J 16 20.58 -19.17 76.99
C GLY J 16 21.99 -19.34 76.46
N ASP J 17 22.31 -20.49 75.88
CA ASP J 17 23.65 -20.75 75.37
C ASP J 17 23.76 -20.34 73.90
N ARG J 18 24.99 -20.10 73.47
CA ARG J 18 25.23 -19.72 72.08
C ARG J 18 25.39 -20.96 71.21
N VAL J 19 24.80 -20.93 70.02
CA VAL J 19 24.81 -22.05 69.09
C VAL J 19 25.29 -21.56 67.73
N THR J 20 26.06 -22.39 67.05
CA THR J 20 26.62 -22.06 65.74
C THR J 20 26.50 -23.25 64.80
N ILE J 21 25.97 -23.01 63.59
CA ILE J 21 25.82 -24.02 62.57
C ILE J 21 26.43 -23.49 61.28
N THR J 22 27.19 -24.33 60.58
CA THR J 22 27.95 -23.92 59.42
C THR J 22 27.51 -24.68 58.17
N CYS J 23 27.31 -23.93 57.08
CA CYS J 23 26.95 -24.48 55.78
C CYS J 23 28.13 -24.32 54.83
N ARG J 24 28.26 -25.25 53.90
CA ARG J 24 29.42 -25.32 53.02
C ARG J 24 28.99 -25.71 51.62
N ALA J 25 29.31 -24.87 50.64
CA ALA J 25 28.91 -25.08 49.26
C ALA J 25 30.08 -25.66 48.46
N SER J 26 29.78 -26.09 47.23
CA SER J 26 30.79 -26.65 46.36
C SER J 26 31.16 -25.75 45.20
N GLN J 27 30.62 -24.53 45.16
CA GLN J 27 30.90 -23.60 44.06
C GLN J 27 30.76 -22.18 44.61
N GLY J 28 30.84 -21.20 43.72
CA GLY J 28 30.67 -19.80 44.03
C GLY J 28 29.26 -19.28 44.00
N ILE J 29 28.47 -19.56 45.05
CA ILE J 29 27.07 -19.18 45.11
C ILE J 29 26.91 -17.83 45.77
N SER J 30 28.01 -17.06 45.81
CA SER J 30 28.23 -15.96 46.75
C SER J 30 26.98 -15.19 47.15
N THR J 31 26.77 -15.07 48.45
CA THR J 31 25.74 -14.30 49.16
C THR J 31 24.31 -14.65 48.75
N TRP J 32 24.11 -15.66 47.90
CA TRP J 32 22.76 -16.13 47.57
C TRP J 32 22.46 -17.37 48.39
N LEU J 33 22.17 -17.17 49.68
CA LEU J 33 21.92 -18.28 50.60
C LEU J 33 20.76 -17.93 51.51
N ALA J 34 20.02 -18.96 51.94
CA ALA J 34 18.91 -18.81 52.86
C ALA J 34 18.94 -19.91 53.91
N TRP J 35 18.40 -19.60 55.10
CA TRP J 35 18.36 -20.52 56.23
C TRP J 35 16.91 -20.75 56.66
N TYR J 36 16.58 -22.00 57.01
CA TYR J 36 15.22 -22.39 57.35
C TYR J 36 15.19 -23.09 58.71
N GLN J 37 14.00 -23.17 59.28
CA GLN J 37 13.76 -23.88 60.53
C GLN J 37 12.62 -24.86 60.34
N GLN J 38 12.86 -26.13 60.69
CA GLN J 38 11.89 -27.20 60.48
C GLN J 38 11.53 -27.82 61.83
N LYS J 39 10.26 -27.71 62.21
CA LYS J 39 9.80 -28.41 63.39
C LYS J 39 9.09 -29.71 63.00
N PRO J 40 9.16 -30.73 63.84
CA PRO J 40 8.55 -32.02 63.48
C PRO J 40 7.04 -31.90 63.30
N GLY J 41 6.57 -32.33 62.14
CA GLY J 41 5.16 -32.27 61.81
C GLY J 41 4.67 -30.94 61.28
N LYS J 42 5.57 -30.04 60.91
CA LYS J 42 5.21 -28.71 60.42
C LYS J 42 5.99 -28.39 59.15
N ALA J 43 5.57 -27.32 58.49
CA ALA J 43 6.25 -26.83 57.30
C ALA J 43 7.48 -26.00 57.68
N PRO J 44 8.47 -25.93 56.80
CA PRO J 44 9.65 -25.10 57.09
C PRO J 44 9.29 -23.62 57.13
N ARG J 45 10.08 -22.87 57.90
CA ARG J 45 9.92 -21.43 58.04
C ARG J 45 11.21 -20.73 57.67
N LEU J 46 11.10 -19.64 56.90
CA LEU J 46 12.27 -18.89 56.47
C LEU J 46 12.74 -17.95 57.57
N LEU J 47 14.04 -17.97 57.85
CA LEU J 47 14.63 -17.12 58.87
C LEU J 47 15.53 -16.04 58.26
N ILE J 48 16.51 -16.45 57.44
CA ILE J 48 17.48 -15.55 56.85
C ILE J 48 17.45 -15.73 55.34
N TYR J 49 17.54 -14.62 54.62
CA TYR J 49 17.72 -14.65 53.17
C TYR J 49 18.83 -13.68 52.79
N ALA J 50 19.44 -13.93 51.64
CA ALA J 50 20.59 -13.17 51.14
C ALA J 50 21.77 -13.24 52.09
N ALA J 51 21.81 -14.28 52.92
CA ALA J 51 22.89 -14.64 53.82
C ALA J 51 23.00 -13.72 55.03
N SER J 52 22.28 -12.61 55.04
CA SER J 52 22.30 -11.73 56.20
C SER J 52 20.96 -11.10 56.56
N SER J 53 19.98 -11.09 55.67
CA SER J 53 18.77 -10.32 55.90
C SER J 53 17.75 -11.14 56.69
N LEU J 54 17.16 -10.48 57.68
CA LEU J 54 16.23 -11.15 58.57
C LEU J 54 14.82 -11.05 58.01
N GLN J 55 14.16 -12.19 57.85
CA GLN J 55 12.79 -12.21 57.39
C GLN J 55 11.87 -11.55 58.42
N SER J 56 10.91 -10.80 57.93
CA SER J 56 10.03 -10.03 58.81
C SER J 56 9.25 -10.94 59.74
N GLY J 57 9.18 -10.56 61.02
CA GLY J 57 8.49 -11.34 62.03
C GLY J 57 9.36 -12.33 62.78
N VAL J 58 10.59 -12.56 62.33
CA VAL J 58 11.50 -13.49 62.99
C VAL J 58 12.24 -12.74 64.09
N PRO J 59 12.40 -13.34 65.27
CA PRO J 59 13.15 -12.65 66.33
C PRO J 59 14.61 -12.42 65.92
N SER J 60 15.18 -11.34 66.47
CA SER J 60 16.51 -10.90 66.08
C SER J 60 17.62 -11.68 66.77
N ARG J 61 17.30 -12.69 67.58
CA ARG J 61 18.35 -13.49 68.20
C ARG J 61 19.04 -14.39 67.19
N PHE J 62 18.54 -14.46 65.95
CA PHE J 62 19.20 -15.17 64.87
C PHE J 62 20.06 -14.21 64.06
N SER J 63 21.20 -14.70 63.58
CA SER J 63 22.13 -13.89 62.81
C SER J 63 22.79 -14.75 61.75
N GLY J 64 23.04 -14.14 60.59
CA GLY J 64 23.72 -14.83 59.52
C GLY J 64 24.93 -14.04 59.04
N SER J 65 25.87 -14.78 58.46
CA SER J 65 27.08 -14.18 57.91
C SER J 65 27.70 -15.14 56.93
N GLY J 66 28.55 -14.61 56.06
CA GLY J 66 29.28 -15.42 55.10
C GLY J 66 29.15 -14.89 53.69
N SER J 67 29.90 -15.51 52.81
CA SER J 67 29.92 -15.18 51.38
C SER J 67 30.68 -16.30 50.68
N GLY J 68 30.57 -16.32 49.35
CA GLY J 68 31.37 -17.25 48.59
C GLY J 68 30.96 -18.69 48.80
N THR J 69 31.75 -19.41 49.60
CA THR J 69 31.55 -20.83 49.83
C THR J 69 31.17 -21.18 51.27
N ASP J 70 31.54 -20.35 52.25
CA ASP J 70 31.34 -20.67 53.66
C ASP J 70 30.33 -19.72 54.29
N PHE J 71 29.40 -20.26 55.07
CA PHE J 71 28.34 -19.49 55.68
C PHE J 71 28.09 -19.99 57.10
N THR J 72 27.52 -19.12 57.93
CA THR J 72 27.35 -19.43 59.34
C THR J 72 26.03 -18.87 59.85
N LEU J 73 25.27 -19.70 60.56
CA LEU J 73 24.04 -19.28 61.22
C LEU J 73 24.25 -19.34 62.73
N THR J 74 23.87 -18.27 63.43
CA THR J 74 24.16 -18.13 64.85
C THR J 74 22.88 -17.83 65.62
N ILE J 75 22.68 -18.55 66.72
CA ILE J 75 21.65 -18.25 67.70
C ILE J 75 22.36 -17.79 68.96
N SER J 76 22.00 -16.60 69.47
CA SER J 76 22.70 -16.04 70.61
C SER J 76 22.20 -16.64 71.93
N SER J 77 20.92 -16.46 72.22
CA SER J 77 20.32 -16.92 73.47
C SER J 77 19.28 -17.99 73.14
N LEU J 78 19.69 -19.25 73.24
CA LEU J 78 18.79 -20.36 72.92
C LEU J 78 17.57 -20.35 73.84
N GLN J 79 16.43 -20.74 73.29
CA GLN J 79 15.18 -20.79 74.00
C GLN J 79 14.52 -22.15 73.83
N PRO J 80 13.63 -22.54 74.74
CA PRO J 80 12.93 -23.83 74.59
C PRO J 80 12.10 -23.94 73.34
N GLU J 81 11.71 -22.82 72.73
CA GLU J 81 10.96 -22.82 71.48
C GLU J 81 11.85 -22.94 70.25
N ASP J 82 13.17 -23.01 70.44
CA ASP J 82 14.12 -23.04 69.33
C ASP J 82 14.82 -24.39 69.20
N PHE J 83 14.12 -25.48 69.47
CA PHE J 83 14.64 -26.83 69.27
C PHE J 83 13.95 -27.42 68.04
N ALA J 84 14.69 -27.56 66.95
CA ALA J 84 14.12 -27.94 65.66
C ALA J 84 15.27 -28.35 64.75
N THR J 85 14.97 -28.51 63.46
CA THR J 85 15.97 -28.83 62.44
C THR J 85 16.14 -27.63 61.52
N TYR J 86 17.38 -27.39 61.09
CA TYR J 86 17.72 -26.20 60.32
C TYR J 86 18.43 -26.61 59.02
N TYR J 87 18.08 -25.95 57.92
CA TYR J 87 18.66 -26.22 56.61
C TYR J 87 19.15 -24.93 55.95
N CYS J 88 20.11 -25.09 55.04
CA CYS J 88 20.55 -24.03 54.15
C CYS J 88 20.27 -24.43 52.71
N GLN J 89 19.85 -23.46 51.89
CA GLN J 89 19.63 -23.74 50.47
C GLN J 89 20.16 -22.60 49.62
N GLN J 90 20.79 -22.97 48.50
CA GLN J 90 21.36 -22.00 47.58
C GLN J 90 20.31 -21.49 46.61
N ALA J 91 20.39 -20.20 46.29
CA ALA J 91 19.41 -19.52 45.48
C ALA J 91 20.04 -18.89 44.25
N ASN J 92 21.16 -19.45 43.80
CA ASN J 92 21.98 -18.86 42.76
C ASN J 92 21.54 -19.28 41.36
N SER J 93 21.19 -20.55 41.18
CA SER J 93 20.79 -21.04 39.87
C SER J 93 19.93 -22.28 40.04
N PHE J 94 19.19 -22.61 38.99
CA PHE J 94 18.37 -23.81 39.00
C PHE J 94 19.23 -25.04 38.72
N PRO J 95 18.95 -26.18 39.38
CA PRO J 95 17.92 -26.35 40.40
C PRO J 95 18.33 -25.83 41.78
N PHE J 96 17.35 -25.45 42.58
CA PHE J 96 17.63 -25.05 43.95
C PHE J 96 17.85 -26.28 44.81
N THR J 97 18.92 -26.28 45.61
CA THR J 97 19.29 -27.42 46.41
C THR J 97 19.40 -27.03 47.87
N PHE J 98 18.92 -27.91 48.75
CA PHE J 98 18.95 -27.70 50.20
C PHE J 98 20.14 -28.44 50.80
N GLY J 99 20.29 -28.31 52.11
CA GLY J 99 21.36 -28.96 52.83
C GLY J 99 20.90 -30.22 53.53
N PRO J 100 21.85 -31.04 53.99
CA PRO J 100 21.47 -32.29 54.64
C PRO J 100 20.65 -32.12 55.90
N GLY J 101 20.88 -31.05 56.66
CA GLY J 101 20.12 -30.79 57.87
C GLY J 101 20.98 -30.90 59.12
N THR J 102 20.51 -30.23 60.17
CA THR J 102 21.19 -30.22 61.46
C THR J 102 20.16 -30.13 62.57
N LYS J 103 20.26 -31.04 63.54
CA LYS J 103 19.31 -31.13 64.63
C LYS J 103 19.89 -30.51 65.88
N VAL J 104 19.06 -29.74 66.60
CA VAL J 104 19.45 -29.11 67.85
C VAL J 104 18.70 -29.79 68.98
N GLU J 105 19.43 -30.39 69.91
CA GLU J 105 18.88 -31.28 70.92
C GLU J 105 18.80 -30.59 72.27
N ILE J 106 18.41 -31.36 73.29
CA ILE J 106 18.17 -30.87 74.65
C ILE J 106 17.09 -29.80 74.64
N VAL K 2 24.78 -45.98 -0.24
CA VAL K 2 24.17 -45.51 1.00
C VAL K 2 24.26 -46.57 2.09
N GLN K 3 24.84 -46.20 3.23
CA GLN K 3 25.09 -47.12 4.33
C GLN K 3 24.93 -46.40 5.66
N LEU K 4 24.52 -47.16 6.67
CA LEU K 4 24.44 -46.68 8.05
C LEU K 4 25.07 -47.72 8.95
N VAL K 5 26.02 -47.30 9.77
CA VAL K 5 26.76 -48.19 10.67
C VAL K 5 26.67 -47.65 12.08
N GLU K 6 26.19 -48.47 13.01
CA GLU K 6 26.00 -48.05 14.39
C GLU K 6 27.34 -48.09 15.13
N SER K 7 27.30 -47.99 16.46
CA SER K 7 28.49 -47.78 17.26
C SER K 7 28.22 -48.29 18.67
N GLY K 8 29.01 -47.81 19.63
CA GLY K 8 29.29 -48.53 20.86
C GLY K 8 28.20 -48.68 21.90
N GLY K 9 27.21 -49.51 21.61
CA GLY K 9 26.39 -50.06 22.66
C GLY K 9 27.12 -51.18 23.39
N GLY K 10 26.70 -51.44 24.62
CA GLY K 10 27.34 -52.47 25.41
C GLY K 10 26.68 -52.75 26.75
N LEU K 11 27.49 -53.02 27.77
CA LEU K 11 27.01 -53.32 29.10
C LEU K 11 27.18 -52.10 30.00
N ILE K 12 26.12 -51.78 30.75
CA ILE K 12 26.12 -50.62 31.63
C ILE K 12 25.26 -50.93 32.84
N GLN K 13 25.64 -50.37 33.98
CA GLN K 13 24.90 -50.56 35.21
C GLN K 13 23.64 -49.69 35.21
N PRO K 14 22.61 -50.11 35.92
CA PRO K 14 21.39 -49.29 36.01
C PRO K 14 21.68 -47.93 36.60
N GLY K 15 21.01 -46.91 36.05
CA GLY K 15 21.25 -45.54 36.45
C GLY K 15 22.41 -44.86 35.76
N GLY K 16 23.12 -45.56 34.88
CA GLY K 16 24.24 -44.99 34.17
C GLY K 16 23.83 -44.30 32.88
N SER K 17 24.84 -43.89 32.11
CA SER K 17 24.64 -43.16 30.88
C SER K 17 25.45 -43.80 29.76
N LEU K 18 24.94 -43.68 28.55
CA LEU K 18 25.58 -44.27 27.38
C LEU K 18 25.24 -43.44 26.15
N ARG K 19 26.14 -43.42 25.18
CA ARG K 19 25.95 -42.65 23.96
C ARG K 19 26.14 -43.53 22.74
N LEU K 20 25.13 -43.59 21.89
CA LEU K 20 25.18 -44.34 20.64
C LEU K 20 25.60 -43.42 19.50
N SER K 21 26.04 -44.03 18.40
CA SER K 21 26.46 -43.28 17.24
C SER K 21 26.13 -44.08 16.00
N CYS K 22 25.76 -43.37 14.93
CA CYS K 22 25.37 -44.01 13.67
C CYS K 22 25.95 -43.15 12.55
N ALA K 23 26.96 -43.67 11.89
CA ALA K 23 27.65 -42.93 10.83
C ALA K 23 26.99 -43.18 9.48
N ALA K 24 26.92 -42.15 8.66
CA ALA K 24 26.26 -42.20 7.36
C ALA K 24 27.27 -42.05 6.24
N SER K 25 27.08 -42.83 5.18
CA SER K 25 27.87 -42.71 3.97
C SER K 25 26.95 -42.78 2.76
N GLY K 26 27.26 -42.01 1.73
CA GLY K 26 26.44 -41.95 0.56
C GLY K 26 25.41 -40.83 0.54
N PHE K 27 25.24 -40.11 1.65
CA PHE K 27 24.32 -39.00 1.69
C PHE K 27 24.73 -38.08 2.85
N THR K 28 24.07 -36.93 2.92
CA THR K 28 24.31 -35.95 3.97
C THR K 28 23.31 -36.15 5.10
N ILE K 29 23.82 -36.16 6.33
CA ILE K 29 22.97 -36.47 7.49
C ILE K 29 21.93 -35.38 7.73
N SER K 30 22.11 -34.19 7.19
CA SER K 30 21.19 -33.09 7.41
C SER K 30 20.11 -32.98 6.34
N SER K 31 20.02 -33.96 5.44
CA SER K 31 19.05 -33.93 4.36
C SER K 31 17.92 -34.93 4.54
N LYS K 32 17.87 -35.63 5.67
CA LYS K 32 16.90 -36.71 5.84
C LYS K 32 16.33 -36.65 7.25
N TYR K 33 15.19 -37.32 7.42
CA TYR K 33 14.54 -37.48 8.72
C TYR K 33 15.06 -38.77 9.35
N MET K 34 15.84 -38.63 10.41
CA MET K 34 16.52 -39.77 11.03
C MET K 34 15.86 -40.14 12.35
N SER K 35 15.68 -41.43 12.58
CA SER K 35 15.02 -41.93 13.77
C SER K 35 15.84 -43.04 14.42
N TRP K 36 15.51 -43.33 15.68
CA TRP K 36 16.03 -44.47 16.40
C TRP K 36 14.88 -45.41 16.75
N VAL K 37 15.06 -46.70 16.46
CA VAL K 37 14.06 -47.72 16.73
C VAL K 37 14.73 -48.86 17.49
N ARG K 38 14.08 -49.34 18.54
CA ARG K 38 14.64 -50.40 19.38
C ARG K 38 13.70 -51.60 19.43
N GLN K 39 14.30 -52.78 19.58
CA GLN K 39 13.56 -54.04 19.65
C GLN K 39 14.05 -54.82 20.86
N ALA K 40 13.17 -55.00 21.85
CA ALA K 40 13.52 -55.77 23.02
C ALA K 40 13.72 -57.24 22.66
N PRO K 41 14.59 -57.96 23.38
CA PRO K 41 14.85 -59.37 23.03
C PRO K 41 13.60 -60.24 23.07
N GLY K 42 13.23 -60.80 21.93
CA GLY K 42 12.04 -61.62 21.82
C GLY K 42 10.74 -60.85 21.74
N LYS K 43 10.78 -59.57 21.41
CA LYS K 43 9.61 -58.71 21.41
C LYS K 43 9.57 -57.95 20.08
N GLY K 44 8.56 -57.09 19.91
CA GLY K 44 8.40 -56.32 18.70
C GLY K 44 9.18 -55.00 18.74
N LEU K 45 9.01 -54.24 17.66
CA LEU K 45 9.73 -52.99 17.46
C LEU K 45 9.02 -51.83 18.16
N GLU K 46 9.78 -50.78 18.44
CA GLU K 46 9.25 -49.60 19.11
C GLU K 46 10.01 -48.37 18.64
N TRP K 47 9.28 -47.30 18.33
CA TRP K 47 9.89 -46.06 17.89
C TRP K 47 10.25 -45.20 19.10
N VAL K 48 11.39 -44.53 19.03
CA VAL K 48 11.96 -43.81 20.16
C VAL K 48 11.99 -42.30 19.92
N SER K 49 12.69 -41.86 18.86
CA SER K 49 12.83 -40.43 18.62
C SER K 49 13.14 -40.18 17.15
N ILE K 50 12.92 -38.94 16.72
CA ILE K 50 13.15 -38.51 15.36
C ILE K 50 13.73 -37.11 15.37
N ILE K 51 14.54 -36.80 14.36
CA ILE K 51 15.03 -35.45 14.13
C ILE K 51 14.76 -35.08 12.68
N TYR K 52 14.22 -33.88 12.45
CA TYR K 52 13.87 -33.41 11.12
C TYR K 52 15.12 -32.87 10.41
N SER K 53 14.96 -32.60 9.11
CA SER K 53 16.01 -31.93 8.36
C SER K 53 16.31 -30.54 8.89
N SER K 54 15.27 -29.80 9.28
CA SER K 54 15.45 -28.49 9.89
C SER K 54 16.07 -28.55 11.28
N GLY K 55 15.84 -29.62 12.02
CA GLY K 55 16.36 -29.76 13.37
C GLY K 55 15.31 -30.02 14.42
N SER K 56 14.04 -30.20 14.07
CA SER K 56 13.01 -30.45 15.06
C SER K 56 13.11 -31.88 15.58
N THR K 57 12.87 -32.05 16.88
CA THR K 57 12.99 -33.34 17.54
C THR K 57 11.69 -33.69 18.25
N TYR K 58 11.34 -34.97 18.21
CA TYR K 58 10.18 -35.49 18.91
C TYR K 58 10.57 -36.81 19.57
N TYR K 59 9.87 -37.14 20.66
CA TYR K 59 10.18 -38.32 21.44
C TYR K 59 8.90 -39.06 21.78
N ALA K 60 9.08 -40.30 22.24
CA ALA K 60 7.99 -41.09 22.79
C ALA K 60 7.84 -40.81 24.28
N ASP K 61 6.66 -41.11 24.80
CA ASP K 61 6.36 -40.78 26.20
C ASP K 61 7.18 -41.59 27.19
N SER K 62 7.68 -42.77 26.79
CA SER K 62 8.42 -43.61 27.72
C SER K 62 9.82 -43.09 27.98
N VAL K 63 10.41 -42.35 27.04
CA VAL K 63 11.80 -41.91 27.16
C VAL K 63 11.87 -40.39 27.06
N LYS K 64 10.78 -39.72 27.40
CA LYS K 64 10.61 -38.30 27.04
C LYS K 64 11.73 -37.44 27.62
N GLY K 65 11.98 -37.55 28.91
CA GLY K 65 12.95 -36.69 29.57
C GLY K 65 14.33 -37.26 29.78
N ARG K 66 14.62 -38.44 29.25
CA ARG K 66 15.90 -39.11 29.50
C ARG K 66 16.78 -39.23 28.27
N PHE K 67 16.21 -39.42 27.09
CA PHE K 67 16.98 -39.59 25.87
C PHE K 67 17.09 -38.26 25.14
N THR K 68 18.09 -38.15 24.27
CA THR K 68 18.32 -36.93 23.51
C THR K 68 18.97 -37.28 22.18
N ILE K 69 18.31 -36.90 21.08
CA ILE K 69 18.82 -37.18 19.75
C ILE K 69 19.55 -35.94 19.23
N SER K 70 20.73 -36.14 18.68
CA SER K 70 21.54 -35.04 18.17
C SER K 70 22.09 -35.35 16.79
N ARG K 71 22.95 -34.48 16.28
CA ARG K 71 23.41 -34.56 14.91
C ARG K 71 24.73 -33.80 14.78
N ASP K 72 25.66 -34.34 13.99
CA ASP K 72 26.93 -33.69 13.74
C ASP K 72 27.18 -33.70 12.23
N ILE K 73 27.07 -32.52 11.61
CA ILE K 73 27.14 -32.44 10.16
C ILE K 73 28.57 -32.55 9.67
N SER K 74 29.53 -32.01 10.43
CA SER K 74 30.93 -32.08 10.03
C SER K 74 31.41 -33.53 9.97
N LYS K 75 31.07 -34.33 10.97
CA LYS K 75 31.42 -35.75 10.97
C LYS K 75 30.35 -36.64 10.33
N ASN K 76 29.18 -36.07 9.99
CA ASN K 76 28.12 -36.80 9.28
C ASN K 76 27.63 -38.00 10.08
N THR K 77 27.38 -37.77 11.37
CA THR K 77 26.98 -38.86 12.25
C THR K 77 25.73 -38.45 13.03
N LEU K 78 24.98 -39.46 13.44
CA LEU K 78 23.79 -39.30 14.28
C LEU K 78 24.11 -39.81 15.68
N TYR K 79 23.59 -39.13 16.69
CA TYR K 79 23.90 -39.44 18.08
C TYR K 79 22.63 -39.69 18.87
N LEU K 80 22.76 -40.50 19.92
CA LEU K 80 21.67 -40.71 20.87
C LEU K 80 22.30 -40.77 22.26
N GLN K 81 21.97 -39.80 23.10
CA GLN K 81 22.49 -39.75 24.47
C GLN K 81 21.43 -40.30 25.41
N MET K 82 21.77 -41.35 26.13
CA MET K 82 20.85 -42.03 27.04
C MET K 82 21.30 -41.79 28.48
N ASN K 83 20.37 -41.35 29.32
CA ASN K 83 20.66 -41.07 30.71
C ASN K 83 19.68 -41.84 31.59
N SER K 84 20.15 -42.18 32.79
CA SER K 84 19.33 -42.88 33.80
C SER K 84 18.75 -44.17 33.24
N LEU K 85 19.64 -45.00 32.69
CA LEU K 85 19.23 -46.27 32.11
C LEU K 85 18.58 -47.15 33.17
N ARG K 86 17.47 -47.77 32.82
CA ARG K 86 16.78 -48.72 33.68
C ARG K 86 16.74 -50.09 33.00
N ALA K 87 16.10 -51.04 33.67
CA ALA K 87 16.14 -52.43 33.21
C ALA K 87 15.45 -52.62 31.87
N GLU K 88 14.31 -51.97 31.65
CA GLU K 88 13.52 -52.18 30.44
C GLU K 88 14.05 -51.38 29.25
N ASP K 89 15.28 -50.89 29.33
CA ASP K 89 15.95 -50.26 28.20
C ASP K 89 16.90 -51.21 27.49
N THR K 90 16.80 -52.50 27.74
CA THR K 90 17.65 -53.50 27.10
C THR K 90 17.04 -53.90 25.77
N ALA K 91 17.74 -53.61 24.67
CA ALA K 91 17.23 -53.89 23.34
C ALA K 91 18.36 -53.70 22.34
N VAL K 92 18.06 -53.98 21.08
CA VAL K 92 18.93 -53.65 19.95
C VAL K 92 18.41 -52.36 19.34
N TYR K 93 19.30 -51.40 19.13
CA TYR K 93 18.94 -50.08 18.64
C TYR K 93 19.37 -49.91 17.19
N TYR K 94 18.42 -49.52 16.35
CA TYR K 94 18.67 -49.24 14.94
C TYR K 94 18.54 -47.75 14.66
N CYS K 95 19.23 -47.29 13.62
CA CYS K 95 19.02 -45.96 13.05
C CYS K 95 18.38 -46.13 11.68
N ALA K 96 17.25 -45.45 11.47
CA ALA K 96 16.46 -45.60 10.26
C ALA K 96 16.20 -44.24 9.62
N SER K 97 15.81 -44.27 8.35
CA SER K 97 15.60 -43.06 7.56
C SER K 97 14.19 -43.06 6.98
N LEU K 98 13.52 -41.91 7.04
CA LEU K 98 12.14 -41.79 6.60
C LEU K 98 12.10 -41.38 5.14
N GLY K 99 11.60 -42.26 4.28
CA GLY K 99 11.69 -42.03 2.85
C GLY K 99 10.45 -41.57 2.11
N SER K 100 9.32 -42.25 2.30
CA SER K 100 8.13 -42.02 1.48
C SER K 100 6.99 -42.82 2.10
N GLY K 101 5.78 -42.50 1.70
CA GLY K 101 4.68 -42.77 2.60
C GLY K 101 4.99 -41.96 3.83
N SER K 102 5.16 -42.62 4.97
CA SER K 102 6.00 -42.10 6.05
C SER K 102 6.74 -43.25 6.70
N ALA K 103 7.30 -44.12 5.87
CA ALA K 103 7.91 -45.37 6.31
C ALA K 103 9.43 -45.27 6.27
N PHE K 104 10.07 -46.17 7.02
CA PHE K 104 11.52 -46.21 7.13
C PHE K 104 12.10 -47.07 6.01
N GLY K 105 13.01 -46.51 5.23
CA GLY K 105 13.51 -47.17 4.05
C GLY K 105 14.91 -47.71 4.16
N TYR K 106 15.76 -47.06 4.96
CA TYR K 106 17.14 -47.47 5.14
C TYR K 106 17.41 -47.74 6.61
N TRP K 107 17.93 -48.92 6.92
CA TRP K 107 18.18 -49.35 8.28
C TRP K 107 19.66 -49.63 8.49
N GLY K 108 20.12 -49.41 9.71
CA GLY K 108 21.45 -49.83 10.10
C GLY K 108 21.48 -51.28 10.55
N GLN K 109 22.68 -51.74 10.87
CA GLN K 109 22.83 -53.13 11.32
C GLN K 109 22.34 -53.31 12.75
N GLY K 110 22.42 -52.26 13.57
CA GLY K 110 21.94 -52.32 14.93
C GLY K 110 23.07 -52.58 15.91
N THR K 111 22.90 -52.09 17.13
CA THR K 111 23.87 -52.31 18.20
C THR K 111 23.12 -52.67 19.48
N LEU K 112 23.70 -53.58 20.26
CA LEU K 112 23.02 -54.16 21.41
C LEU K 112 23.41 -53.43 22.70
N VAL K 113 22.40 -53.08 23.49
CA VAL K 113 22.58 -52.42 24.78
C VAL K 113 21.92 -53.29 25.83
N THR K 114 22.69 -53.63 26.87
CA THR K 114 22.18 -54.45 27.96
C THR K 114 22.42 -53.73 29.28
N VAL K 115 21.43 -53.76 30.16
CA VAL K 115 21.48 -53.08 31.44
C VAL K 115 21.24 -54.11 32.53
N SER K 116 22.24 -54.34 33.37
CA SER K 116 22.18 -55.37 34.40
C SER K 116 22.21 -54.77 35.80
N ASP L 1 -2.25 -43.04 22.31
CA ASP L 1 -1.71 -43.48 21.02
C ASP L 1 -2.67 -44.43 20.31
N ILE L 2 -2.23 -44.98 19.18
CA ILE L 2 -3.04 -45.85 18.34
C ILE L 2 -2.49 -47.26 18.47
N VAL L 3 -3.35 -48.21 18.82
CA VAL L 3 -2.96 -49.59 19.05
C VAL L 3 -3.21 -50.39 17.78
N MET L 4 -2.20 -51.13 17.34
CA MET L 4 -2.28 -51.96 16.15
C MET L 4 -2.24 -53.43 16.56
N THR L 5 -3.16 -54.22 16.01
CA THR L 5 -3.22 -55.65 16.28
C THR L 5 -3.19 -56.41 14.97
N GLN L 6 -2.62 -57.62 15.01
CA GLN L 6 -2.50 -58.46 13.84
C GLN L 6 -3.16 -59.81 14.08
N SER L 7 -3.47 -60.50 12.99
CA SER L 7 -4.10 -61.80 13.04
C SER L 7 -3.77 -62.55 11.76
N PRO L 8 -3.35 -63.81 11.85
CA PRO L 8 -3.15 -64.54 13.10
C PRO L 8 -1.78 -64.28 13.70
N SER L 9 -1.38 -65.10 14.68
CA SER L 9 -0.08 -64.96 15.29
C SER L 9 1.00 -65.77 14.59
N SER L 10 0.62 -66.82 13.87
CA SER L 10 1.58 -67.62 13.12
C SER L 10 0.86 -68.29 11.97
N VAL L 11 1.58 -68.49 10.86
CA VAL L 11 1.03 -69.09 9.67
C VAL L 11 1.99 -70.17 9.17
N SER L 12 1.45 -71.34 8.86
CA SER L 12 2.20 -72.44 8.26
C SER L 12 1.71 -72.64 6.83
N ALA L 13 2.64 -72.68 5.90
CA ALA L 13 2.29 -72.83 4.49
C ALA L 13 3.43 -73.52 3.75
N SER L 14 3.10 -74.10 2.61
CA SER L 14 4.07 -74.75 1.74
C SER L 14 4.39 -73.86 0.55
N VAL L 15 5.50 -74.20 -0.14
CA VAL L 15 5.94 -73.39 -1.26
C VAL L 15 4.92 -73.46 -2.39
N GLY L 16 4.51 -72.30 -2.88
CA GLY L 16 3.48 -72.20 -3.88
C GLY L 16 2.10 -71.90 -3.36
N ASP L 17 1.94 -71.74 -2.05
CA ASP L 17 0.66 -71.41 -1.44
C ASP L 17 0.52 -69.89 -1.30
N ARG L 18 -0.70 -69.44 -1.05
CA ARG L 18 -1.01 -68.02 -0.91
C ARG L 18 -1.23 -67.70 0.56
N VAL L 19 -0.61 -66.61 1.02
CA VAL L 19 -0.61 -66.23 2.43
C VAL L 19 -1.33 -64.89 2.57
N THR L 20 -2.14 -64.76 3.61
CA THR L 20 -2.88 -63.54 3.90
C THR L 20 -2.69 -63.16 5.36
N ILE L 21 -2.30 -61.92 5.60
CA ILE L 21 -2.12 -61.38 6.94
C ILE L 21 -2.99 -60.15 7.07
N THR L 22 -3.49 -59.90 8.29
CA THR L 22 -4.45 -58.84 8.55
C THR L 22 -3.94 -57.94 9.68
N CYS L 23 -4.20 -56.65 9.55
CA CYS L 23 -3.82 -55.65 10.53
C CYS L 23 -5.03 -54.79 10.86
N ARG L 24 -5.14 -54.36 12.11
CA ARG L 24 -6.27 -53.56 12.55
C ARG L 24 -5.78 -52.43 13.44
N ALA L 25 -6.46 -51.29 13.37
CA ALA L 25 -6.09 -50.10 14.12
C ALA L 25 -7.26 -49.66 14.99
N SER L 26 -6.94 -49.10 16.15
CA SER L 26 -7.98 -48.66 17.08
C SER L 26 -8.67 -47.38 16.61
N GLN L 27 -8.06 -46.67 15.68
CA GLN L 27 -8.64 -45.46 15.08
C GLN L 27 -8.56 -45.56 13.57
N GLY L 28 -9.07 -44.53 12.90
CA GLY L 28 -9.06 -44.45 11.46
C GLY L 28 -7.83 -43.73 10.96
N ILE L 29 -7.14 -44.35 10.01
CA ILE L 29 -5.96 -43.78 9.37
C ILE L 29 -6.12 -43.73 7.85
N SER L 30 -6.48 -44.87 7.25
CA SER L 30 -7.05 -45.01 5.91
C SER L 30 -6.09 -44.90 4.73
N THR L 31 -4.85 -44.45 4.95
CA THR L 31 -3.89 -44.59 3.88
C THR L 31 -2.51 -44.95 4.42
N TRP L 32 -2.26 -44.58 5.68
CA TRP L 32 -0.90 -44.48 6.19
C TRP L 32 -0.55 -45.76 6.95
N LEU L 33 -0.21 -46.79 6.17
CA LEU L 33 0.18 -48.08 6.71
C LEU L 33 1.31 -48.66 5.89
N ALA L 34 2.31 -49.23 6.56
CA ALA L 34 3.46 -49.84 5.92
C ALA L 34 3.68 -51.25 6.46
N TRP L 35 4.24 -52.12 5.61
CA TRP L 35 4.48 -53.51 5.95
C TRP L 35 5.98 -53.80 5.89
N TYR L 36 6.48 -54.51 6.89
CA TYR L 36 7.90 -54.81 7.02
C TYR L 36 8.13 -56.30 7.12
N GLN L 37 9.32 -56.73 6.70
CA GLN L 37 9.73 -58.14 6.78
C GLN L 37 11.08 -58.20 7.50
N GLN L 38 11.15 -59.01 8.56
CA GLN L 38 12.38 -59.15 9.32
C GLN L 38 12.73 -60.63 9.49
N LYS L 39 13.95 -60.97 9.16
CA LYS L 39 14.56 -62.28 9.39
C LYS L 39 15.41 -62.24 10.65
N PRO L 40 15.55 -63.37 11.35
CA PRO L 40 16.30 -63.38 12.61
C PRO L 40 17.74 -62.92 12.42
N GLY L 41 18.19 -62.07 13.35
CA GLY L 41 19.54 -61.54 13.29
C GLY L 41 19.79 -60.51 12.21
N LYS L 42 18.75 -59.85 11.72
CA LYS L 42 18.91 -58.87 10.66
C LYS L 42 17.90 -57.75 10.84
N ALA L 43 18.17 -56.63 10.18
CA ALA L 43 17.30 -55.46 10.26
C ALA L 43 16.02 -55.67 9.47
N PRO L 44 14.95 -54.96 9.83
CA PRO L 44 13.71 -55.04 9.05
C PRO L 44 13.88 -54.47 7.65
N ARG L 45 12.97 -54.87 6.77
CA ARG L 45 13.00 -54.45 5.37
C ARG L 45 11.60 -54.01 4.96
N LEU L 46 11.51 -52.84 4.32
CA LEU L 46 10.23 -52.29 3.92
C LEU L 46 9.74 -52.96 2.64
N LEU L 47 8.47 -53.34 2.63
CA LEU L 47 7.82 -53.95 1.47
C LEU L 47 6.79 -53.05 0.83
N ILE L 48 5.81 -52.58 1.62
CA ILE L 48 4.69 -51.79 1.13
C ILE L 48 4.62 -50.51 1.93
N TYR L 49 4.33 -49.40 1.25
CA TYR L 49 4.03 -48.13 1.90
C TYR L 49 2.77 -47.55 1.27
N ALA L 50 2.11 -46.66 2.01
CA ALA L 50 0.83 -46.08 1.64
C ALA L 50 -0.24 -47.15 1.43
N ALA L 51 -0.02 -48.32 2.04
CA ALA L 51 -0.94 -49.45 2.10
C ALA L 51 -1.08 -50.20 0.78
N SER L 52 -0.56 -49.65 -0.31
CA SER L 52 -0.57 -50.36 -1.59
C SER L 52 0.69 -50.21 -2.43
N SER L 53 1.55 -49.23 -2.16
CA SER L 53 2.68 -48.97 -3.04
C SER L 53 3.83 -49.92 -2.75
N LEU L 54 4.33 -50.53 -3.81
CA LEU L 54 5.41 -51.52 -3.72
C LEU L 54 6.74 -50.79 -3.68
N GLN L 55 7.54 -51.09 -2.68
CA GLN L 55 8.87 -50.49 -2.58
C GLN L 55 9.75 -50.95 -3.73
N SER L 56 10.64 -50.08 -4.18
CA SER L 56 11.51 -50.40 -5.30
C SER L 56 12.49 -51.50 -4.92
N GLY L 57 12.58 -52.52 -5.78
CA GLY L 57 13.50 -53.62 -5.58
C GLY L 57 12.87 -54.88 -5.03
N VAL L 58 11.65 -54.81 -4.48
CA VAL L 58 11.02 -56.00 -3.92
C VAL L 58 10.15 -56.63 -5.00
N PRO L 59 9.99 -57.95 -5.01
CA PRO L 59 9.22 -58.59 -6.08
C PRO L 59 7.74 -58.22 -6.03
N SER L 60 7.07 -58.48 -7.16
CA SER L 60 5.67 -58.12 -7.32
C SER L 60 4.71 -59.14 -6.72
N ARG L 61 5.21 -60.26 -6.18
CA ARG L 61 4.33 -61.20 -5.52
C ARG L 61 3.78 -60.65 -4.21
N PHE L 62 4.35 -59.57 -3.69
CA PHE L 62 3.82 -58.92 -2.49
C PHE L 62 2.85 -57.83 -2.91
N SER L 63 1.66 -57.84 -2.33
CA SER L 63 0.65 -56.82 -2.62
C SER L 63 -0.07 -56.45 -1.34
N GLY L 64 -0.54 -55.22 -1.28
CA GLY L 64 -1.29 -54.74 -0.14
C GLY L 64 -2.62 -54.16 -0.57
N SER L 65 -3.54 -54.10 0.39
CA SER L 65 -4.84 -53.51 0.15
C SER L 65 -5.45 -53.11 1.48
N GLY L 66 -6.45 -52.25 1.40
CA GLY L 66 -7.21 -51.86 2.57
C GLY L 66 -7.21 -50.35 2.78
N SER L 67 -8.09 -49.93 3.67
CA SER L 67 -8.20 -48.54 4.08
C SER L 67 -8.98 -48.49 5.39
N GLY L 68 -9.19 -47.29 5.90
CA GLY L 68 -9.94 -47.14 7.12
C GLY L 68 -9.24 -47.70 8.34
N THR L 69 -9.74 -48.84 8.83
CA THR L 69 -9.19 -49.48 10.01
C THR L 69 -8.77 -50.93 9.82
N ASP L 70 -8.94 -51.50 8.62
CA ASP L 70 -8.58 -52.89 8.36
C ASP L 70 -7.72 -52.97 7.10
N PHE L 71 -6.60 -53.68 7.19
CA PHE L 71 -5.63 -53.78 6.11
C PHE L 71 -5.16 -55.21 5.97
N THR L 72 -4.70 -55.56 4.77
CA THR L 72 -4.36 -56.93 4.43
C THR L 72 -3.11 -56.99 3.57
N LEU L 73 -2.19 -57.91 3.92
CA LEU L 73 -1.00 -58.18 3.14
C LEU L 73 -1.13 -59.56 2.51
N THR L 74 -0.81 -59.66 1.22
CA THR L 74 -1.02 -60.88 0.47
C THR L 74 0.24 -61.25 -0.31
N ILE L 75 0.54 -62.54 -0.36
CA ILE L 75 1.65 -63.08 -1.14
C ILE L 75 1.08 -64.06 -2.16
N SER L 76 1.58 -63.99 -3.39
CA SER L 76 1.04 -64.83 -4.46
C SER L 76 1.69 -66.21 -4.47
N SER L 77 3.01 -66.26 -4.64
CA SER L 77 3.73 -67.52 -4.75
C SER L 77 4.80 -67.56 -3.66
N LEU L 78 4.64 -68.48 -2.71
CA LEU L 78 5.60 -68.58 -1.62
C LEU L 78 6.95 -69.04 -2.15
N GLN L 79 8.01 -68.66 -1.47
CA GLN L 79 9.38 -68.99 -1.80
C GLN L 79 10.13 -69.35 -0.52
N PRO L 80 11.26 -70.04 -0.65
CA PRO L 80 12.08 -70.30 0.56
C PRO L 80 12.55 -69.03 1.25
N GLU L 81 12.65 -67.92 0.51
CA GLU L 81 13.07 -66.65 1.09
C GLU L 81 11.97 -65.97 1.89
N ASP L 82 10.73 -66.45 1.80
CA ASP L 82 9.58 -65.75 2.37
C ASP L 82 9.16 -66.30 3.72
N PHE L 83 10.10 -66.79 4.51
CA PHE L 83 9.82 -67.30 5.85
C PHE L 83 10.49 -66.36 6.86
N ALA L 84 9.68 -65.50 7.47
CA ALA L 84 10.18 -64.47 8.37
C ALA L 84 9.01 -63.96 9.20
N THR L 85 9.23 -62.86 9.91
CA THR L 85 8.17 -62.18 10.66
C THR L 85 7.80 -60.90 9.94
N TYR L 86 6.51 -60.54 10.00
CA TYR L 86 5.98 -59.40 9.29
C TYR L 86 5.26 -58.46 10.24
N TYR L 87 5.47 -57.15 10.07
CA TYR L 87 4.92 -56.13 10.94
C TYR L 87 4.17 -55.08 10.12
N CYS L 88 3.17 -54.48 10.76
CA CYS L 88 2.46 -53.33 10.22
C CYS L 88 2.61 -52.16 11.18
N GLN L 89 2.89 -50.97 10.65
CA GLN L 89 3.00 -49.78 11.47
C GLN L 89 2.22 -48.63 10.85
N GLN L 90 1.60 -47.83 11.71
CA GLN L 90 0.81 -46.70 11.24
C GLN L 90 1.68 -45.46 11.13
N ALA L 91 1.47 -44.70 10.06
CA ALA L 91 2.26 -43.51 9.77
C ALA L 91 1.41 -42.25 9.79
N ASN L 92 0.35 -42.23 10.59
CA ASN L 92 -0.59 -41.12 10.59
C ASN L 92 -0.13 -39.98 11.50
N SER L 93 0.32 -40.30 12.70
CA SER L 93 0.73 -39.28 13.66
C SER L 93 1.71 -39.88 14.65
N PHE L 94 2.44 -39.00 15.32
CA PHE L 94 3.35 -39.44 16.37
C PHE L 94 2.57 -39.84 17.62
N PRO L 95 3.01 -40.89 18.33
CA PRO L 95 4.17 -41.73 18.01
C PRO L 95 3.87 -42.81 16.99
N PHE L 96 4.86 -43.15 16.16
CA PHE L 96 4.67 -44.25 15.23
C PHE L 96 4.67 -45.56 15.99
N THR L 97 3.67 -46.40 15.72
CA THR L 97 3.47 -47.62 16.47
C THR L 97 3.43 -48.81 15.53
N PHE L 98 4.10 -49.88 15.93
CA PHE L 98 4.13 -51.12 15.16
C PHE L 98 3.11 -52.11 15.72
N GLY L 99 3.04 -53.27 15.09
CA GLY L 99 2.17 -54.32 15.54
C GLY L 99 2.91 -55.40 16.30
N PRO L 100 2.18 -56.32 16.92
CA PRO L 100 2.83 -57.43 17.63
C PRO L 100 3.66 -58.32 16.73
N GLY L 101 3.26 -58.51 15.48
CA GLY L 101 4.03 -59.34 14.56
C GLY L 101 3.32 -60.64 14.23
N THR L 102 3.68 -61.21 13.09
CA THR L 102 3.12 -62.49 12.63
C THR L 102 4.20 -63.25 11.88
N LYS L 103 4.40 -64.51 12.26
CA LYS L 103 5.48 -65.33 11.72
C LYS L 103 4.94 -66.31 10.69
N VAL L 104 5.72 -66.52 9.63
CA VAL L 104 5.39 -67.48 8.57
C VAL L 104 6.43 -68.58 8.59
N GLU L 105 6.00 -69.81 8.80
CA GLU L 105 6.88 -70.96 8.95
C GLU L 105 6.67 -71.96 7.82
N ILE L 106 7.62 -72.89 7.72
CA ILE L 106 7.61 -73.92 6.68
C ILE L 106 6.74 -75.07 7.14
N LYS L 107 6.09 -75.74 6.19
CA LYS L 107 5.23 -76.89 6.48
C LYS L 107 5.81 -78.18 5.94
#